data_2ODD
#
_entry.id   2ODD
#
loop_
_entity.id
_entity.type
_entity.pdbx_description
1 polymer SMRT
2 polymer 'Protein CBFA2T1'
3 non-polymer 'ZINC ION'
#
loop_
_entity_poly.entity_id
_entity_poly.type
_entity_poly.pdbx_seq_one_letter_code
_entity_poly.pdbx_strand_id
1 'polypeptide(L)' GSGSTISNPPPLISSAK B
2 'polypeptide(L)' ENLYFQGENLYFQGDSSESCWNCGRKASETCSGCNTARYCGSFCQHKDWEKHHHICGQTLQAQQ A
#
# COMPACT_ATOMS: atom_id res chain seq x y z
N THR A 5 -4.77 1.66 -15.93
CA THR A 5 -6.23 1.51 -16.22
C THR A 5 -6.94 0.77 -15.09
N ILE A 6 -6.87 1.32 -13.89
CA ILE A 6 -7.51 0.71 -12.73
C ILE A 6 -8.19 1.77 -11.88
N SER A 7 -9.13 1.32 -11.03
CA SER A 7 -9.87 2.23 -10.16
C SER A 7 -8.91 3.05 -9.30
N ASN A 8 -9.47 3.81 -8.36
CA ASN A 8 -8.66 4.64 -7.47
C ASN A 8 -8.55 4.00 -6.09
N PRO A 9 -7.34 3.58 -5.69
CA PRO A 9 -7.11 2.96 -4.37
C PRO A 9 -7.29 3.95 -3.23
N PRO A 10 -7.60 3.45 -2.02
CA PRO A 10 -7.80 4.29 -0.83
C PRO A 10 -6.62 5.25 -0.60
N PRO A 11 -6.80 6.22 0.30
CA PRO A 11 -5.74 7.20 0.62
C PRO A 11 -4.57 6.57 1.37
N LEU A 12 -3.42 7.22 1.30
CA LEU A 12 -2.22 6.73 1.98
C LEU A 12 -2.03 7.42 3.33
N ILE A 13 -1.50 6.69 4.30
CA ILE A 13 -1.27 7.24 5.63
C ILE A 13 0.23 7.31 5.94
N SER A 14 0.71 8.51 6.25
CA SER A 14 2.12 8.69 6.56
C SER A 14 2.35 8.59 8.06
N SER A 15 3.30 7.74 8.44
CA SER A 15 3.63 7.56 9.86
C SER A 15 5.04 8.06 10.14
N ALA A 16 5.23 8.60 11.33
CA ALA A 16 6.53 9.12 11.73
C ALA A 16 6.52 9.60 13.18
N LYS A 17 7.53 9.20 13.94
CA LYS A 17 7.64 9.58 15.34
C LYS A 17 8.99 10.22 15.63
N ASP B 15 15.61 -4.68 7.99
CA ASP B 15 14.67 -4.25 6.96
C ASP B 15 13.66 -5.34 6.66
N SER B 16 12.37 -4.98 6.69
CA SER B 16 11.31 -5.93 6.42
C SER B 16 9.96 -5.22 6.33
N SER B 17 9.72 -4.29 7.24
CA SER B 17 8.47 -3.54 7.26
C SER B 17 8.64 -2.18 6.58
N GLU B 18 9.84 -1.62 6.69
CA GLU B 18 10.13 -0.33 6.08
C GLU B 18 10.71 -0.49 4.68
N SER B 19 9.84 -0.51 3.68
CA SER B 19 10.27 -0.66 2.29
C SER B 19 9.09 -0.50 1.33
N CYS B 20 9.30 0.29 0.28
CA CYS B 20 8.26 0.53 -0.71
C CYS B 20 7.92 -0.74 -1.48
N TRP B 21 6.64 -1.09 -1.48
CA TRP B 21 6.18 -2.29 -2.17
C TRP B 21 6.42 -2.19 -3.68
N ASN B 22 6.57 -0.96 -4.18
CA ASN B 22 6.80 -0.72 -5.59
C ASN B 22 8.27 -0.44 -5.89
N CYS B 23 8.78 0.66 -5.34
CA CYS B 23 10.17 1.05 -5.55
C CYS B 23 11.14 -0.08 -5.17
N GLY B 24 11.11 -0.47 -3.89
CA GLY B 24 11.99 -1.54 -3.44
C GLY B 24 13.18 -1.01 -2.66
N ARG B 25 13.02 0.17 -2.08
CA ARG B 25 14.08 0.79 -1.29
C ARG B 25 13.57 1.19 0.09
N LYS B 26 12.66 2.14 0.14
CA LYS B 26 12.09 2.61 1.39
C LYS B 26 10.72 3.25 1.18
N ALA B 27 9.88 3.18 2.21
CA ALA B 27 8.54 3.77 2.14
C ALA B 27 8.15 4.42 3.46
N SER B 28 7.44 5.54 3.38
CA SER B 28 7.01 6.27 4.57
C SER B 28 5.49 6.37 4.67
N GLU B 29 4.80 5.91 3.63
CA GLU B 29 3.34 5.95 3.62
C GLU B 29 2.77 4.55 3.74
N THR B 30 1.52 4.47 4.19
CA THR B 30 0.86 3.17 4.38
C THR B 30 -0.54 3.17 3.78
N CYS B 31 -0.90 2.06 3.14
CA CYS B 31 -2.22 1.93 2.52
C CYS B 31 -3.30 1.86 3.60
N SER B 32 -4.05 2.94 3.75
CA SER B 32 -5.11 3.02 4.75
C SER B 32 -6.25 2.05 4.44
N GLY B 33 -6.24 1.44 3.25
CA GLY B 33 -7.29 0.51 2.89
C GLY B 33 -7.13 -0.82 3.58
N CYS B 34 -5.93 -1.40 3.49
CA CYS B 34 -5.66 -2.69 4.12
C CYS B 34 -4.73 -2.52 5.32
N ASN B 35 -4.14 -1.34 5.46
CA ASN B 35 -3.23 -1.05 6.56
C ASN B 35 -2.03 -2.00 6.54
N THR B 36 -1.74 -2.55 5.37
CA THR B 36 -0.64 -3.50 5.22
C THR B 36 0.39 -3.02 4.19
N ALA B 37 -0.10 -2.40 3.13
CA ALA B 37 0.76 -1.92 2.06
C ALA B 37 1.52 -0.67 2.48
N ARG B 38 2.67 -0.44 1.83
CA ARG B 38 3.49 0.72 2.12
C ARG B 38 4.02 1.33 0.82
N TYR B 39 4.08 2.66 0.77
CA TYR B 39 4.58 3.36 -0.41
C TYR B 39 5.18 4.71 -0.03
N CYS B 40 6.19 5.14 -0.77
CA CYS B 40 6.83 6.41 -0.49
C CYS B 40 6.21 7.56 -1.29
N GLY B 41 5.48 7.22 -2.37
CA GLY B 41 4.86 8.24 -3.18
C GLY B 41 3.58 7.78 -3.84
N SER B 42 2.66 8.72 -4.07
CA SER B 42 1.37 8.42 -4.69
C SER B 42 1.55 7.60 -5.96
N PHE B 43 2.64 7.83 -6.67
CA PHE B 43 2.92 7.10 -7.90
C PHE B 43 3.29 5.66 -7.61
N CYS B 44 4.01 5.44 -6.50
CA CYS B 44 4.45 4.11 -6.12
C CYS B 44 3.26 3.20 -5.83
N GLN B 45 2.26 3.73 -5.12
CA GLN B 45 1.09 2.95 -4.78
C GLN B 45 0.30 2.58 -6.04
N HIS B 46 0.24 3.49 -7.01
CA HIS B 46 -0.47 3.24 -8.26
C HIS B 46 0.26 2.21 -9.11
N LYS B 47 1.59 2.27 -9.10
CA LYS B 47 2.41 1.35 -9.89
C LYS B 47 2.11 -0.10 -9.53
N ASP B 48 2.17 -0.39 -8.23
CA ASP B 48 1.91 -1.74 -7.74
C ASP B 48 0.42 -1.96 -7.54
N TRP B 49 -0.37 -0.88 -7.61
CA TRP B 49 -1.81 -0.96 -7.41
C TRP B 49 -2.43 -2.14 -8.18
N GLU B 50 -2.02 -2.32 -9.44
CA GLU B 50 -2.55 -3.40 -10.25
C GLU B 50 -2.41 -4.75 -9.54
N LYS B 51 -1.27 -4.96 -8.89
CA LYS B 51 -1.02 -6.21 -8.18
C LYS B 51 -1.55 -6.16 -6.75
N HIS B 52 -1.25 -5.07 -6.06
CA HIS B 52 -1.67 -4.90 -4.67
C HIS B 52 -3.18 -4.95 -4.51
N HIS B 53 -3.92 -4.31 -5.41
CA HIS B 53 -5.37 -4.26 -5.34
C HIS B 53 -5.99 -5.66 -5.27
N HIS B 54 -5.33 -6.66 -5.85
CA HIS B 54 -5.84 -8.02 -5.78
C HIS B 54 -5.92 -8.47 -4.32
N ILE B 55 -5.02 -7.94 -3.49
CA ILE B 55 -4.96 -8.29 -2.08
C ILE B 55 -5.77 -7.31 -1.22
N CYS B 56 -5.47 -6.03 -1.36
CA CYS B 56 -6.12 -4.97 -0.60
C CYS B 56 -7.62 -5.23 -0.40
N GLY B 57 -8.15 -4.74 0.71
CA GLY B 57 -9.54 -4.93 1.02
C GLY B 57 -9.82 -6.19 1.83
N GLN B 58 -8.88 -7.13 1.79
CA GLN B 58 -9.03 -8.38 2.53
C GLN B 58 -10.24 -9.16 2.02
N THR B 59 -10.35 -10.42 2.42
CA THR B 59 -11.46 -11.27 2.01
C THR B 59 -11.50 -11.42 0.49
N LEU B 60 -10.93 -12.50 -0.01
CA LEU B 60 -10.90 -12.76 -1.44
C LEU B 60 -12.31 -12.95 -1.99
N GLN B 61 -12.51 -12.53 -3.24
CA GLN B 61 -13.81 -12.65 -3.88
C GLN B 61 -14.11 -14.10 -4.27
N ALA B 62 -14.90 -14.78 -3.44
CA ALA B 62 -15.26 -16.16 -3.69
C ALA B 62 -16.74 -16.41 -3.42
N GLN B 63 -17.15 -16.20 -2.17
CA GLN B 63 -18.55 -16.40 -1.79
C GLN B 63 -19.33 -15.10 -1.91
N GLN B 64 -20.33 -15.10 -2.76
CA GLN B 64 -21.17 -13.92 -2.97
C GLN B 64 -20.33 -12.75 -3.47
N THR A 5 -6.09 -0.32 -17.23
CA THR A 5 -7.07 0.55 -16.53
C THR A 5 -7.45 -0.04 -15.17
N ILE A 6 -7.51 0.81 -14.16
CA ILE A 6 -7.87 0.38 -12.82
C ILE A 6 -8.61 1.48 -12.06
N SER A 7 -9.34 1.08 -11.02
CA SER A 7 -10.10 2.03 -10.21
C SER A 7 -9.16 2.91 -9.40
N ASN A 8 -9.74 3.71 -8.50
CA ASN A 8 -8.96 4.61 -7.65
C ASN A 8 -8.77 4.00 -6.26
N PRO A 9 -7.50 3.68 -5.89
CA PRO A 9 -7.20 3.10 -4.57
C PRO A 9 -7.48 4.06 -3.43
N PRO A 10 -7.41 3.57 -2.18
CA PRO A 10 -7.65 4.40 -0.99
C PRO A 10 -6.49 5.35 -0.70
N PRO A 11 -6.69 6.28 0.25
CA PRO A 11 -5.66 7.26 0.61
C PRO A 11 -4.50 6.63 1.37
N LEU A 12 -3.34 7.27 1.32
CA LEU A 12 -2.15 6.76 2.00
C LEU A 12 -1.98 7.43 3.36
N ILE A 13 -1.48 6.68 4.32
CA ILE A 13 -1.26 7.20 5.67
C ILE A 13 0.22 7.23 6.02
N SER A 14 0.73 8.40 6.37
CA SER A 14 2.13 8.56 6.72
C SER A 14 2.35 8.32 8.21
N SER A 15 3.30 7.44 8.53
CA SER A 15 3.60 7.13 9.92
C SER A 15 5.07 7.38 10.23
N ALA A 16 5.33 8.33 11.12
CA ALA A 16 6.70 8.67 11.49
C ALA A 16 6.73 9.44 12.81
N LYS A 17 6.84 8.72 13.92
CA LYS A 17 6.87 9.33 15.24
C LYS A 17 8.31 9.47 15.73
N ASP B 15 6.38 -7.06 12.62
CA ASP B 15 7.64 -6.80 11.94
C ASP B 15 7.61 -5.43 11.27
N SER B 16 7.96 -4.39 12.02
CA SER B 16 7.98 -3.04 11.49
C SER B 16 9.08 -2.87 10.44
N SER B 17 8.77 -3.27 9.22
CA SER B 17 9.73 -3.17 8.12
C SER B 17 9.36 -2.03 7.18
N GLU B 18 10.29 -1.11 6.98
CA GLU B 18 10.06 0.03 6.09
C GLU B 18 10.65 -0.22 4.71
N SER B 19 9.79 -0.35 3.72
CA SER B 19 10.22 -0.59 2.34
C SER B 19 9.06 -0.44 1.37
N CYS B 20 9.29 0.29 0.29
CA CYS B 20 8.27 0.51 -0.73
C CYS B 20 7.95 -0.77 -1.48
N TRP B 21 6.67 -1.14 -1.50
CA TRP B 21 6.22 -2.35 -2.18
C TRP B 21 6.48 -2.27 -3.69
N ASN B 22 6.65 -1.05 -4.19
CA ASN B 22 6.89 -0.82 -5.62
C ASN B 22 8.36 -0.53 -5.89
N CYS B 23 8.86 0.57 -5.34
CA CYS B 23 10.25 0.97 -5.54
C CYS B 23 11.22 -0.13 -5.13
N GLY B 24 11.17 -0.54 -3.87
CA GLY B 24 12.06 -1.58 -3.39
C GLY B 24 13.23 -1.03 -2.59
N ARG B 25 13.09 0.20 -2.10
CA ARG B 25 14.14 0.83 -1.31
C ARG B 25 13.62 1.22 0.07
N LYS B 26 12.68 2.16 0.11
CA LYS B 26 12.12 2.62 1.37
C LYS B 26 10.74 3.25 1.16
N ALA B 27 9.90 3.18 2.19
CA ALA B 27 8.56 3.75 2.12
C ALA B 27 8.16 4.39 3.45
N SER B 28 7.45 5.50 3.37
CA SER B 28 7.01 6.22 4.57
C SER B 28 5.48 6.32 4.65
N GLU B 29 4.79 5.87 3.61
CA GLU B 29 3.34 5.92 3.59
C GLU B 29 2.75 4.52 3.72
N THR B 30 1.51 4.44 4.19
CA THR B 30 0.85 3.16 4.39
C THR B 30 -0.55 3.16 3.78
N CYS B 31 -0.91 2.05 3.15
CA CYS B 31 -2.22 1.91 2.53
C CYS B 31 -3.31 1.83 3.60
N SER B 32 -4.09 2.91 3.73
CA SER B 32 -5.15 2.98 4.73
C SER B 32 -6.29 2.00 4.42
N GLY B 33 -6.26 1.40 3.24
CA GLY B 33 -7.31 0.46 2.86
C GLY B 33 -7.14 -0.88 3.55
N CYS B 34 -5.93 -1.43 3.48
CA CYS B 34 -5.64 -2.71 4.10
C CYS B 34 -4.71 -2.55 5.30
N ASN B 35 -4.13 -1.37 5.44
CA ASN B 35 -3.21 -1.08 6.54
C ASN B 35 -2.01 -2.03 6.52
N THR B 36 -1.71 -2.57 5.34
CA THR B 36 -0.60 -3.50 5.19
C THR B 36 0.42 -3.03 4.17
N ALA B 37 -0.08 -2.42 3.09
CA ALA B 37 0.79 -1.93 2.02
C ALA B 37 1.56 -0.69 2.45
N ARG B 38 2.70 -0.46 1.79
CA ARG B 38 3.54 0.70 2.09
C ARG B 38 4.07 1.31 0.80
N TYR B 39 4.13 2.64 0.76
CA TYR B 39 4.62 3.34 -0.42
C TYR B 39 5.23 4.69 -0.03
N CYS B 40 6.24 5.11 -0.78
CA CYS B 40 6.91 6.38 -0.50
C CYS B 40 6.28 7.52 -1.30
N GLY B 41 5.55 7.20 -2.37
CA GLY B 41 4.93 8.23 -3.17
C GLY B 41 3.62 7.77 -3.80
N SER B 42 2.70 8.71 -3.98
CA SER B 42 1.39 8.41 -4.58
C SER B 42 1.55 7.61 -5.87
N PHE B 43 2.62 7.87 -6.61
CA PHE B 43 2.87 7.16 -7.86
C PHE B 43 3.26 5.71 -7.59
N CYS B 44 3.99 5.49 -6.49
CA CYS B 44 4.43 4.15 -6.13
C CYS B 44 3.25 3.24 -5.83
N GLN B 45 2.26 3.76 -5.12
CA GLN B 45 1.09 2.98 -4.77
C GLN B 45 0.29 2.59 -6.02
N HIS B 46 0.24 3.51 -6.99
CA HIS B 46 -0.48 3.26 -8.24
C HIS B 46 0.25 2.23 -9.11
N LYS B 47 1.57 2.28 -9.10
CA LYS B 47 2.38 1.36 -9.89
C LYS B 47 2.07 -0.09 -9.52
N ASP B 48 2.14 -0.39 -8.23
CA ASP B 48 1.87 -1.74 -7.75
C ASP B 48 0.38 -1.96 -7.54
N TRP B 49 -0.40 -0.88 -7.61
CA TRP B 49 -1.85 -0.94 -7.40
C TRP B 49 -2.47 -2.11 -8.17
N GLU B 50 -2.08 -2.29 -9.43
CA GLU B 50 -2.63 -3.36 -10.25
C GLU B 50 -2.48 -4.71 -9.55
N LYS B 51 -1.35 -4.93 -8.90
CA LYS B 51 -1.09 -6.19 -8.21
C LYS B 51 -1.62 -6.13 -6.78
N HIS B 52 -1.30 -5.06 -6.07
CA HIS B 52 -1.72 -4.89 -4.68
C HIS B 52 -3.24 -4.94 -4.50
N HIS B 53 -3.98 -4.31 -5.42
CA HIS B 53 -5.43 -4.27 -5.32
C HIS B 53 -6.04 -5.67 -5.23
N HIS B 54 -5.40 -6.67 -5.81
CA HIS B 54 -5.92 -8.03 -5.72
C HIS B 54 -5.99 -8.47 -4.26
N ILE B 55 -5.06 -7.95 -3.46
CA ILE B 55 -4.99 -8.30 -2.03
C ILE B 55 -5.80 -7.33 -1.18
N CYS B 56 -5.51 -6.03 -1.32
CA CYS B 56 -6.17 -4.98 -0.57
C CYS B 56 -7.66 -5.27 -0.35
N GLY B 57 -8.23 -4.68 0.69
CA GLY B 57 -9.63 -4.87 0.99
C GLY B 57 -9.96 -6.32 1.32
N GLN B 58 -9.02 -7.01 1.97
CA GLN B 58 -9.23 -8.40 2.33
C GLN B 58 -9.02 -8.61 3.82
N THR B 59 -10.10 -8.98 4.52
CA THR B 59 -10.03 -9.20 5.96
C THR B 59 -10.69 -10.53 6.33
N LEU B 60 -10.65 -10.87 7.62
CA LEU B 60 -11.24 -12.11 8.10
C LEU B 60 -12.61 -11.85 8.72
N GLN B 61 -13.35 -12.91 8.97
CA GLN B 61 -14.68 -12.81 9.55
C GLN B 61 -14.63 -12.97 11.07
N ALA B 62 -13.67 -13.76 11.54
CA ALA B 62 -13.51 -14.00 12.96
C ALA B 62 -12.13 -14.55 13.28
N GLN B 63 -11.65 -14.29 14.50
CA GLN B 63 -10.34 -14.76 14.92
C GLN B 63 -10.25 -14.84 16.44
N GLN B 64 -9.28 -15.60 16.94
CA GLN B 64 -9.09 -15.76 18.38
C GLN B 64 -7.62 -15.93 18.71
N THR A 5 -5.78 3.29 -15.53
CA THR A 5 -6.44 2.04 -15.96
C THR A 5 -7.29 1.46 -14.82
N ILE A 6 -6.64 1.04 -13.75
CA ILE A 6 -7.33 0.47 -12.60
C ILE A 6 -8.09 1.54 -11.83
N SER A 7 -9.06 1.11 -11.04
CA SER A 7 -9.86 2.04 -10.23
C SER A 7 -8.97 2.89 -9.34
N ASN A 8 -9.60 3.74 -8.53
CA ASN A 8 -8.86 4.61 -7.62
C ASN A 8 -8.67 3.96 -6.25
N PRO A 9 -7.43 3.56 -5.92
CA PRO A 9 -7.13 2.92 -4.63
C PRO A 9 -7.36 3.86 -3.45
N PRO A 10 -7.28 3.33 -2.22
CA PRO A 10 -7.47 4.12 -1.00
C PRO A 10 -6.29 5.06 -0.75
N PRO A 11 -6.47 6.06 0.13
CA PRO A 11 -5.42 7.03 0.45
C PRO A 11 -4.29 6.40 1.26
N LEU A 12 -3.14 7.06 1.26
CA LEU A 12 -1.98 6.56 2.00
C LEU A 12 -1.84 7.27 3.35
N ILE A 13 -1.32 6.57 4.34
CA ILE A 13 -1.12 7.13 5.67
C ILE A 13 0.36 7.19 6.02
N SER A 14 0.83 8.39 6.34
CA SER A 14 2.24 8.59 6.68
C SER A 14 2.48 8.26 8.15
N SER A 15 3.50 7.44 8.40
CA SER A 15 3.84 7.05 9.77
C SER A 15 5.31 7.35 10.06
N ALA A 16 5.54 8.34 10.92
CA ALA A 16 6.90 8.74 11.29
C ALA A 16 6.90 9.64 12.51
N LYS A 17 8.05 9.74 13.17
CA LYS A 17 8.20 10.58 14.36
C LYS A 17 6.98 10.47 15.28
N ASP B 15 13.27 -8.18 3.87
CA ASP B 15 12.74 -7.43 5.00
C ASP B 15 11.33 -6.93 4.71
N SER B 16 10.39 -7.34 5.55
CA SER B 16 8.99 -6.94 5.38
C SER B 16 8.65 -5.77 6.30
N SER B 17 9.63 -4.90 6.53
CA SER B 17 9.43 -3.73 7.39
C SER B 17 10.19 -2.53 6.86
N GLU B 18 9.47 -1.43 6.64
CA GLU B 18 10.08 -0.20 6.14
C GLU B 18 10.68 -0.43 4.76
N SER B 19 9.83 -0.38 3.74
CA SER B 19 10.28 -0.58 2.36
C SER B 19 9.12 -0.42 1.38
N CYS B 20 9.35 0.31 0.30
CA CYS B 20 8.33 0.56 -0.71
C CYS B 20 8.00 -0.72 -1.47
N TRP B 21 6.72 -1.07 -1.51
CA TRP B 21 6.27 -2.26 -2.21
C TRP B 21 6.56 -2.18 -3.72
N ASN B 22 6.62 -0.96 -4.23
CA ASN B 22 6.88 -0.73 -5.65
C ASN B 22 8.37 -0.46 -5.92
N CYS B 23 8.86 0.64 -5.36
CA CYS B 23 10.26 1.04 -5.54
C CYS B 23 11.21 -0.10 -5.14
N GLY B 24 11.16 -0.51 -3.87
CA GLY B 24 12.02 -1.57 -3.41
C GLY B 24 13.18 -1.04 -2.59
N ARG B 25 13.01 0.14 -2.03
CA ARG B 25 14.06 0.75 -1.21
C ARG B 25 13.51 1.15 0.15
N LYS B 26 12.69 2.20 0.19
CA LYS B 26 12.12 2.67 1.44
C LYS B 26 10.75 3.32 1.21
N ALA B 27 9.89 3.22 2.22
CA ALA B 27 8.56 3.79 2.15
C ALA B 27 8.16 4.42 3.49
N SER B 28 7.43 5.54 3.43
CA SER B 28 7.00 6.24 4.63
C SER B 28 5.48 6.32 4.73
N GLU B 29 4.79 5.87 3.69
CA GLU B 29 3.33 5.90 3.68
C GLU B 29 2.77 4.48 3.78
N THR B 30 1.51 4.38 4.19
CA THR B 30 0.86 3.08 4.35
C THR B 30 -0.55 3.08 3.75
N CYS B 31 -0.90 1.99 3.10
CA CYS B 31 -2.22 1.86 2.49
C CYS B 31 -3.30 1.80 3.58
N SER B 32 -4.02 2.91 3.75
CA SER B 32 -5.07 3.00 4.77
C SER B 32 -6.24 2.08 4.47
N GLY B 33 -6.27 1.49 3.28
CA GLY B 33 -7.35 0.60 2.92
C GLY B 33 -7.20 -0.79 3.51
N CYS B 34 -5.99 -1.33 3.42
CA CYS B 34 -5.71 -2.65 3.96
C CYS B 34 -4.79 -2.56 5.18
N ASN B 35 -4.18 -1.39 5.37
CA ASN B 35 -3.27 -1.17 6.49
C ASN B 35 -2.09 -2.14 6.44
N THR B 36 -1.79 -2.66 5.26
CA THR B 36 -0.70 -3.61 5.09
C THR B 36 0.33 -3.11 4.08
N ALA B 37 -0.16 -2.46 3.02
CA ALA B 37 0.71 -1.95 1.97
C ALA B 37 1.49 -0.71 2.42
N ARG B 38 2.62 -0.48 1.77
CA ARG B 38 3.46 0.67 2.08
C ARG B 38 3.98 1.31 0.79
N TYR B 39 4.04 2.63 0.75
CA TYR B 39 4.53 3.34 -0.42
C TYR B 39 5.13 4.69 -0.03
N CYS B 40 6.14 5.12 -0.77
CA CYS B 40 6.79 6.41 -0.48
C CYS B 40 6.14 7.54 -1.27
N GLY B 41 5.42 7.20 -2.35
CA GLY B 41 4.78 8.21 -3.16
C GLY B 41 3.54 7.70 -3.87
N SER B 42 2.60 8.59 -4.14
CA SER B 42 1.36 8.23 -4.82
C SER B 42 1.63 7.42 -6.08
N PHE B 43 2.74 7.70 -6.74
CA PHE B 43 3.11 6.98 -7.96
C PHE B 43 3.38 5.51 -7.64
N CYS B 44 4.07 5.28 -6.52
CA CYS B 44 4.42 3.94 -6.10
C CYS B 44 3.18 3.11 -5.79
N GLN B 45 2.23 3.71 -5.07
CA GLN B 45 1.00 3.01 -4.71
C GLN B 45 0.22 2.62 -5.97
N HIS B 46 0.14 3.55 -6.92
CA HIS B 46 -0.57 3.32 -8.17
C HIS B 46 0.17 2.31 -9.05
N LYS B 47 1.50 2.39 -9.05
CA LYS B 47 2.32 1.49 -9.85
C LYS B 47 2.04 0.02 -9.53
N ASP B 48 2.12 -0.31 -8.25
CA ASP B 48 1.87 -1.68 -7.81
C ASP B 48 0.37 -1.92 -7.60
N TRP B 49 -0.42 -0.85 -7.68
CA TRP B 49 -1.86 -0.95 -7.49
C TRP B 49 -2.46 -2.12 -8.26
N GLU B 50 -2.06 -2.30 -9.51
CA GLU B 50 -2.57 -3.38 -10.34
C GLU B 50 -2.44 -4.73 -9.63
N LYS B 51 -1.30 -4.95 -8.99
CA LYS B 51 -1.04 -6.19 -8.29
C LYS B 51 -1.57 -6.13 -6.86
N HIS B 52 -1.25 -5.04 -6.16
CA HIS B 52 -1.65 -4.86 -4.78
C HIS B 52 -3.17 -4.90 -4.59
N HIS B 53 -3.90 -4.29 -5.51
CA HIS B 53 -5.37 -4.24 -5.41
C HIS B 53 -5.98 -5.63 -5.25
N HIS B 54 -5.33 -6.66 -5.80
CA HIS B 54 -5.85 -8.02 -5.65
C HIS B 54 -5.94 -8.40 -4.18
N ILE B 55 -5.02 -7.88 -3.37
CA ILE B 55 -5.00 -8.21 -1.94
C ILE B 55 -5.49 -7.07 -1.04
N CYS B 56 -5.80 -5.92 -1.63
CA CYS B 56 -6.26 -4.78 -0.85
C CYS B 56 -7.56 -5.09 -0.12
N GLY B 57 -7.45 -5.38 1.17
CA GLY B 57 -8.63 -5.70 1.97
C GLY B 57 -9.75 -4.69 1.78
N GLN B 58 -9.38 -3.46 1.42
CA GLN B 58 -10.37 -2.41 1.21
C GLN B 58 -11.43 -2.83 0.20
N THR B 59 -12.60 -3.23 0.70
CA THR B 59 -13.69 -3.66 -0.16
C THR B 59 -15.02 -3.04 0.29
N LEU B 60 -15.56 -2.16 -0.54
CA LEU B 60 -16.82 -1.49 -0.22
C LEU B 60 -17.91 -1.92 -1.19
N GLN B 61 -17.54 -2.13 -2.44
CA GLN B 61 -18.49 -2.56 -3.47
C GLN B 61 -18.67 -4.07 -3.45
N ALA B 62 -19.07 -4.60 -2.30
CA ALA B 62 -19.29 -6.03 -2.16
C ALA B 62 -20.38 -6.33 -1.14
N GLN B 63 -21.22 -7.31 -1.45
CA GLN B 63 -22.30 -7.69 -0.55
C GLN B 63 -22.02 -9.03 0.12
N GLN B 64 -22.01 -10.10 -0.67
CA GLN B 64 -21.75 -11.43 -0.16
C GLN B 64 -21.71 -12.46 -1.29
N THR A 5 -5.90 0.57 -16.46
CA THR A 5 -7.38 0.43 -16.30
C THR A 5 -7.73 -0.17 -14.94
N ILE A 6 -7.71 0.67 -13.90
CA ILE A 6 -8.02 0.21 -12.56
C ILE A 6 -8.72 1.32 -11.76
N SER A 7 -9.44 0.91 -10.72
CA SER A 7 -10.15 1.86 -9.87
C SER A 7 -9.18 2.67 -9.02
N ASN A 8 -9.72 3.64 -8.29
CA ASN A 8 -8.90 4.49 -7.43
C ASN A 8 -8.71 3.85 -6.05
N PRO A 9 -7.45 3.71 -5.58
CA PRO A 9 -7.17 3.11 -4.27
C PRO A 9 -7.30 4.12 -3.15
N PRO A 10 -7.64 3.65 -1.93
CA PRO A 10 -7.80 4.52 -0.76
C PRO A 10 -6.58 5.41 -0.54
N PRO A 11 -6.70 6.41 0.36
CA PRO A 11 -5.61 7.34 0.65
C PRO A 11 -4.46 6.67 1.40
N LEU A 12 -3.29 7.29 1.36
CA LEU A 12 -2.12 6.75 2.04
C LEU A 12 -1.93 7.41 3.40
N ILE A 13 -1.41 6.65 4.36
CA ILE A 13 -1.17 7.17 5.70
C ILE A 13 0.32 7.22 6.02
N SER A 14 0.83 8.40 6.36
CA SER A 14 2.24 8.57 6.68
C SER A 14 2.50 8.22 8.14
N SER A 15 3.55 7.43 8.37
CA SER A 15 3.93 7.02 9.72
C SER A 15 5.39 7.34 10.00
N ALA A 16 5.62 8.14 11.04
CA ALA A 16 6.97 8.52 11.43
C ALA A 16 6.98 9.18 12.81
N LYS A 17 8.13 9.10 13.48
CA LYS A 17 8.27 9.69 14.81
C LYS A 17 9.55 10.50 14.91
N ASP B 15 5.75 -1.29 11.63
CA ASP B 15 6.85 -0.41 12.04
C ASP B 15 8.17 -1.18 12.04
N SER B 16 8.10 -2.48 12.32
CA SER B 16 9.29 -3.32 12.36
C SER B 16 9.99 -3.32 11.02
N SER B 17 9.22 -3.27 9.94
CA SER B 17 9.78 -3.25 8.59
C SER B 17 9.51 -1.92 7.90
N GLU B 18 10.29 -1.62 6.87
CA GLU B 18 10.14 -0.38 6.13
C GLU B 18 10.74 -0.50 4.74
N SER B 19 9.88 -0.47 3.72
CA SER B 19 10.33 -0.58 2.34
C SER B 19 9.16 -0.41 1.38
N CYS B 20 9.38 0.33 0.29
CA CYS B 20 8.36 0.57 -0.70
C CYS B 20 8.03 -0.70 -1.48
N TRP B 21 6.75 -1.05 -1.52
CA TRP B 21 6.30 -2.25 -2.22
C TRP B 21 6.59 -2.17 -3.72
N ASN B 22 6.65 -0.94 -4.23
CA ASN B 22 6.91 -0.72 -5.66
C ASN B 22 8.38 -0.44 -5.92
N CYS B 23 8.89 0.67 -5.35
CA CYS B 23 10.27 1.06 -5.54
C CYS B 23 11.23 -0.06 -5.14
N GLY B 24 11.17 -0.47 -3.88
CA GLY B 24 12.05 -1.54 -3.42
C GLY B 24 13.22 -1.02 -2.60
N ARG B 25 13.03 0.16 -2.00
CA ARG B 25 14.08 0.77 -1.19
C ARG B 25 13.55 1.18 0.18
N LYS B 26 12.71 2.22 0.19
CA LYS B 26 12.13 2.71 1.44
C LYS B 26 10.77 3.34 1.20
N ALA B 27 9.91 3.24 2.21
CA ALA B 27 8.57 3.80 2.14
C ALA B 27 8.16 4.43 3.48
N SER B 28 7.44 5.55 3.41
CA SER B 28 7.00 6.25 4.60
C SER B 28 5.48 6.35 4.69
N GLU B 29 4.79 5.89 3.64
CA GLU B 29 3.33 5.92 3.61
C GLU B 29 2.77 4.51 3.72
N THR B 30 1.51 4.42 4.14
CA THR B 30 0.86 3.13 4.31
C THR B 30 -0.56 3.13 3.72
N CYS B 31 -0.93 2.04 3.06
CA CYS B 31 -2.25 1.92 2.47
C CYS B 31 -3.32 1.88 3.57
N SER B 32 -4.01 3.00 3.75
CA SER B 32 -5.05 3.10 4.78
C SER B 32 -6.23 2.18 4.50
N GLY B 33 -6.27 1.57 3.31
CA GLY B 33 -7.35 0.69 2.97
C GLY B 33 -7.19 -0.69 3.59
N CYS B 34 -5.98 -1.23 3.53
CA CYS B 34 -5.70 -2.54 4.09
C CYS B 34 -4.75 -2.44 5.29
N ASN B 35 -4.12 -1.28 5.45
CA ASN B 35 -3.18 -1.06 6.55
C ASN B 35 -2.01 -2.04 6.49
N THR B 36 -1.75 -2.57 5.29
CA THR B 36 -0.67 -3.54 5.11
C THR B 36 0.35 -3.06 4.09
N ALA B 37 -0.13 -2.41 3.04
CA ALA B 37 0.74 -1.92 1.97
C ALA B 37 1.50 -0.67 2.40
N ARG B 38 2.65 -0.45 1.76
CA ARG B 38 3.48 0.71 2.05
C ARG B 38 4.01 1.33 0.76
N TYR B 39 4.08 2.65 0.72
CA TYR B 39 4.57 3.36 -0.46
C TYR B 39 5.18 4.70 -0.06
N CYS B 40 6.19 5.13 -0.80
CA CYS B 40 6.85 6.40 -0.51
C CYS B 40 6.23 7.54 -1.31
N GLY B 41 5.50 7.22 -2.37
CA GLY B 41 4.88 8.26 -3.19
C GLY B 41 3.60 7.81 -3.85
N SER B 42 2.70 8.77 -4.08
CA SER B 42 1.41 8.50 -4.71
C SER B 42 1.56 7.71 -6.01
N PHE B 43 2.73 7.80 -6.63
CA PHE B 43 2.97 7.09 -7.89
C PHE B 43 3.32 5.62 -7.61
N CYS B 44 4.03 5.39 -6.51
CA CYS B 44 4.43 4.04 -6.15
C CYS B 44 3.23 3.16 -5.84
N GLN B 45 2.27 3.71 -5.10
CA GLN B 45 1.07 2.97 -4.74
C GLN B 45 0.29 2.58 -5.99
N HIS B 46 0.18 3.50 -6.94
CA HIS B 46 -0.54 3.24 -8.19
C HIS B 46 0.20 2.23 -9.05
N LYS B 47 1.52 2.29 -9.05
CA LYS B 47 2.33 1.38 -9.85
C LYS B 47 2.05 -0.06 -9.50
N ASP B 48 2.13 -0.38 -8.22
CA ASP B 48 1.88 -1.74 -7.74
C ASP B 48 0.38 -1.97 -7.51
N TRP B 49 -0.41 -0.89 -7.56
CA TRP B 49 -1.85 -0.97 -7.35
C TRP B 49 -2.47 -2.14 -8.12
N GLU B 50 -2.08 -2.30 -9.38
CA GLU B 50 -2.62 -3.38 -10.21
C GLU B 50 -2.50 -4.74 -9.52
N LYS B 51 -1.35 -4.97 -8.89
CA LYS B 51 -1.11 -6.23 -8.20
C LYS B 51 -1.64 -6.18 -6.77
N HIS B 52 -1.30 -5.11 -6.06
CA HIS B 52 -1.71 -4.94 -4.67
C HIS B 52 -3.22 -5.00 -4.49
N HIS B 53 -3.96 -4.34 -5.38
CA HIS B 53 -5.42 -4.31 -5.29
C HIS B 53 -6.02 -5.70 -5.23
N HIS B 54 -5.36 -6.70 -5.82
CA HIS B 54 -5.86 -8.07 -5.78
C HIS B 54 -5.95 -8.56 -4.34
N ILE B 55 -5.14 -7.97 -3.46
CA ILE B 55 -5.11 -8.36 -2.04
C ILE B 55 -5.63 -7.27 -1.13
N CYS B 56 -5.91 -6.11 -1.69
CA CYS B 56 -6.41 -4.98 -0.90
C CYS B 56 -7.83 -5.25 -0.42
N GLY B 57 -8.08 -4.98 0.87
CA GLY B 57 -9.39 -5.19 1.43
C GLY B 57 -9.81 -6.65 1.37
N GLN B 58 -8.84 -7.55 1.37
CA GLN B 58 -9.12 -8.98 1.32
C GLN B 58 -7.87 -9.78 1.64
N THR B 59 -7.66 -10.07 2.92
CA THR B 59 -6.50 -10.84 3.36
C THR B 59 -6.90 -12.25 3.78
N LEU B 60 -5.92 -13.07 4.10
CA LEU B 60 -6.17 -14.45 4.53
C LEU B 60 -4.98 -15.01 5.30
N GLN B 61 -3.78 -14.78 4.78
CA GLN B 61 -2.56 -15.27 5.43
C GLN B 61 -1.49 -14.18 5.44
N ALA B 62 -0.65 -14.22 6.47
CA ALA B 62 0.43 -13.24 6.61
C ALA B 62 1.76 -13.82 6.15
N GLN B 63 2.36 -13.20 5.15
CA GLN B 63 3.65 -13.65 4.62
C GLN B 63 4.66 -12.51 4.61
N GLN B 64 4.23 -11.35 4.15
CA GLN B 64 5.10 -10.18 4.09
C GLN B 64 4.54 -9.03 4.92
N THR A 5 -5.90 0.18 -16.87
CA THR A 5 -7.13 0.87 -16.41
C THR A 5 -7.69 0.21 -15.15
N ILE A 6 -7.55 0.91 -14.02
CA ILE A 6 -8.04 0.39 -12.74
C ILE A 6 -8.67 1.50 -11.91
N SER A 7 -9.50 1.11 -10.95
CA SER A 7 -10.16 2.08 -10.08
C SER A 7 -9.15 2.85 -9.24
N ASN A 8 -9.62 3.86 -8.53
CA ASN A 8 -8.75 4.68 -7.69
C ASN A 8 -8.63 4.07 -6.29
N PRO A 9 -7.39 3.70 -5.89
CA PRO A 9 -7.15 3.10 -4.57
C PRO A 9 -7.42 4.08 -3.43
N PRO A 10 -7.40 3.59 -2.18
CA PRO A 10 -7.64 4.42 -1.00
C PRO A 10 -6.47 5.37 -0.71
N PRO A 11 -6.66 6.31 0.23
CA PRO A 11 -5.63 7.28 0.60
C PRO A 11 -4.47 6.64 1.36
N LEU A 12 -3.31 7.28 1.31
CA LEU A 12 -2.12 6.77 2.00
C LEU A 12 -1.95 7.44 3.36
N ILE A 13 -1.45 6.68 4.32
CA ILE A 13 -1.23 7.20 5.67
C ILE A 13 0.26 7.20 6.02
N SER A 14 0.77 8.38 6.37
CA SER A 14 2.18 8.52 6.73
C SER A 14 2.42 8.10 8.18
N SER A 15 3.40 7.24 8.38
CA SER A 15 3.74 6.76 9.72
C SER A 15 5.21 6.95 10.02
N ALA A 16 5.51 7.85 10.94
CA ALA A 16 6.89 8.14 11.33
C ALA A 16 7.05 8.20 12.84
N LYS A 17 7.25 7.03 13.45
CA LYS A 17 7.41 6.95 14.90
C LYS A 17 8.84 7.29 15.30
N ASP B 15 14.87 -6.64 9.76
CA ASP B 15 15.71 -6.37 8.60
C ASP B 15 14.87 -5.86 7.43
N SER B 16 13.64 -6.34 7.34
CA SER B 16 12.73 -5.92 6.27
C SER B 16 11.77 -4.84 6.76
N SER B 17 12.27 -3.96 7.61
CA SER B 17 11.45 -2.88 8.15
C SER B 17 11.48 -1.66 7.23
N GLU B 18 10.29 -1.14 6.92
CA GLU B 18 10.18 0.02 6.04
C GLU B 18 10.74 -0.29 4.66
N SER B 19 9.86 -0.35 3.66
CA SER B 19 10.28 -0.63 2.30
C SER B 19 9.11 -0.48 1.33
N CYS B 20 9.32 0.29 0.27
CA CYS B 20 8.29 0.53 -0.74
C CYS B 20 7.97 -0.76 -1.49
N TRP B 21 6.69 -1.13 -1.51
CA TRP B 21 6.25 -2.33 -2.20
C TRP B 21 6.51 -2.26 -3.70
N ASN B 22 6.70 -1.04 -4.20
CA ASN B 22 6.94 -0.82 -5.63
C ASN B 22 8.42 -0.51 -5.90
N CYS B 23 8.90 0.60 -5.34
CA CYS B 23 10.28 1.01 -5.54
C CYS B 23 11.27 -0.10 -5.13
N GLY B 24 11.22 -0.49 -3.86
CA GLY B 24 12.12 -1.53 -3.39
C GLY B 24 13.30 -0.97 -2.61
N ARG B 25 13.12 0.22 -2.06
CA ARG B 25 14.17 0.88 -1.28
C ARG B 25 13.66 1.27 0.09
N LYS B 26 12.66 2.13 0.14
CA LYS B 26 12.09 2.59 1.40
C LYS B 26 10.73 3.23 1.19
N ALA B 27 9.89 3.18 2.22
CA ALA B 27 8.55 3.76 2.15
C ALA B 27 8.16 4.39 3.49
N SER B 28 7.44 5.51 3.41
CA SER B 28 7.00 6.22 4.61
C SER B 28 5.48 6.33 4.69
N GLU B 29 4.79 5.87 3.65
CA GLU B 29 3.33 5.91 3.62
C GLU B 29 2.75 4.51 3.75
N THR B 30 1.50 4.43 4.19
CA THR B 30 0.83 3.15 4.37
C THR B 30 -0.57 3.16 3.76
N CYS B 31 -0.94 2.05 3.13
CA CYS B 31 -2.24 1.92 2.52
C CYS B 31 -3.33 1.85 3.60
N SER B 32 -4.09 2.93 3.74
CA SER B 32 -5.14 3.00 4.74
C SER B 32 -6.29 2.04 4.44
N GLY B 33 -6.28 1.44 3.25
CA GLY B 33 -7.34 0.50 2.89
C GLY B 33 -7.17 -0.84 3.57
N CYS B 34 -5.96 -1.40 3.50
CA CYS B 34 -5.68 -2.69 4.12
C CYS B 34 -4.74 -2.53 5.32
N ASN B 35 -4.14 -1.35 5.46
CA ASN B 35 -3.22 -1.08 6.55
C ASN B 35 -2.03 -2.03 6.51
N THR B 36 -1.74 -2.57 5.33
CA THR B 36 -0.64 -3.52 5.18
C THR B 36 0.38 -3.05 4.14
N ALA B 37 -0.12 -2.42 3.08
CA ALA B 37 0.75 -1.92 2.01
C ALA B 37 1.51 -0.67 2.44
N ARG B 38 2.66 -0.46 1.79
CA ARG B 38 3.49 0.70 2.09
C ARG B 38 4.04 1.31 0.80
N TYR B 39 4.10 2.63 0.76
CA TYR B 39 4.59 3.33 -0.42
C TYR B 39 5.20 4.68 -0.03
N CYS B 40 6.22 5.11 -0.78
CA CYS B 40 6.87 6.38 -0.50
C CYS B 40 6.25 7.53 -1.29
N GLY B 41 5.52 7.19 -2.36
CA GLY B 41 4.90 8.22 -3.17
C GLY B 41 3.60 7.76 -3.81
N SER B 42 2.68 8.71 -4.02
CA SER B 42 1.39 8.41 -4.62
C SER B 42 1.54 7.61 -5.91
N PHE B 43 2.65 7.83 -6.62
CA PHE B 43 2.90 7.13 -7.87
C PHE B 43 3.28 5.68 -7.59
N CYS B 44 4.01 5.45 -6.50
CA CYS B 44 4.44 4.10 -6.14
C CYS B 44 3.26 3.20 -5.84
N GLN B 45 2.27 3.73 -5.13
CA GLN B 45 1.10 2.95 -4.78
C GLN B 45 0.30 2.58 -6.03
N HIS B 46 0.23 3.49 -6.99
CA HIS B 46 -0.48 3.25 -8.24
C HIS B 46 0.23 2.21 -9.11
N LYS B 47 1.56 2.27 -9.10
CA LYS B 47 2.37 1.34 -9.90
C LYS B 47 2.06 -0.10 -9.54
N ASP B 48 2.13 -0.41 -8.25
CA ASP B 48 1.86 -1.76 -7.77
C ASP B 48 0.36 -1.97 -7.54
N TRP B 49 -0.41 -0.88 -7.61
CA TRP B 49 -1.86 -0.95 -7.40
C TRP B 49 -2.49 -2.12 -8.16
N GLU B 50 -2.10 -2.29 -9.42
CA GLU B 50 -2.64 -3.37 -10.25
C GLU B 50 -2.50 -4.72 -9.56
N LYS B 51 -1.35 -4.94 -8.91
CA LYS B 51 -1.11 -6.19 -8.21
C LYS B 51 -1.63 -6.14 -6.78
N HIS B 52 -1.31 -5.07 -6.07
CA HIS B 52 -1.72 -4.91 -4.68
C HIS B 52 -3.24 -4.95 -4.50
N HIS B 53 -3.97 -4.30 -5.40
CA HIS B 53 -5.42 -4.24 -5.32
C HIS B 53 -6.06 -5.63 -5.23
N HIS B 54 -5.41 -6.64 -5.83
CA HIS B 54 -5.94 -8.00 -5.74
C HIS B 54 -6.00 -8.44 -4.29
N ILE B 55 -5.07 -7.94 -3.48
CA ILE B 55 -5.00 -8.29 -2.07
C ILE B 55 -5.80 -7.33 -1.20
N CYS B 56 -5.51 -6.03 -1.34
CA CYS B 56 -6.18 -4.99 -0.57
C CYS B 56 -7.66 -5.28 -0.34
N GLY B 57 -8.22 -4.71 0.72
CA GLY B 57 -9.62 -4.91 1.04
C GLY B 57 -9.92 -6.34 1.44
N GLN B 58 -8.97 -6.98 2.12
CA GLN B 58 -9.14 -8.36 2.56
C GLN B 58 -8.18 -8.68 3.70
N THR B 59 -8.59 -8.37 4.93
CA THR B 59 -7.77 -8.64 6.10
C THR B 59 -7.47 -10.12 6.23
N LEU B 60 -6.32 -10.43 6.83
CA LEU B 60 -5.92 -11.83 7.02
C LEU B 60 -6.25 -12.30 8.43
N GLN B 61 -6.71 -13.54 8.55
CA GLN B 61 -7.05 -14.11 9.84
C GLN B 61 -8.15 -13.31 10.52
N ALA B 62 -8.68 -13.84 11.62
CA ALA B 62 -9.75 -13.16 12.36
C ALA B 62 -9.48 -13.21 13.86
N GLN B 63 -9.17 -14.40 14.35
CA GLN B 63 -8.90 -14.58 15.78
C GLN B 63 -7.98 -15.78 16.01
N GLN B 64 -6.70 -15.59 15.71
CA GLN B 64 -5.71 -16.65 15.88
C GLN B 64 -6.06 -17.87 15.03
N THR A 5 -7.55 1.45 -17.35
CA THR A 5 -7.08 1.93 -16.03
C THR A 5 -7.78 1.20 -14.89
N ILE A 6 -7.14 1.16 -13.73
CA ILE A 6 -7.71 0.49 -12.56
C ILE A 6 -8.47 1.48 -11.68
N SER A 7 -9.37 0.96 -10.84
CA SER A 7 -10.15 1.80 -9.95
C SER A 7 -9.24 2.65 -9.06
N ASN A 8 -9.79 3.72 -8.51
CA ASN A 8 -9.03 4.61 -7.65
C ASN A 8 -8.82 3.99 -6.26
N PRO A 9 -7.57 3.66 -5.91
CA PRO A 9 -7.25 3.06 -4.61
C PRO A 9 -7.53 4.02 -3.46
N PRO A 10 -7.43 3.52 -2.21
CA PRO A 10 -7.67 4.33 -1.00
C PRO A 10 -6.52 5.29 -0.72
N PRO A 11 -6.71 6.23 0.23
CA PRO A 11 -5.68 7.20 0.60
C PRO A 11 -4.52 6.56 1.36
N LEU A 12 -3.36 7.20 1.32
CA LEU A 12 -2.18 6.70 2.01
C LEU A 12 -2.02 7.36 3.37
N ILE A 13 -1.52 6.60 4.33
CA ILE A 13 -1.31 7.12 5.69
C ILE A 13 0.17 7.13 6.04
N SER A 14 0.68 8.31 6.39
CA SER A 14 2.08 8.46 6.75
C SER A 14 2.32 8.08 8.22
N SER A 15 3.28 7.20 8.45
CA SER A 15 3.60 6.76 9.80
C SER A 15 5.06 7.04 10.14
N ALA A 16 5.28 7.90 11.14
CA ALA A 16 6.63 8.25 11.56
C ALA A 16 6.64 8.78 12.99
N LYS A 17 6.32 7.90 13.94
CA LYS A 17 6.29 8.28 15.35
C LYS A 17 7.50 7.73 16.09
N ASP B 15 4.68 -1.18 12.61
CA ASP B 15 5.40 -2.11 11.73
C ASP B 15 6.89 -2.13 12.04
N SER B 16 7.51 -3.29 11.89
CA SER B 16 8.93 -3.43 12.16
C SER B 16 9.71 -3.59 10.86
N SER B 17 9.22 -2.97 9.80
CA SER B 17 9.87 -3.04 8.49
C SER B 17 9.43 -1.87 7.61
N GLU B 18 10.40 -1.26 6.92
CA GLU B 18 10.11 -0.14 6.04
C GLU B 18 10.71 -0.36 4.65
N SER B 19 9.84 -0.44 3.65
CA SER B 19 10.28 -0.65 2.27
C SER B 19 9.12 -0.49 1.30
N CYS B 20 9.35 0.30 0.25
CA CYS B 20 8.33 0.54 -0.76
C CYS B 20 7.98 -0.73 -1.52
N TRP B 21 6.71 -1.08 -1.56
CA TRP B 21 6.26 -2.28 -2.25
C TRP B 21 6.55 -2.21 -3.75
N ASN B 22 6.74 -0.98 -4.25
CA ASN B 22 7.01 -0.77 -5.67
C ASN B 22 8.49 -0.46 -5.92
N CYS B 23 8.97 0.64 -5.35
CA CYS B 23 10.35 1.07 -5.52
C CYS B 23 11.33 -0.04 -5.13
N GLY B 24 11.29 -0.46 -3.86
CA GLY B 24 12.18 -1.50 -3.40
C GLY B 24 13.34 -0.95 -2.60
N ARG B 25 13.15 0.23 -2.02
CA ARG B 25 14.19 0.87 -1.22
C ARG B 25 13.66 1.26 0.15
N LYS B 26 12.67 2.15 0.18
CA LYS B 26 12.08 2.59 1.43
C LYS B 26 10.71 3.24 1.21
N ALA B 27 9.87 3.17 2.22
CA ALA B 27 8.53 3.75 2.14
C ALA B 27 8.12 4.36 3.48
N SER B 28 7.39 5.48 3.42
CA SER B 28 6.94 6.18 4.62
C SER B 28 5.42 6.26 4.70
N GLU B 29 4.73 5.82 3.65
CA GLU B 29 3.27 5.86 3.64
C GLU B 29 2.69 4.46 3.74
N THR B 30 1.44 4.37 4.17
CA THR B 30 0.77 3.08 4.34
C THR B 30 -0.63 3.09 3.75
N CYS B 31 -1.00 2.00 3.10
CA CYS B 31 -2.32 1.88 2.49
C CYS B 31 -3.40 1.80 3.58
N SER B 32 -4.14 2.90 3.74
CA SER B 32 -5.19 2.97 4.76
C SER B 32 -6.37 2.04 4.45
N GLY B 33 -6.37 1.45 3.26
CA GLY B 33 -7.44 0.54 2.89
C GLY B 33 -7.27 -0.84 3.50
N CYS B 34 -6.05 -1.37 3.42
CA CYS B 34 -5.75 -2.68 3.98
C CYS B 34 -4.82 -2.58 5.18
N ASN B 35 -4.21 -1.41 5.35
CA ASN B 35 -3.29 -1.17 6.46
C ASN B 35 -2.11 -2.14 6.41
N THR B 36 -1.83 -2.65 5.22
CA THR B 36 -0.73 -3.60 5.04
C THR B 36 0.30 -3.09 4.02
N ALA B 37 -0.19 -2.44 2.98
CA ALA B 37 0.68 -1.92 1.92
C ALA B 37 1.45 -0.68 2.37
N ARG B 38 2.59 -0.46 1.74
CA ARG B 38 3.43 0.69 2.05
C ARG B 38 3.98 1.30 0.77
N TYR B 39 4.05 2.63 0.74
CA TYR B 39 4.56 3.35 -0.44
C TYR B 39 5.15 4.69 -0.03
N CYS B 40 6.16 5.14 -0.77
CA CYS B 40 6.80 6.42 -0.49
C CYS B 40 6.16 7.55 -1.28
N GLY B 41 5.43 7.21 -2.35
CA GLY B 41 4.78 8.23 -3.15
C GLY B 41 3.53 7.73 -3.84
N SER B 42 2.60 8.65 -4.10
CA SER B 42 1.35 8.31 -4.77
C SER B 42 1.59 7.55 -6.07
N PHE B 43 2.78 7.71 -6.64
CA PHE B 43 3.11 7.03 -7.89
C PHE B 43 3.40 5.55 -7.62
N CYS B 44 4.12 5.30 -6.53
CA CYS B 44 4.49 3.94 -6.14
C CYS B 44 3.27 3.09 -5.84
N GLN B 45 2.32 3.65 -5.09
CA GLN B 45 1.12 2.93 -4.73
C GLN B 45 0.32 2.57 -5.98
N HIS B 46 0.22 3.52 -6.91
CA HIS B 46 -0.51 3.29 -8.15
C HIS B 46 0.22 2.28 -9.04
N LYS B 47 1.55 2.35 -9.04
CA LYS B 47 2.35 1.45 -9.85
C LYS B 47 2.05 -0.02 -9.53
N ASP B 48 2.13 -0.36 -8.25
CA ASP B 48 1.86 -1.71 -7.80
C ASP B 48 0.37 -1.94 -7.58
N TRP B 49 -0.40 -0.86 -7.64
CA TRP B 49 -1.85 -0.93 -7.43
C TRP B 49 -2.48 -2.10 -8.20
N GLU B 50 -2.08 -2.28 -9.46
CA GLU B 50 -2.61 -3.36 -10.29
C GLU B 50 -2.49 -4.71 -9.60
N LYS B 51 -1.35 -4.95 -8.96
CA LYS B 51 -1.11 -6.19 -8.26
C LYS B 51 -1.62 -6.13 -6.82
N HIS B 52 -1.28 -5.06 -6.13
CA HIS B 52 -1.68 -4.88 -4.73
C HIS B 52 -3.20 -4.89 -4.54
N HIS B 53 -3.93 -4.27 -5.46
CA HIS B 53 -5.39 -4.20 -5.35
C HIS B 53 -6.02 -5.58 -5.20
N HIS B 54 -5.39 -6.62 -5.75
CA HIS B 54 -5.92 -7.97 -5.62
C HIS B 54 -6.01 -8.36 -4.15
N ILE B 55 -5.08 -7.86 -3.34
CA ILE B 55 -5.03 -8.19 -1.92
C ILE B 55 -5.53 -7.06 -1.01
N CYS B 56 -5.85 -5.92 -1.59
CA CYS B 56 -6.31 -4.78 -0.81
C CYS B 56 -7.62 -5.09 -0.10
N GLY B 57 -7.53 -5.40 1.19
CA GLY B 57 -8.71 -5.71 1.97
C GLY B 57 -9.83 -4.71 1.76
N GLN B 58 -9.48 -3.49 1.41
CA GLN B 58 -10.47 -2.44 1.16
C GLN B 58 -11.21 -2.08 2.45
N THR B 59 -11.05 -0.84 2.89
CA THR B 59 -11.70 -0.37 4.10
C THR B 59 -11.27 -1.20 5.31
N LEU B 60 -11.46 -0.63 6.50
CA LEU B 60 -11.09 -1.32 7.74
C LEU B 60 -12.30 -1.99 8.37
N GLN B 61 -12.09 -2.60 9.54
CA GLN B 61 -13.17 -3.29 10.24
C GLN B 61 -13.68 -4.47 9.44
N ALA B 62 -14.41 -5.37 10.11
CA ALA B 62 -14.96 -6.55 9.45
C ALA B 62 -16.09 -6.17 8.50
N GLN B 63 -16.34 -7.03 7.51
CA GLN B 63 -17.40 -6.79 6.54
C GLN B 63 -17.52 -7.96 5.57
N GLN B 64 -18.69 -8.11 4.97
CA GLN B 64 -18.94 -9.19 4.03
C GLN B 64 -18.12 -9.00 2.76
N THR A 5 -5.74 3.37 -13.92
CA THR A 5 -5.19 2.09 -13.42
C THR A 5 -6.22 1.32 -12.59
N ILE A 6 -6.97 0.45 -13.27
CA ILE A 6 -7.99 -0.35 -12.62
C ILE A 6 -9.05 0.53 -11.96
N SER A 7 -8.75 1.01 -10.75
CA SER A 7 -9.67 1.87 -10.02
C SER A 7 -8.91 2.82 -9.11
N ASN A 8 -9.66 3.59 -8.31
CA ASN A 8 -9.05 4.55 -7.40
C ASN A 8 -8.93 3.97 -6.00
N PRO A 9 -7.70 3.58 -5.59
CA PRO A 9 -7.47 3.00 -4.26
C PRO A 9 -7.61 4.03 -3.13
N PRO A 10 -7.83 3.56 -1.90
CA PRO A 10 -7.99 4.45 -0.74
C PRO A 10 -6.79 5.37 -0.55
N PRO A 11 -6.87 6.32 0.39
CA PRO A 11 -5.79 7.27 0.67
C PRO A 11 -4.62 6.62 1.40
N LEU A 12 -3.46 7.27 1.32
CA LEU A 12 -2.25 6.77 1.98
C LEU A 12 -2.07 7.42 3.35
N ILE A 13 -1.55 6.66 4.30
CA ILE A 13 -1.33 7.18 5.65
C ILE A 13 0.16 7.21 5.97
N SER A 14 0.67 8.40 6.32
CA SER A 14 2.08 8.55 6.66
C SER A 14 2.32 8.35 8.15
N SER A 15 3.29 7.50 8.47
CA SER A 15 3.61 7.22 9.86
C SER A 15 5.08 7.50 10.15
N ALA A 16 5.34 8.42 11.07
CA ALA A 16 6.70 8.79 11.43
C ALA A 16 6.74 9.48 12.79
N LYS A 17 6.94 8.69 13.85
CA LYS A 17 7.00 9.23 15.21
C LYS A 17 8.25 10.09 15.39
N ASP B 15 10.66 -9.76 8.18
CA ASP B 15 10.59 -8.46 8.84
C ASP B 15 10.99 -7.34 7.88
N SER B 16 10.00 -6.76 7.21
CA SER B 16 10.24 -5.68 6.27
C SER B 16 9.05 -4.73 6.20
N SER B 17 8.95 -3.84 7.17
CA SER B 17 7.85 -2.88 7.22
C SER B 17 8.26 -1.55 6.58
N GLU B 18 9.54 -1.23 6.67
CA GLU B 18 10.05 0.02 6.10
C GLU B 18 10.66 -0.23 4.72
N SER B 19 9.79 -0.36 3.72
CA SER B 19 10.23 -0.60 2.35
C SER B 19 9.07 -0.46 1.38
N CYS B 20 9.31 0.29 0.29
CA CYS B 20 8.28 0.51 -0.72
C CYS B 20 7.98 -0.77 -1.48
N TRP B 21 6.70 -1.14 -1.52
CA TRP B 21 6.28 -2.36 -2.21
C TRP B 21 6.55 -2.27 -3.71
N ASN B 22 6.72 -1.04 -4.21
CA ASN B 22 6.97 -0.81 -5.63
C ASN B 22 8.44 -0.50 -5.89
N CYS B 23 8.93 0.60 -5.33
CA CYS B 23 10.32 1.02 -5.51
C CYS B 23 11.29 -0.08 -5.11
N GLY B 24 11.25 -0.48 -3.85
CA GLY B 24 12.15 -1.51 -3.37
C GLY B 24 13.33 -0.95 -2.60
N ARG B 25 13.16 0.26 -2.07
CA ARG B 25 14.22 0.91 -1.31
C ARG B 25 13.73 1.31 0.07
N LYS B 26 12.71 2.16 0.11
CA LYS B 26 12.15 2.62 1.38
C LYS B 26 10.77 3.27 1.16
N ALA B 27 9.94 3.22 2.19
CA ALA B 27 8.60 3.79 2.13
C ALA B 27 8.22 4.43 3.46
N SER B 28 7.48 5.54 3.40
CA SER B 28 7.06 6.25 4.60
C SER B 28 5.53 6.35 4.69
N GLU B 29 4.84 5.89 3.65
CA GLU B 29 3.38 5.92 3.63
C GLU B 29 2.81 4.52 3.76
N THR B 30 1.57 4.43 4.20
CA THR B 30 0.90 3.15 4.39
C THR B 30 -0.49 3.15 3.77
N CYS B 31 -0.85 2.04 3.14
CA CYS B 31 -2.17 1.91 2.52
C CYS B 31 -3.25 1.83 3.58
N SER B 32 -4.01 2.92 3.72
CA SER B 32 -5.09 2.98 4.70
C SER B 32 -6.23 2.02 4.39
N GLY B 33 -6.20 1.43 3.19
CA GLY B 33 -7.25 0.49 2.80
C GLY B 33 -7.10 -0.84 3.50
N CYS B 34 -5.92 -1.44 3.41
CA CYS B 34 -5.68 -2.72 4.05
C CYS B 34 -4.75 -2.57 5.24
N ASN B 35 -4.15 -1.38 5.39
CA ASN B 35 -3.24 -1.10 6.50
C ASN B 35 -2.04 -2.04 6.47
N THR B 36 -1.73 -2.58 5.29
CA THR B 36 -0.62 -3.51 5.15
C THR B 36 0.40 -3.03 4.12
N ALA B 37 -0.09 -2.41 3.06
CA ALA B 37 0.77 -1.91 1.99
C ALA B 37 1.54 -0.67 2.42
N ARG B 38 2.68 -0.45 1.78
CA ARG B 38 3.53 0.71 2.08
C ARG B 38 4.06 1.32 0.78
N TYR B 39 4.13 2.65 0.75
CA TYR B 39 4.63 3.35 -0.43
C TYR B 39 5.24 4.69 -0.04
N CYS B 40 6.25 5.12 -0.79
CA CYS B 40 6.91 6.39 -0.52
C CYS B 40 6.28 7.53 -1.31
N GLY B 41 5.53 7.20 -2.37
CA GLY B 41 4.90 8.22 -3.17
C GLY B 41 3.62 7.73 -3.83
N SER B 42 2.68 8.65 -4.04
CA SER B 42 1.41 8.30 -4.66
C SER B 42 1.60 7.46 -5.92
N PHE B 43 2.62 7.78 -6.69
CA PHE B 43 2.90 7.05 -7.92
C PHE B 43 3.28 5.60 -7.61
N CYS B 44 3.99 5.40 -6.52
CA CYS B 44 4.42 4.06 -6.13
C CYS B 44 3.22 3.18 -5.81
N GLN B 45 2.27 3.73 -5.07
CA GLN B 45 1.07 2.99 -4.69
C GLN B 45 0.26 2.60 -5.93
N HIS B 46 0.17 3.52 -6.88
CA HIS B 46 -0.57 3.28 -8.12
C HIS B 46 0.15 2.25 -9.01
N LYS B 47 1.48 2.32 -9.01
CA LYS B 47 2.28 1.40 -9.82
C LYS B 47 1.99 -0.05 -9.46
N ASP B 48 2.06 -0.36 -8.18
CA ASP B 48 1.80 -1.71 -7.71
C ASP B 48 0.30 -1.94 -7.49
N TRP B 49 -0.47 -0.86 -7.55
CA TRP B 49 -1.92 -0.93 -7.35
C TRP B 49 -2.54 -2.10 -8.11
N GLU B 50 -2.14 -2.27 -9.37
CA GLU B 50 -2.67 -3.35 -10.21
C GLU B 50 -2.53 -4.71 -9.51
N LYS B 51 -1.38 -4.92 -8.87
CA LYS B 51 -1.13 -6.17 -8.17
C LYS B 51 -1.66 -6.13 -6.73
N HIS B 52 -1.33 -5.04 -6.03
CA HIS B 52 -1.75 -4.87 -4.64
C HIS B 52 -3.27 -4.94 -4.48
N HIS B 53 -4.01 -4.31 -5.38
CA HIS B 53 -5.46 -4.28 -5.31
C HIS B 53 -6.06 -5.69 -5.23
N HIS B 54 -5.38 -6.68 -5.81
CA HIS B 54 -5.87 -8.06 -5.74
C HIS B 54 -5.95 -8.50 -4.28
N ILE B 55 -5.04 -7.97 -3.47
CA ILE B 55 -4.97 -8.33 -2.05
C ILE B 55 -5.79 -7.37 -1.19
N CYS B 56 -5.49 -6.08 -1.30
CA CYS B 56 -6.17 -5.04 -0.53
C CYS B 56 -7.67 -5.30 -0.37
N GLY B 57 -8.26 -4.68 0.63
CA GLY B 57 -9.68 -4.85 0.89
C GLY B 57 -10.05 -6.28 1.22
N GLN B 58 -9.16 -6.96 1.94
CA GLN B 58 -9.41 -8.35 2.32
C GLN B 58 -8.96 -8.60 3.76
N THR B 59 -9.10 -7.58 4.61
CA THR B 59 -8.71 -7.69 6.00
C THR B 59 -9.90 -7.37 6.92
N LEU B 60 -9.82 -7.86 8.15
CA LEU B 60 -10.89 -7.62 9.12
C LEU B 60 -12.20 -8.24 8.66
N GLN B 61 -13.03 -8.65 9.62
CA GLN B 61 -14.32 -9.26 9.29
C GLN B 61 -15.32 -9.02 10.42
N ALA B 62 -16.36 -8.23 10.11
CA ALA B 62 -17.39 -7.93 11.10
C ALA B 62 -18.78 -8.08 10.49
N GLN B 63 -18.97 -7.52 9.30
CA GLN B 63 -20.24 -7.60 8.61
C GLN B 63 -20.06 -7.70 7.10
N GLN B 64 -20.66 -8.71 6.50
CA GLN B 64 -20.56 -8.94 5.07
C GLN B 64 -21.45 -7.95 4.30
N THR A 5 -6.93 2.59 -16.33
CA THR A 5 -6.79 1.10 -16.38
C THR A 5 -7.35 0.44 -15.13
N ILE A 6 -7.22 1.12 -14.00
CA ILE A 6 -7.72 0.60 -12.73
C ILE A 6 -8.36 1.71 -11.89
N SER A 7 -9.20 1.31 -10.95
CA SER A 7 -9.87 2.26 -10.08
C SER A 7 -8.87 3.01 -9.20
N ASN A 8 -9.36 3.97 -8.43
CA ASN A 8 -8.51 4.75 -7.54
C ASN A 8 -8.45 4.12 -6.15
N PRO A 9 -7.26 3.65 -5.73
CA PRO A 9 -7.09 3.03 -4.41
C PRO A 9 -7.27 4.03 -3.26
N PRO A 10 -7.59 3.52 -2.06
CA PRO A 10 -7.79 4.37 -0.88
C PRO A 10 -6.61 5.31 -0.63
N PRO A 11 -6.75 6.27 0.30
CA PRO A 11 -5.68 7.22 0.63
C PRO A 11 -4.54 6.57 1.38
N LEU A 12 -3.37 7.21 1.34
CA LEU A 12 -2.19 6.69 2.01
C LEU A 12 -2.01 7.35 3.37
N ILE A 13 -1.49 6.59 4.34
CA ILE A 13 -1.28 7.12 5.68
C ILE A 13 0.21 7.14 6.02
N SER A 14 0.70 8.33 6.36
CA SER A 14 2.12 8.49 6.70
C SER A 14 2.36 8.15 8.16
N SER A 15 3.35 7.28 8.40
CA SER A 15 3.69 6.87 9.76
C SER A 15 5.14 7.22 10.09
N ALA A 16 5.33 7.95 11.18
CA ALA A 16 6.67 8.35 11.61
C ALA A 16 6.64 8.89 13.03
N LYS A 17 7.37 8.23 13.92
CA LYS A 17 7.44 8.64 15.32
C LYS A 17 8.37 9.84 15.49
N ASP B 15 4.69 -2.49 11.21
CA ASP B 15 4.03 -3.77 11.42
C ASP B 15 4.92 -4.94 10.98
N SER B 16 5.74 -4.68 9.96
CA SER B 16 6.64 -5.70 9.46
C SER B 16 8.03 -5.12 9.17
N SER B 17 8.10 -4.27 8.16
CA SER B 17 9.37 -3.63 7.79
C SER B 17 9.13 -2.38 6.96
N GLU B 18 10.14 -1.53 6.88
CA GLU B 18 10.04 -0.29 6.12
C GLU B 18 10.65 -0.46 4.73
N SER B 19 9.79 -0.46 3.71
CA SER B 19 10.25 -0.62 2.33
C SER B 19 9.09 -0.46 1.35
N CYS B 20 9.31 0.32 0.30
CA CYS B 20 8.29 0.56 -0.71
C CYS B 20 7.97 -0.71 -1.48
N TRP B 21 6.69 -1.07 -1.52
CA TRP B 21 6.25 -2.28 -2.22
C TRP B 21 6.55 -2.19 -3.72
N ASN B 22 6.68 -0.97 -4.23
CA ASN B 22 6.94 -0.75 -5.65
C ASN B 22 8.42 -0.44 -5.90
N CYS B 23 8.90 0.66 -5.33
CA CYS B 23 10.29 1.07 -5.51
C CYS B 23 11.26 -0.03 -5.11
N GLY B 24 11.22 -0.44 -3.83
CA GLY B 24 12.11 -1.48 -3.37
C GLY B 24 13.28 -0.93 -2.58
N ARG B 25 13.10 0.25 -2.01
CA ARG B 25 14.15 0.89 -1.23
C ARG B 25 13.63 1.28 0.16
N LYS B 26 12.67 2.20 0.18
CA LYS B 26 12.10 2.66 1.45
C LYS B 26 10.72 3.29 1.22
N ALA B 27 9.87 3.22 2.25
CA ALA B 27 8.53 3.78 2.16
C ALA B 27 8.13 4.41 3.50
N SER B 28 7.39 5.51 3.43
CA SER B 28 6.94 6.22 4.63
C SER B 28 5.42 6.30 4.69
N GLU B 29 4.75 5.84 3.65
CA GLU B 29 3.28 5.87 3.61
C GLU B 29 2.72 4.46 3.72
N THR B 30 1.46 4.37 4.16
CA THR B 30 0.81 3.08 4.34
C THR B 30 -0.60 3.08 3.75
N CYS B 31 -0.96 1.99 3.09
CA CYS B 31 -2.28 1.86 2.49
C CYS B 31 -3.35 1.79 3.57
N SER B 32 -4.09 2.88 3.73
CA SER B 32 -5.14 2.96 4.74
C SER B 32 -6.32 2.02 4.44
N GLY B 33 -6.31 1.43 3.24
CA GLY B 33 -7.38 0.52 2.88
C GLY B 33 -7.21 -0.85 3.49
N CYS B 34 -6.00 -1.39 3.41
CA CYS B 34 -5.71 -2.70 3.97
C CYS B 34 -4.78 -2.59 5.17
N ASN B 35 -4.17 -1.41 5.34
CA ASN B 35 -3.26 -1.18 6.46
C ASN B 35 -2.07 -2.14 6.41
N THR B 36 -1.78 -2.66 5.22
CA THR B 36 -0.69 -3.60 5.04
C THR B 36 0.34 -3.10 4.02
N ALA B 37 -0.16 -2.45 2.98
CA ALA B 37 0.71 -1.94 1.92
C ALA B 37 1.47 -0.70 2.37
N ARG B 38 2.62 -0.46 1.74
CA ARG B 38 3.45 0.69 2.04
C ARG B 38 4.00 1.31 0.77
N TYR B 39 4.08 2.64 0.73
CA TYR B 39 4.58 3.34 -0.44
C TYR B 39 5.19 4.68 -0.04
N CYS B 40 6.19 5.12 -0.78
CA CYS B 40 6.85 6.39 -0.49
C CYS B 40 6.23 7.53 -1.29
N GLY B 41 5.50 7.20 -2.36
CA GLY B 41 4.87 8.23 -3.17
C GLY B 41 3.59 7.77 -3.83
N SER B 42 2.68 8.72 -4.05
CA SER B 42 1.39 8.41 -4.67
C SER B 42 1.57 7.61 -5.95
N PHE B 43 2.67 7.83 -6.66
CA PHE B 43 2.93 7.12 -7.90
C PHE B 43 3.32 5.66 -7.61
N CYS B 44 4.03 5.45 -6.52
CA CYS B 44 4.47 4.10 -6.15
C CYS B 44 3.28 3.19 -5.87
N GLN B 45 2.29 3.73 -5.14
CA GLN B 45 1.11 2.95 -4.80
C GLN B 45 0.32 2.57 -6.05
N HIS B 46 0.25 3.48 -7.02
CA HIS B 46 -0.46 3.23 -8.27
C HIS B 46 0.26 2.20 -9.12
N LYS B 47 1.59 2.25 -9.13
CA LYS B 47 2.39 1.33 -9.92
C LYS B 47 2.08 -0.12 -9.56
N ASP B 48 2.15 -0.43 -8.27
CA ASP B 48 1.88 -1.78 -7.79
C ASP B 48 0.38 -1.99 -7.58
N TRP B 49 -0.40 -0.90 -7.64
CA TRP B 49 -1.83 -0.97 -7.44
C TRP B 49 -2.46 -2.13 -8.20
N GLU B 50 -2.08 -2.31 -9.46
CA GLU B 50 -2.63 -3.38 -10.28
C GLU B 50 -2.52 -4.74 -9.59
N LYS B 51 -1.36 -5.00 -8.98
CA LYS B 51 -1.14 -6.26 -8.29
C LYS B 51 -1.64 -6.20 -6.84
N HIS B 52 -1.30 -5.10 -6.16
CA HIS B 52 -1.67 -4.93 -4.76
C HIS B 52 -3.19 -4.93 -4.55
N HIS B 53 -3.93 -4.29 -5.45
CA HIS B 53 -5.38 -4.20 -5.33
C HIS B 53 -6.03 -5.57 -5.18
N HIS B 54 -5.42 -6.62 -5.75
CA HIS B 54 -5.97 -7.96 -5.61
C HIS B 54 -6.05 -8.36 -4.13
N ILE B 55 -5.11 -7.86 -3.34
CA ILE B 55 -5.05 -8.19 -1.91
C ILE B 55 -5.53 -7.05 -1.01
N CYS B 56 -5.85 -5.91 -1.59
CA CYS B 56 -6.30 -4.76 -0.81
C CYS B 56 -7.62 -5.06 -0.10
N GLY B 57 -7.52 -5.39 1.19
CA GLY B 57 -8.71 -5.68 1.98
C GLY B 57 -9.79 -4.62 1.82
N GLN B 58 -9.39 -3.40 1.50
CA GLN B 58 -10.34 -2.30 1.33
C GLN B 58 -11.35 -2.62 0.24
N THR B 59 -10.88 -2.69 -1.00
CA THR B 59 -11.75 -2.97 -2.14
C THR B 59 -12.51 -4.28 -1.93
N LEU B 60 -13.65 -4.41 -2.60
CA LEU B 60 -14.47 -5.61 -2.49
C LEU B 60 -14.96 -5.81 -1.06
N GLN B 61 -16.09 -6.49 -0.90
CA GLN B 61 -16.65 -6.75 0.42
C GLN B 61 -17.66 -7.88 0.35
N ALA B 62 -18.52 -7.86 -0.65
CA ALA B 62 -19.54 -8.89 -0.81
C ALA B 62 -20.46 -8.95 0.40
N GLN B 63 -21.39 -9.91 0.38
CA GLN B 63 -22.33 -10.08 1.47
C GLN B 63 -22.59 -11.56 1.74
N GLN B 64 -23.09 -11.86 2.94
CA GLN B 64 -23.37 -13.24 3.33
C GLN B 64 -24.55 -13.30 4.29
N THR A 5 -7.67 0.68 -17.36
CA THR A 5 -7.75 1.65 -16.23
C THR A 5 -8.30 0.99 -14.97
N ILE A 6 -7.50 0.98 -13.92
CA ILE A 6 -7.91 0.38 -12.65
C ILE A 6 -8.63 1.38 -11.78
N SER A 7 -9.40 0.88 -10.82
CA SER A 7 -10.14 1.75 -9.91
C SER A 7 -9.21 2.66 -9.12
N ASN A 8 -9.79 3.53 -8.30
CA ASN A 8 -9.01 4.46 -7.49
C ASN A 8 -8.76 3.89 -6.10
N PRO A 9 -7.49 3.57 -5.78
CA PRO A 9 -7.13 3.02 -4.46
C PRO A 9 -7.32 4.02 -3.34
N PRO A 10 -7.65 3.55 -2.12
CA PRO A 10 -7.84 4.41 -0.96
C PRO A 10 -6.66 5.35 -0.71
N PRO A 11 -6.81 6.31 0.21
CA PRO A 11 -5.74 7.25 0.54
C PRO A 11 -4.59 6.61 1.29
N LEU A 12 -3.43 7.24 1.25
CA LEU A 12 -2.24 6.72 1.93
C LEU A 12 -2.07 7.39 3.29
N ILE A 13 -1.55 6.63 4.25
CA ILE A 13 -1.34 7.14 5.60
C ILE A 13 0.15 7.17 5.93
N SER A 14 0.66 8.35 6.28
CA SER A 14 2.06 8.51 6.62
C SER A 14 2.31 8.19 8.09
N SER A 15 3.29 7.32 8.34
CA SER A 15 3.62 6.93 9.71
C SER A 15 5.11 7.10 9.98
N ALA A 16 5.45 8.05 10.85
CA ALA A 16 6.83 8.31 11.20
C ALA A 16 6.96 8.79 12.63
N LYS A 17 7.08 7.85 13.56
CA LYS A 17 7.21 8.18 14.98
C LYS A 17 8.61 7.82 15.49
N ASP B 15 15.41 -1.86 10.71
CA ASP B 15 15.26 -1.77 9.26
C ASP B 15 14.93 -3.13 8.66
N SER B 16 13.73 -3.26 8.12
CA SER B 16 13.29 -4.50 7.50
C SER B 16 11.90 -4.36 6.89
N SER B 17 10.91 -4.15 7.74
CA SER B 17 9.53 -3.98 7.29
C SER B 17 9.38 -2.72 6.45
N GLU B 18 10.15 -1.70 6.79
CA GLU B 18 10.10 -0.43 6.07
C GLU B 18 10.70 -0.58 4.67
N SER B 19 9.84 -0.54 3.66
CA SER B 19 10.29 -0.67 2.28
C SER B 19 9.12 -0.51 1.31
N CYS B 20 9.32 0.30 0.28
CA CYS B 20 8.29 0.55 -0.73
C CYS B 20 7.96 -0.74 -1.48
N TRP B 21 6.68 -1.09 -1.51
CA TRP B 21 6.23 -2.29 -2.20
C TRP B 21 6.51 -2.21 -3.71
N ASN B 22 6.66 -0.98 -4.21
CA ASN B 22 6.93 -0.76 -5.63
C ASN B 22 8.41 -0.47 -5.89
N CYS B 23 8.90 0.64 -5.33
CA CYS B 23 10.29 1.04 -5.52
C CYS B 23 11.26 -0.08 -5.12
N GLY B 24 11.22 -0.47 -3.84
CA GLY B 24 12.10 -1.52 -3.38
C GLY B 24 13.27 -0.98 -2.58
N ARG B 25 13.09 0.19 -1.99
CA ARG B 25 14.14 0.82 -1.19
C ARG B 25 13.61 1.22 0.18
N LYS B 26 12.67 2.16 0.20
CA LYS B 26 12.08 2.63 1.45
C LYS B 26 10.71 3.26 1.22
N ALA B 27 9.86 3.19 2.24
CA ALA B 27 8.51 3.74 2.15
C ALA B 27 8.10 4.39 3.47
N SER B 28 7.37 5.50 3.39
CA SER B 28 6.92 6.22 4.58
C SER B 28 5.39 6.31 4.64
N GLU B 29 4.72 5.85 3.60
CA GLU B 29 3.26 5.88 3.55
C GLU B 29 2.69 4.47 3.67
N THR B 30 1.44 4.39 4.11
CA THR B 30 0.78 3.10 4.30
C THR B 30 -0.62 3.11 3.69
N CYS B 31 -0.98 2.00 3.04
CA CYS B 31 -2.29 1.87 2.42
C CYS B 31 -3.38 1.82 3.50
N SER B 32 -4.12 2.90 3.65
CA SER B 32 -5.18 2.99 4.65
C SER B 32 -6.34 2.04 4.35
N GLY B 33 -6.34 1.44 3.16
CA GLY B 33 -7.39 0.52 2.80
C GLY B 33 -7.22 -0.85 3.44
N CYS B 34 -6.01 -1.38 3.36
CA CYS B 34 -5.72 -2.68 3.94
C CYS B 34 -4.79 -2.56 5.15
N ASN B 35 -4.19 -1.38 5.32
CA ASN B 35 -3.28 -1.13 6.42
C ASN B 35 -2.09 -2.08 6.38
N THR B 36 -1.81 -2.61 5.20
CA THR B 36 -0.70 -3.56 5.03
C THR B 36 0.33 -3.06 4.02
N ALA B 37 -0.16 -2.42 2.97
CA ALA B 37 0.70 -1.91 1.91
C ALA B 37 1.46 -0.67 2.35
N ARG B 38 2.61 -0.45 1.73
CA ARG B 38 3.45 0.71 2.03
C ARG B 38 4.00 1.33 0.76
N TYR B 39 4.08 2.66 0.71
CA TYR B 39 4.59 3.36 -0.46
C TYR B 39 5.20 4.70 -0.05
N CYS B 40 6.21 5.14 -0.79
CA CYS B 40 6.87 6.41 -0.50
C CYS B 40 6.25 7.56 -1.30
N GLY B 41 5.51 7.22 -2.36
CA GLY B 41 4.90 8.26 -3.17
C GLY B 41 3.60 7.81 -3.81
N SER B 42 2.69 8.75 -4.03
CA SER B 42 1.39 8.45 -4.63
C SER B 42 1.55 7.63 -5.91
N PHE B 43 2.63 7.88 -6.65
CA PHE B 43 2.88 7.16 -7.89
C PHE B 43 3.26 5.70 -7.60
N CYS B 44 3.99 5.50 -6.50
CA CYS B 44 4.42 4.16 -6.12
C CYS B 44 3.24 3.25 -5.81
N GLN B 45 2.25 3.77 -5.10
CA GLN B 45 1.07 2.99 -4.75
C GLN B 45 0.29 2.60 -6.01
N HIS B 46 0.21 3.51 -6.97
CA HIS B 46 -0.51 3.26 -8.22
C HIS B 46 0.23 2.24 -9.08
N LYS B 47 1.55 2.32 -9.07
CA LYS B 47 2.37 1.40 -9.87
C LYS B 47 2.08 -0.05 -9.50
N ASP B 48 2.16 -0.35 -8.22
CA ASP B 48 1.90 -1.70 -7.72
C ASP B 48 0.41 -1.93 -7.50
N TRP B 49 -0.38 -0.85 -7.57
CA TRP B 49 -1.83 -0.95 -7.36
C TRP B 49 -2.43 -2.12 -8.13
N GLU B 50 -2.01 -2.31 -9.37
CA GLU B 50 -2.55 -3.39 -10.20
C GLU B 50 -2.45 -4.75 -9.51
N LYS B 51 -1.30 -5.06 -8.95
CA LYS B 51 -1.11 -6.34 -8.28
C LYS B 51 -1.56 -6.26 -6.81
N HIS B 52 -1.30 -5.13 -6.17
CA HIS B 52 -1.66 -4.97 -4.76
C HIS B 52 -3.17 -4.96 -4.55
N HIS B 53 -3.91 -4.32 -5.45
CA HIS B 53 -5.36 -4.24 -5.31
C HIS B 53 -6.01 -5.60 -5.18
N HIS B 54 -5.40 -6.64 -5.73
CA HIS B 54 -5.95 -7.99 -5.61
C HIS B 54 -6.01 -8.39 -4.13
N ILE B 55 -5.08 -7.88 -3.33
CA ILE B 55 -5.02 -8.22 -1.91
C ILE B 55 -5.49 -7.09 -1.00
N CYS B 56 -5.83 -5.93 -1.59
CA CYS B 56 -6.28 -4.79 -0.79
C CYS B 56 -7.58 -5.10 -0.07
N GLY B 57 -7.47 -5.42 1.23
CA GLY B 57 -8.64 -5.73 2.03
C GLY B 57 -9.72 -4.67 1.90
N GLN B 58 -9.32 -3.44 1.62
CA GLN B 58 -10.27 -2.33 1.48
C GLN B 58 -11.07 -2.14 2.75
N THR B 59 -10.49 -2.53 3.88
CA THR B 59 -11.15 -2.40 5.17
C THR B 59 -10.15 -2.13 6.28
N LEU B 60 -10.60 -1.43 7.33
CA LEU B 60 -9.74 -1.10 8.45
C LEU B 60 -10.25 -1.74 9.74
N GLN B 61 -10.74 -2.96 9.63
CA GLN B 61 -11.27 -3.68 10.79
C GLN B 61 -10.13 -4.21 11.66
N ALA B 62 -10.13 -3.83 12.93
CA ALA B 62 -9.10 -4.28 13.87
C ALA B 62 -9.59 -4.18 15.31
N GLN B 63 -10.89 -4.37 15.49
CA GLN B 63 -11.48 -4.31 16.82
C GLN B 63 -12.90 -4.87 16.81
N GLN B 64 -13.05 -6.10 17.27
CA GLN B 64 -14.36 -6.76 17.32
C GLN B 64 -14.62 -7.35 18.70
N THR A 5 -7.72 2.51 -16.42
CA THR A 5 -7.64 1.03 -16.41
C THR A 5 -8.17 0.44 -15.11
N ILE A 6 -7.52 0.80 -14.01
CA ILE A 6 -7.93 0.31 -12.69
C ILE A 6 -8.64 1.40 -11.89
N SER A 7 -9.42 0.98 -10.90
CA SER A 7 -10.16 1.92 -10.06
C SER A 7 -9.20 2.82 -9.28
N ASN A 8 -9.75 3.56 -8.33
CA ASN A 8 -8.95 4.46 -7.51
C ASN A 8 -8.73 3.87 -6.11
N PRO A 9 -7.48 3.49 -5.79
CA PRO A 9 -7.16 2.91 -4.48
C PRO A 9 -7.28 3.92 -3.34
N PRO A 10 -7.58 3.44 -2.12
CA PRO A 10 -7.73 4.31 -0.95
C PRO A 10 -6.51 5.21 -0.76
N PRO A 11 -6.62 6.22 0.12
CA PRO A 11 -5.52 7.15 0.39
C PRO A 11 -4.39 6.52 1.19
N LEU A 12 -3.22 7.16 1.18
CA LEU A 12 -2.07 6.66 1.90
C LEU A 12 -1.92 7.38 3.24
N ILE A 13 -1.40 6.66 4.24
CA ILE A 13 -1.20 7.23 5.56
C ILE A 13 0.28 7.28 5.91
N SER A 14 0.78 8.47 6.23
CA SER A 14 2.19 8.63 6.58
C SER A 14 2.41 8.38 8.06
N SER A 15 3.41 7.56 8.37
CA SER A 15 3.73 7.23 9.75
C SER A 15 5.17 7.57 10.08
N ALA A 16 5.36 8.48 11.04
CA ALA A 16 6.69 8.91 11.44
C ALA A 16 6.72 9.29 12.91
N LYS A 17 6.76 8.29 13.78
CA LYS A 17 6.78 8.51 15.23
C LYS A 17 8.11 8.06 15.82
N ASP B 15 4.08 -2.27 13.18
CA ASP B 15 5.02 -1.40 12.49
C ASP B 15 6.46 -1.70 12.89
N SER B 16 7.31 -1.92 11.89
CA SER B 16 8.71 -2.22 12.14
C SER B 16 9.52 -2.19 10.83
N SER B 17 9.05 -2.92 9.83
CA SER B 17 9.72 -2.96 8.54
C SER B 17 9.34 -1.76 7.69
N GLU B 18 10.30 -1.25 6.92
CA GLU B 18 10.07 -0.10 6.06
C GLU B 18 10.66 -0.33 4.67
N SER B 19 9.79 -0.44 3.68
CA SER B 19 10.24 -0.67 2.30
C SER B 19 9.07 -0.52 1.32
N CYS B 20 9.27 0.27 0.28
CA CYS B 20 8.24 0.50 -0.72
C CYS B 20 7.93 -0.79 -1.48
N TRP B 21 6.65 -1.15 -1.52
CA TRP B 21 6.22 -2.36 -2.21
C TRP B 21 6.48 -2.26 -3.72
N ASN B 22 6.69 -1.04 -4.21
CA ASN B 22 6.93 -0.80 -5.62
C ASN B 22 8.40 -0.52 -5.89
N CYS B 23 8.91 0.57 -5.33
CA CYS B 23 10.30 0.96 -5.53
C CYS B 23 11.26 -0.15 -5.11
N GLY B 24 11.21 -0.53 -3.83
CA GLY B 24 12.09 -1.59 -3.35
C GLY B 24 13.27 -1.04 -2.57
N ARG B 25 13.11 0.16 -2.01
CA ARG B 25 14.17 0.79 -1.23
C ARG B 25 13.65 1.20 0.14
N LYS B 26 12.68 2.10 0.17
CA LYS B 26 12.10 2.57 1.43
C LYS B 26 10.74 3.21 1.20
N ALA B 27 9.90 3.17 2.22
CA ALA B 27 8.57 3.75 2.14
C ALA B 27 8.17 4.42 3.46
N SER B 28 7.45 5.53 3.36
CA SER B 28 7.03 6.28 4.55
C SER B 28 5.51 6.37 4.63
N GLU B 29 4.81 5.90 3.59
CA GLU B 29 3.36 5.94 3.58
C GLU B 29 2.79 4.54 3.71
N THR B 30 1.53 4.46 4.15
CA THR B 30 0.88 3.17 4.34
C THR B 30 -0.53 3.15 3.73
N CYS B 31 -0.88 2.05 3.11
CA CYS B 31 -2.19 1.91 2.48
C CYS B 31 -3.27 1.86 3.55
N SER B 32 -4.01 2.97 3.69
CA SER B 32 -5.08 3.05 4.69
C SER B 32 -6.24 2.10 4.39
N GLY B 33 -6.22 1.50 3.21
CA GLY B 33 -7.28 0.57 2.84
C GLY B 33 -7.13 -0.77 3.52
N CYS B 34 -5.93 -1.35 3.45
CA CYS B 34 -5.66 -2.64 4.06
C CYS B 34 -4.73 -2.48 5.27
N ASN B 35 -4.12 -1.30 5.41
CA ASN B 35 -3.21 -1.03 6.52
C ASN B 35 -2.03 -1.98 6.49
N THR B 36 -1.74 -2.54 5.32
CA THR B 36 -0.64 -3.49 5.18
C THR B 36 0.39 -3.03 4.15
N ALA B 37 -0.10 -2.41 3.08
CA ALA B 37 0.78 -1.94 2.02
C ALA B 37 1.54 -0.68 2.43
N ARG B 38 2.67 -0.45 1.78
CA ARG B 38 3.51 0.70 2.07
C ARG B 38 4.03 1.32 0.77
N TYR B 39 4.10 2.65 0.74
CA TYR B 39 4.58 3.36 -0.44
C TYR B 39 5.20 4.69 -0.06
N CYS B 40 6.22 5.11 -0.81
CA CYS B 40 6.90 6.36 -0.53
C CYS B 40 6.29 7.51 -1.35
N GLY B 41 5.56 7.19 -2.41
CA GLY B 41 4.94 8.22 -3.22
C GLY B 41 3.64 7.79 -3.87
N SER B 42 2.76 8.75 -4.09
CA SER B 42 1.46 8.48 -4.70
C SER B 42 1.60 7.63 -5.97
N PHE B 43 2.68 7.83 -6.70
CA PHE B 43 2.91 7.06 -7.92
C PHE B 43 3.23 5.61 -7.60
N CYS B 44 3.93 5.40 -6.48
CA CYS B 44 4.29 4.05 -6.06
C CYS B 44 3.07 3.21 -5.73
N GLN B 45 2.12 3.80 -5.00
CA GLN B 45 0.91 3.10 -4.63
C GLN B 45 0.12 2.68 -5.87
N HIS B 46 0.02 3.60 -6.84
CA HIS B 46 -0.68 3.33 -8.08
C HIS B 46 0.07 2.32 -8.96
N LYS B 47 1.40 2.43 -8.95
CA LYS B 47 2.24 1.53 -9.74
C LYS B 47 1.98 0.07 -9.39
N ASP B 48 2.06 -0.24 -8.10
CA ASP B 48 1.83 -1.61 -7.63
C ASP B 48 0.35 -1.87 -7.43
N TRP B 49 -0.46 -0.81 -7.53
CA TRP B 49 -1.91 -0.94 -7.36
C TRP B 49 -2.47 -2.14 -8.13
N GLU B 50 -2.02 -2.32 -9.37
CA GLU B 50 -2.50 -3.40 -10.21
C GLU B 50 -2.40 -4.77 -9.52
N LYS B 51 -1.24 -5.05 -8.93
CA LYS B 51 -1.03 -6.31 -8.24
C LYS B 51 -1.51 -6.26 -6.80
N HIS B 52 -1.31 -5.12 -6.15
CA HIS B 52 -1.71 -4.96 -4.75
C HIS B 52 -3.23 -5.01 -4.57
N HIS B 53 -3.95 -4.38 -5.49
CA HIS B 53 -5.41 -4.34 -5.40
C HIS B 53 -6.03 -5.73 -5.30
N HIS B 54 -5.38 -6.74 -5.86
CA HIS B 54 -5.90 -8.10 -5.76
C HIS B 54 -5.96 -8.52 -4.30
N ILE B 55 -5.02 -8.01 -3.50
CA ILE B 55 -4.94 -8.34 -2.08
C ILE B 55 -5.74 -7.37 -1.23
N CYS B 56 -5.44 -6.07 -1.38
CA CYS B 56 -6.12 -5.02 -0.62
C CYS B 56 -7.60 -5.30 -0.40
N GLY B 57 -8.15 -4.71 0.66
CA GLY B 57 -9.55 -4.90 0.98
C GLY B 57 -9.84 -6.29 1.51
N GLN B 58 -8.88 -6.84 2.25
CA GLN B 58 -9.04 -8.18 2.83
C GLN B 58 -9.57 -8.09 4.26
N THR B 59 -9.13 -7.09 5.00
CA THR B 59 -9.56 -6.90 6.37
C THR B 59 -9.98 -5.45 6.62
N LEU B 60 -11.09 -5.28 7.31
CA LEU B 60 -11.61 -3.94 7.61
C LEU B 60 -11.38 -3.59 9.08
N GLN B 61 -11.67 -4.54 9.97
CA GLN B 61 -11.50 -4.34 11.39
C GLN B 61 -10.76 -5.51 12.03
N ALA B 62 -10.00 -5.23 13.08
CA ALA B 62 -9.25 -6.27 13.78
C ALA B 62 -10.19 -7.23 14.51
N GLN B 63 -10.66 -8.24 13.78
CA GLN B 63 -11.56 -9.23 14.36
C GLN B 63 -10.87 -10.04 15.45
N GLN B 64 -11.33 -9.90 16.68
CA GLN B 64 -10.75 -10.62 17.81
C GLN B 64 -11.75 -11.61 18.39
N THR A 5 -7.18 0.54 -17.83
CA THR A 5 -6.84 1.18 -16.55
C THR A 5 -7.61 0.54 -15.39
N ILE A 6 -7.22 0.87 -14.16
CA ILE A 6 -7.86 0.33 -12.97
C ILE A 6 -8.41 1.45 -12.10
N SER A 7 -9.36 1.11 -11.22
CA SER A 7 -9.95 2.08 -10.32
C SER A 7 -8.89 2.80 -9.49
N ASN A 8 -9.31 3.78 -8.72
CA ASN A 8 -8.40 4.54 -7.87
C ASN A 8 -8.36 3.97 -6.46
N PRO A 9 -7.15 3.62 -5.96
CA PRO A 9 -7.00 3.06 -4.61
C PRO A 9 -7.30 4.08 -3.52
N PRO A 10 -7.41 3.62 -2.26
CA PRO A 10 -7.69 4.49 -1.11
C PRO A 10 -6.52 5.41 -0.78
N PRO A 11 -6.73 6.37 0.14
CA PRO A 11 -5.68 7.32 0.54
C PRO A 11 -4.54 6.64 1.30
N LEU A 12 -3.37 7.26 1.27
CA LEU A 12 -2.20 6.72 1.95
C LEU A 12 -2.03 7.37 3.33
N ILE A 13 -1.54 6.60 4.29
CA ILE A 13 -1.31 7.11 5.64
C ILE A 13 0.17 7.12 5.97
N SER A 14 0.68 8.30 6.34
CA SER A 14 2.09 8.45 6.69
C SER A 14 2.33 8.08 8.15
N SER A 15 3.31 7.22 8.39
CA SER A 15 3.64 6.79 9.74
C SER A 15 5.11 7.09 10.07
N ALA A 16 5.32 7.91 11.09
CA ALA A 16 6.67 8.28 11.50
C ALA A 16 6.80 8.33 13.01
N LYS A 17 7.95 7.91 13.53
CA LYS A 17 8.19 7.91 14.96
C LYS A 17 9.54 8.53 15.29
N ASP B 15 16.27 -4.98 11.41
CA ASP B 15 16.80 -5.52 10.16
C ASP B 15 15.93 -5.08 8.98
N SER B 16 14.65 -4.91 9.23
CA SER B 16 13.71 -4.49 8.19
C SER B 16 12.36 -4.12 8.79
N SER B 17 11.65 -3.22 8.12
CA SER B 17 10.34 -2.79 8.59
C SER B 17 9.70 -1.81 7.61
N GLU B 18 10.52 -0.92 7.06
CA GLU B 18 10.05 0.08 6.11
C GLU B 18 10.65 -0.17 4.73
N SER B 19 9.77 -0.37 3.74
CA SER B 19 10.22 -0.62 2.37
C SER B 19 9.07 -0.46 1.39
N CYS B 20 9.31 0.27 0.31
CA CYS B 20 8.30 0.51 -0.70
C CYS B 20 7.99 -0.77 -1.48
N TRP B 21 6.71 -1.13 -1.54
CA TRP B 21 6.28 -2.33 -2.24
C TRP B 21 6.58 -2.24 -3.73
N ASN B 22 6.71 -1.02 -4.24
CA ASN B 22 6.99 -0.79 -5.66
C ASN B 22 8.47 -0.49 -5.90
N CYS B 23 8.94 0.62 -5.34
CA CYS B 23 10.33 1.03 -5.51
C CYS B 23 11.30 -0.08 -5.09
N GLY B 24 11.25 -0.49 -3.84
CA GLY B 24 12.14 -1.53 -3.36
C GLY B 24 13.31 -0.98 -2.56
N ARG B 25 13.13 0.21 -2.00
CA ARG B 25 14.18 0.85 -1.21
C ARG B 25 13.65 1.24 0.17
N LYS B 26 12.68 2.14 0.20
CA LYS B 26 12.10 2.59 1.46
C LYS B 26 10.72 3.23 1.22
N ALA B 27 9.87 3.15 2.24
CA ALA B 27 8.53 3.72 2.16
C ALA B 27 8.11 4.35 3.48
N SER B 28 7.38 5.46 3.42
CA SER B 28 6.92 6.16 4.61
C SER B 28 5.40 6.26 4.66
N GLU B 29 4.73 5.80 3.61
CA GLU B 29 3.27 5.84 3.56
C GLU B 29 2.69 4.44 3.67
N THR B 30 1.44 4.35 4.11
CA THR B 30 0.78 3.07 4.28
C THR B 30 -0.63 3.09 3.69
N CYS B 31 -1.00 1.99 3.04
CA CYS B 31 -2.32 1.87 2.43
C CYS B 31 -3.39 1.80 3.52
N SER B 32 -4.14 2.90 3.68
CA SER B 32 -5.19 2.98 4.69
C SER B 32 -6.36 2.03 4.38
N GLY B 33 -6.35 1.44 3.19
CA GLY B 33 -7.43 0.52 2.82
C GLY B 33 -7.25 -0.85 3.43
N CYS B 34 -6.03 -1.37 3.38
CA CYS B 34 -5.73 -2.69 3.94
C CYS B 34 -4.80 -2.57 5.15
N ASN B 35 -4.19 -1.40 5.32
CA ASN B 35 -3.28 -1.17 6.44
C ASN B 35 -2.09 -2.13 6.38
N THR B 36 -1.81 -2.65 5.19
CA THR B 36 -0.71 -3.59 5.02
C THR B 36 0.31 -3.11 4.00
N ALA B 37 -0.17 -2.45 2.95
CA ALA B 37 0.70 -1.94 1.89
C ALA B 37 1.47 -0.71 2.35
N ARG B 38 2.62 -0.49 1.71
CA ARG B 38 3.46 0.66 2.03
C ARG B 38 4.01 1.28 0.75
N TYR B 39 4.09 2.61 0.71
CA TYR B 39 4.60 3.31 -0.45
C TYR B 39 5.21 4.65 -0.05
N CYS B 40 6.22 5.09 -0.79
CA CYS B 40 6.89 6.35 -0.50
C CYS B 40 6.27 7.51 -1.29
N GLY B 41 5.54 7.19 -2.36
CA GLY B 41 4.95 8.23 -3.17
C GLY B 41 3.66 7.79 -3.84
N SER B 42 2.76 8.76 -4.08
CA SER B 42 1.47 8.49 -4.70
C SER B 42 1.62 7.72 -6.01
N PHE B 43 2.80 7.80 -6.62
CA PHE B 43 3.04 7.10 -7.88
C PHE B 43 3.39 5.64 -7.62
N CYS B 44 4.09 5.39 -6.52
CA CYS B 44 4.50 4.02 -6.16
C CYS B 44 3.28 3.15 -5.86
N GLN B 45 2.34 3.70 -5.10
CA GLN B 45 1.14 2.96 -4.75
C GLN B 45 0.34 2.59 -6.00
N HIS B 46 0.26 3.52 -6.94
CA HIS B 46 -0.48 3.29 -8.19
C HIS B 46 0.24 2.28 -9.07
N LYS B 47 1.57 2.33 -9.07
CA LYS B 47 2.37 1.41 -9.88
C LYS B 47 2.07 -0.04 -9.54
N ASP B 48 2.14 -0.36 -8.25
CA ASP B 48 1.86 -1.72 -7.79
C ASP B 48 0.37 -1.94 -7.57
N TRP B 49 -0.40 -0.86 -7.63
CA TRP B 49 -1.85 -0.92 -7.42
C TRP B 49 -2.48 -2.08 -8.19
N GLU B 50 -2.09 -2.26 -9.45
CA GLU B 50 -2.63 -3.32 -10.28
C GLU B 50 -2.53 -4.68 -9.60
N LYS B 51 -1.39 -4.96 -8.99
CA LYS B 51 -1.18 -6.22 -8.29
C LYS B 51 -1.67 -6.15 -6.85
N HIS B 52 -1.34 -5.07 -6.17
CA HIS B 52 -1.73 -4.89 -4.78
C HIS B 52 -3.24 -4.88 -4.57
N HIS B 53 -3.97 -4.24 -5.48
CA HIS B 53 -5.42 -4.15 -5.35
C HIS B 53 -6.08 -5.52 -5.21
N HIS B 54 -5.48 -6.56 -5.77
CA HIS B 54 -6.04 -7.91 -5.64
C HIS B 54 -6.13 -8.31 -4.17
N ILE B 55 -5.20 -7.80 -3.35
CA ILE B 55 -5.17 -8.14 -1.94
C ILE B 55 -5.67 -7.00 -1.04
N CYS B 56 -5.98 -5.85 -1.63
CA CYS B 56 -6.45 -4.71 -0.84
C CYS B 56 -7.81 -5.01 -0.22
N GLY B 57 -7.79 -5.31 1.07
CA GLY B 57 -9.01 -5.61 1.79
C GLY B 57 -8.76 -6.43 3.04
N GLN B 58 -7.56 -7.01 3.14
CA GLN B 58 -7.20 -7.83 4.29
C GLN B 58 -6.31 -7.05 5.25
N THR B 59 -6.76 -6.90 6.49
CA THR B 59 -6.00 -6.18 7.51
C THR B 59 -4.65 -6.85 7.74
N LEU B 60 -4.68 -8.08 8.24
CA LEU B 60 -3.46 -8.82 8.50
C LEU B 60 -3.60 -10.28 8.06
N GLN B 61 -2.54 -10.82 7.47
CA GLN B 61 -2.54 -12.19 6.99
C GLN B 61 -1.82 -13.11 7.98
N ALA B 62 -2.03 -14.41 7.84
CA ALA B 62 -1.40 -15.39 8.73
C ALA B 62 -0.71 -16.49 7.92
N GLN B 63 0.50 -16.83 8.33
CA GLN B 63 1.27 -17.87 7.66
C GLN B 63 1.73 -18.94 8.63
N GLN B 64 2.29 -18.50 9.76
CA GLN B 64 2.78 -19.42 10.79
C GLN B 64 1.91 -19.33 12.04
N THR A 5 -5.29 1.88 -16.03
CA THR A 5 -6.76 1.73 -16.18
C THR A 5 -7.34 0.92 -15.03
N ILE A 6 -7.21 1.43 -13.81
CA ILE A 6 -7.72 0.76 -12.62
C ILE A 6 -8.44 1.74 -11.70
N SER A 7 -9.27 1.21 -10.82
CA SER A 7 -10.03 2.04 -9.88
C SER A 7 -9.08 2.89 -9.04
N ASN A 8 -9.66 3.83 -8.28
CA ASN A 8 -8.87 4.71 -7.43
C ASN A 8 -8.65 4.10 -6.05
N PRO A 9 -7.41 3.72 -5.72
CA PRO A 9 -7.09 3.12 -4.42
C PRO A 9 -7.26 4.11 -3.27
N PRO A 10 -7.58 3.62 -2.06
CA PRO A 10 -7.76 4.46 -0.87
C PRO A 10 -6.57 5.38 -0.63
N PRO A 11 -6.70 6.34 0.29
CA PRO A 11 -5.63 7.29 0.62
C PRO A 11 -4.48 6.62 1.36
N LEU A 12 -3.31 7.25 1.31
CA LEU A 12 -2.13 6.73 1.98
C LEU A 12 -1.94 7.38 3.35
N ILE A 13 -1.43 6.61 4.31
CA ILE A 13 -1.20 7.14 5.65
C ILE A 13 0.29 7.17 5.98
N SER A 14 0.80 8.34 6.32
CA SER A 14 2.20 8.51 6.66
C SER A 14 2.46 8.14 8.12
N SER A 15 3.43 7.25 8.33
CA SER A 15 3.78 6.82 9.68
C SER A 15 5.23 7.15 10.00
N ALA A 16 5.44 8.03 10.97
CA ALA A 16 6.78 8.43 11.37
C ALA A 16 6.85 8.69 12.87
N LYS A 17 7.64 7.89 13.57
CA LYS A 17 7.80 8.04 15.01
C LYS A 17 9.23 8.43 15.38
N ASP B 15 17.25 -7.22 8.94
CA ASP B 15 15.86 -7.22 9.36
C ASP B 15 14.96 -6.65 8.27
N SER B 16 13.66 -6.63 8.54
CA SER B 16 12.69 -6.10 7.58
C SER B 16 11.84 -5.00 8.21
N SER B 17 11.99 -3.79 7.70
CA SER B 17 11.22 -2.66 8.22
C SER B 17 11.33 -1.46 7.28
N GLU B 18 10.18 -0.87 6.95
CA GLU B 18 10.15 0.29 6.06
C GLU B 18 10.71 -0.07 4.68
N SER B 19 9.82 -0.25 3.72
CA SER B 19 10.24 -0.59 2.36
C SER B 19 9.08 -0.45 1.38
N CYS B 20 9.30 0.29 0.30
CA CYS B 20 8.29 0.52 -0.71
C CYS B 20 7.98 -0.76 -1.47
N TRP B 21 6.70 -1.13 -1.51
CA TRP B 21 6.27 -2.34 -2.20
C TRP B 21 6.56 -2.25 -3.71
N ASN B 22 6.72 -1.03 -4.21
CA ASN B 22 6.98 -0.80 -5.63
C ASN B 22 8.46 -0.51 -5.89
N CYS B 23 8.95 0.59 -5.32
CA CYS B 23 10.34 0.99 -5.50
C CYS B 23 11.30 -0.11 -5.09
N GLY B 24 11.25 -0.52 -3.82
CA GLY B 24 12.14 -1.56 -3.35
C GLY B 24 13.31 -1.01 -2.55
N ARG B 25 13.13 0.18 -1.99
CA ARG B 25 14.18 0.82 -1.20
C ARG B 25 13.65 1.20 0.18
N LYS B 26 12.69 2.11 0.22
CA LYS B 26 12.11 2.56 1.47
C LYS B 26 10.73 3.19 1.25
N ALA B 27 9.89 3.14 2.26
CA ALA B 27 8.55 3.70 2.18
C ALA B 27 8.15 4.35 3.50
N SER B 28 7.42 5.46 3.43
CA SER B 28 6.97 6.18 4.61
C SER B 28 5.45 6.28 4.68
N GLU B 29 4.78 5.83 3.62
CA GLU B 29 3.31 5.87 3.59
C GLU B 29 2.74 4.46 3.68
N THR B 30 1.49 4.37 4.11
CA THR B 30 0.82 3.09 4.28
C THR B 30 -0.58 3.10 3.68
N CYS B 31 -0.95 2.01 3.01
CA CYS B 31 -2.27 1.89 2.41
C CYS B 31 -3.34 1.84 3.49
N SER B 32 -4.05 2.96 3.67
CA SER B 32 -5.10 3.06 4.68
C SER B 32 -6.26 2.12 4.40
N GLY B 33 -6.28 1.52 3.21
CA GLY B 33 -7.36 0.61 2.87
C GLY B 33 -7.19 -0.76 3.50
N CYS B 34 -5.98 -1.29 3.45
CA CYS B 34 -5.69 -2.59 4.03
C CYS B 34 -4.75 -2.48 5.23
N ASN B 35 -4.12 -1.32 5.39
CA ASN B 35 -3.19 -1.09 6.48
C ASN B 35 -2.03 -2.08 6.43
N THR B 36 -1.76 -2.62 5.24
CA THR B 36 -0.69 -3.60 5.06
C THR B 36 0.34 -3.12 4.04
N ALA B 37 -0.15 -2.47 2.99
CA ALA B 37 0.72 -1.97 1.93
C ALA B 37 1.48 -0.73 2.36
N ARG B 38 2.63 -0.50 1.73
CA ARG B 38 3.46 0.65 2.04
C ARG B 38 4.01 1.27 0.76
N TYR B 39 4.08 2.59 0.72
CA TYR B 39 4.59 3.30 -0.45
C TYR B 39 5.19 4.65 -0.04
N CYS B 40 6.21 5.09 -0.78
CA CYS B 40 6.86 6.35 -0.48
C CYS B 40 6.25 7.50 -1.28
N GLY B 41 5.54 7.17 -2.36
CA GLY B 41 4.92 8.20 -3.17
C GLY B 41 3.64 7.76 -3.84
N SER B 42 2.73 8.71 -4.06
CA SER B 42 1.44 8.42 -4.69
C SER B 42 1.61 7.58 -5.95
N PHE B 43 2.70 7.81 -6.68
CA PHE B 43 2.96 7.08 -7.91
C PHE B 43 3.32 5.62 -7.60
N CYS B 44 4.03 5.41 -6.50
CA CYS B 44 4.45 4.08 -6.10
C CYS B 44 3.25 3.19 -5.80
N GLN B 45 2.27 3.73 -5.08
CA GLN B 45 1.09 2.96 -4.73
C GLN B 45 0.29 2.61 -5.97
N HIS B 46 0.22 3.53 -6.93
CA HIS B 46 -0.51 3.31 -8.17
C HIS B 46 0.21 2.28 -9.04
N LYS B 47 1.54 2.34 -9.05
CA LYS B 47 2.35 1.41 -9.85
C LYS B 47 2.04 -0.03 -9.49
N ASP B 48 2.11 -0.34 -8.20
CA ASP B 48 1.83 -1.68 -7.71
C ASP B 48 0.34 -1.90 -7.50
N TRP B 49 -0.44 -0.81 -7.57
CA TRP B 49 -1.88 -0.89 -7.36
C TRP B 49 -2.50 -2.05 -8.14
N GLU B 50 -2.08 -2.23 -9.39
CA GLU B 50 -2.61 -3.29 -10.23
C GLU B 50 -2.54 -4.65 -9.56
N LYS B 51 -1.37 -4.99 -8.99
CA LYS B 51 -1.20 -6.28 -8.34
C LYS B 51 -1.64 -6.23 -6.88
N HIS B 52 -1.40 -5.10 -6.22
CA HIS B 52 -1.75 -4.96 -4.82
C HIS B 52 -3.26 -4.95 -4.60
N HIS B 53 -4.00 -4.29 -5.50
CA HIS B 53 -5.45 -4.19 -5.38
C HIS B 53 -6.11 -5.57 -5.25
N HIS B 54 -5.49 -6.60 -5.84
CA HIS B 54 -6.05 -7.95 -5.74
C HIS B 54 -6.09 -8.38 -4.27
N ILE B 55 -5.14 -7.90 -3.48
CA ILE B 55 -5.05 -8.26 -2.06
C ILE B 55 -5.56 -7.16 -1.15
N CYS B 56 -5.92 -6.01 -1.72
CA CYS B 56 -6.42 -4.89 -0.91
C CYS B 56 -7.80 -5.18 -0.37
N GLY B 57 -7.92 -5.16 0.96
CA GLY B 57 -9.19 -5.41 1.61
C GLY B 57 -9.11 -6.51 2.66
N GLN B 58 -7.90 -6.87 3.06
CA GLN B 58 -7.71 -7.91 4.07
C GLN B 58 -8.33 -9.22 3.61
N THR B 59 -8.00 -10.29 4.33
CA THR B 59 -8.52 -11.62 4.01
C THR B 59 -9.14 -12.28 5.24
N LEU B 60 -9.68 -11.45 6.14
CA LEU B 60 -10.29 -11.94 7.37
C LEU B 60 -11.82 -11.85 7.28
N GLN B 61 -12.49 -12.75 7.98
CA GLN B 61 -13.95 -12.78 7.99
C GLN B 61 -14.50 -12.42 9.36
N ALA B 62 -15.48 -11.53 9.39
CA ALA B 62 -16.09 -11.11 10.65
C ALA B 62 -15.07 -10.45 11.56
N GLN B 63 -15.52 -10.01 12.73
CA GLN B 63 -14.64 -9.35 13.69
C GLN B 63 -14.52 -10.19 14.96
N GLN B 64 -13.34 -10.75 15.18
CA GLN B 64 -13.09 -11.58 16.36
C GLN B 64 -12.49 -10.75 17.49
N THR A 5 -5.70 1.76 -16.40
CA THR A 5 -6.89 2.58 -16.03
C THR A 5 -7.70 1.89 -14.93
N ILE A 6 -7.01 1.40 -13.91
CA ILE A 6 -7.68 0.73 -12.80
C ILE A 6 -8.35 1.73 -11.87
N SER A 7 -9.30 1.24 -11.07
CA SER A 7 -10.01 2.09 -10.13
C SER A 7 -9.06 2.80 -9.18
N ASN A 8 -9.49 3.95 -8.66
CA ASN A 8 -8.66 4.71 -7.74
C ASN A 8 -8.57 4.02 -6.37
N PRO A 9 -7.35 3.82 -5.84
CA PRO A 9 -7.16 3.16 -4.55
C PRO A 9 -7.46 4.11 -3.37
N PRO A 10 -7.40 3.59 -2.14
CA PRO A 10 -7.65 4.39 -0.94
C PRO A 10 -6.51 5.35 -0.62
N PRO A 11 -6.72 6.27 0.33
CA PRO A 11 -5.70 7.25 0.71
C PRO A 11 -4.53 6.61 1.46
N LEU A 12 -3.38 7.25 1.40
CA LEU A 12 -2.18 6.75 2.06
C LEU A 12 -2.00 7.41 3.43
N ILE A 13 -1.49 6.65 4.38
CA ILE A 13 -1.25 7.15 5.73
C ILE A 13 0.24 7.17 6.07
N SER A 14 0.75 8.35 6.42
CA SER A 14 2.16 8.49 6.75
C SER A 14 2.40 8.20 8.23
N SER A 15 3.40 7.36 8.50
CA SER A 15 3.73 7.00 9.87
C SER A 15 5.21 7.21 10.15
N ALA A 16 5.50 8.11 11.10
CA ALA A 16 6.87 8.41 11.46
C ALA A 16 6.96 9.09 12.82
N LYS A 17 6.91 8.29 13.88
CA LYS A 17 6.97 8.80 15.24
C LYS A 17 8.41 9.03 15.67
N ASP B 15 3.91 -4.47 12.73
CA ASP B 15 2.71 -3.93 12.09
C ASP B 15 2.96 -3.65 10.61
N SER B 16 4.20 -3.27 10.30
CA SER B 16 4.58 -2.97 8.92
C SER B 16 6.09 -2.93 8.76
N SER B 17 6.55 -2.87 7.52
CA SER B 17 7.98 -2.82 7.23
C SER B 17 8.36 -1.51 6.54
N GLU B 18 9.62 -1.12 6.67
CA GLU B 18 10.10 0.12 6.07
C GLU B 18 10.69 -0.15 4.69
N SER B 19 9.81 -0.36 3.71
CA SER B 19 10.24 -0.61 2.34
C SER B 19 9.07 -0.48 1.37
N CYS B 20 9.29 0.28 0.29
CA CYS B 20 8.26 0.49 -0.71
C CYS B 20 7.95 -0.80 -1.48
N TRP B 21 6.67 -1.17 -1.51
CA TRP B 21 6.26 -2.38 -2.19
C TRP B 21 6.53 -2.30 -3.69
N ASN B 22 6.70 -1.08 -4.20
CA ASN B 22 6.96 -0.86 -5.62
C ASN B 22 8.44 -0.55 -5.88
N CYS B 23 8.91 0.56 -5.32
CA CYS B 23 10.30 0.98 -5.50
C CYS B 23 11.27 -0.11 -5.10
N GLY B 24 11.23 -0.52 -3.84
CA GLY B 24 12.13 -1.55 -3.36
C GLY B 24 13.32 -0.99 -2.60
N ARG B 25 13.16 0.21 -2.06
CA ARG B 25 14.22 0.86 -1.30
C ARG B 25 13.73 1.28 0.08
N LYS B 26 12.69 2.11 0.11
CA LYS B 26 12.13 2.58 1.37
C LYS B 26 10.77 3.24 1.16
N ALA B 27 9.93 3.19 2.20
CA ALA B 27 8.60 3.78 2.13
C ALA B 27 8.21 4.41 3.47
N SER B 28 7.48 5.52 3.40
CA SER B 28 7.04 6.22 4.61
C SER B 28 5.52 6.32 4.69
N GLU B 29 4.83 5.85 3.65
CA GLU B 29 3.36 5.91 3.62
C GLU B 29 2.79 4.50 3.75
N THR B 30 1.55 4.42 4.21
CA THR B 30 0.88 3.14 4.40
C THR B 30 -0.52 3.14 3.81
N CYS B 31 -0.89 2.04 3.16
CA CYS B 31 -2.21 1.90 2.57
C CYS B 31 -3.29 1.84 3.65
N SER B 32 -4.05 2.92 3.78
CA SER B 32 -5.11 2.99 4.79
C SER B 32 -6.26 2.04 4.48
N GLY B 33 -6.26 1.44 3.29
CA GLY B 33 -7.32 0.53 2.92
C GLY B 33 -7.16 -0.83 3.58
N CYS B 34 -5.96 -1.40 3.49
CA CYS B 34 -5.69 -2.69 4.10
C CYS B 34 -4.74 -2.55 5.30
N ASN B 35 -4.14 -1.37 5.44
CA ASN B 35 -3.22 -1.11 6.54
C ASN B 35 -2.03 -2.07 6.49
N THR B 36 -1.75 -2.60 5.31
CA THR B 36 -0.64 -3.53 5.15
C THR B 36 0.38 -3.06 4.11
N ALA B 37 -0.12 -2.43 3.06
CA ALA B 37 0.73 -1.93 1.99
C ALA B 37 1.50 -0.69 2.42
N ARG B 38 2.64 -0.47 1.78
CA ARG B 38 3.48 0.69 2.07
C ARG B 38 4.02 1.30 0.78
N TYR B 39 4.10 2.63 0.74
CA TYR B 39 4.59 3.33 -0.44
C TYR B 39 5.22 4.67 -0.04
N CYS B 40 6.22 5.10 -0.81
CA CYS B 40 6.90 6.35 -0.52
C CYS B 40 6.27 7.51 -1.31
N GLY B 41 5.53 7.19 -2.37
CA GLY B 41 4.90 8.23 -3.17
C GLY B 41 3.60 7.80 -3.79
N SER B 42 2.68 8.74 -3.98
CA SER B 42 1.38 8.45 -4.57
C SER B 42 1.52 7.65 -5.86
N PHE B 43 2.59 7.92 -6.61
CA PHE B 43 2.83 7.22 -7.86
C PHE B 43 3.21 5.77 -7.60
N CYS B 44 3.94 5.53 -6.51
CA CYS B 44 4.38 4.18 -6.16
C CYS B 44 3.19 3.28 -5.87
N GLN B 45 2.21 3.80 -5.16
CA GLN B 45 1.03 3.02 -4.81
C GLN B 45 0.26 2.61 -6.06
N HIS B 46 0.19 3.51 -7.05
CA HIS B 46 -0.51 3.23 -8.29
C HIS B 46 0.23 2.19 -9.13
N LYS B 47 1.55 2.25 -9.11
CA LYS B 47 2.39 1.33 -9.89
C LYS B 47 2.08 -0.12 -9.50
N ASP B 48 2.14 -0.39 -8.21
CA ASP B 48 1.87 -1.74 -7.71
C ASP B 48 0.36 -1.96 -7.50
N TRP B 49 -0.41 -0.88 -7.59
CA TRP B 49 -1.86 -0.95 -7.40
C TRP B 49 -2.46 -2.14 -8.15
N GLU B 50 -2.06 -2.31 -9.41
CA GLU B 50 -2.59 -3.39 -10.25
C GLU B 50 -2.46 -4.75 -9.54
N LYS B 51 -1.31 -4.98 -8.92
CA LYS B 51 -1.07 -6.24 -8.22
C LYS B 51 -1.58 -6.18 -6.79
N HIS B 52 -1.30 -5.09 -6.09
CA HIS B 52 -1.71 -4.94 -4.70
C HIS B 52 -3.22 -4.97 -4.52
N HIS B 53 -3.95 -4.32 -5.42
CA HIS B 53 -5.41 -4.28 -5.33
C HIS B 53 -6.04 -5.66 -5.25
N HIS B 54 -5.39 -6.67 -5.84
CA HIS B 54 -5.92 -8.02 -5.77
C HIS B 54 -5.99 -8.48 -4.31
N ILE B 55 -5.07 -7.96 -3.49
CA ILE B 55 -5.00 -8.32 -2.08
C ILE B 55 -5.81 -7.35 -1.21
N CYS B 56 -5.51 -6.05 -1.34
CA CYS B 56 -6.17 -5.00 -0.57
C CYS B 56 -7.65 -5.28 -0.37
N GLY B 57 -8.21 -4.67 0.68
CA GLY B 57 -9.62 -4.83 0.98
C GLY B 57 -9.89 -6.12 1.73
N GLN B 58 -8.85 -6.73 2.29
CA GLN B 58 -8.99 -7.97 3.05
C GLN B 58 -9.44 -9.12 2.14
N THR B 59 -10.71 -9.09 1.73
CA THR B 59 -11.25 -10.12 0.86
C THR B 59 -12.49 -9.62 0.12
N LEU B 60 -13.09 -10.50 -0.67
CA LEU B 60 -14.29 -10.14 -1.43
C LEU B 60 -15.53 -10.82 -0.84
N GLN B 61 -16.69 -10.37 -1.27
CA GLN B 61 -17.96 -10.94 -0.79
C GLN B 61 -18.09 -12.39 -1.21
N ALA B 62 -19.16 -13.05 -0.75
CA ALA B 62 -19.41 -14.45 -1.08
C ALA B 62 -20.82 -14.64 -1.60
N GLN B 63 -21.35 -13.61 -2.27
CA GLN B 63 -22.69 -13.68 -2.83
C GLN B 63 -22.65 -13.66 -4.36
N GLN B 64 -23.55 -14.40 -4.98
CA GLN B 64 -23.62 -14.47 -6.44
C GLN B 64 -22.32 -15.02 -7.02
N THR A 5 -7.44 1.09 -17.51
CA THR A 5 -6.95 1.61 -16.20
C THR A 5 -7.74 1.00 -15.04
N ILE A 6 -7.20 1.12 -13.84
CA ILE A 6 -7.84 0.58 -12.65
C ILE A 6 -8.42 1.69 -11.78
N SER A 7 -9.36 1.33 -10.91
CA SER A 7 -9.98 2.32 -10.03
C SER A 7 -8.94 3.00 -9.15
N ASN A 8 -9.36 4.02 -8.41
CA ASN A 8 -8.46 4.77 -7.54
C ASN A 8 -8.37 4.11 -6.17
N PRO A 9 -7.17 3.60 -5.80
CA PRO A 9 -6.96 2.94 -4.51
C PRO A 9 -7.08 3.91 -3.34
N PRO A 10 -7.30 3.37 -2.12
CA PRO A 10 -7.43 4.19 -0.91
C PRO A 10 -6.22 5.09 -0.71
N PRO A 11 -6.35 6.12 0.15
CA PRO A 11 -5.26 7.07 0.42
C PRO A 11 -4.14 6.45 1.24
N LEU A 12 -2.99 7.11 1.26
CA LEU A 12 -1.84 6.62 2.01
C LEU A 12 -1.71 7.35 3.34
N ILE A 13 -1.19 6.65 4.35
CA ILE A 13 -1.01 7.22 5.68
C ILE A 13 0.48 7.28 6.04
N SER A 14 0.96 8.48 6.34
CA SER A 14 2.36 8.66 6.70
C SER A 14 2.59 8.35 8.17
N SER A 15 3.60 7.54 8.45
CA SER A 15 3.93 7.16 9.82
C SER A 15 5.38 7.49 10.15
N ALA A 16 5.57 8.43 11.06
CA ALA A 16 6.91 8.84 11.47
C ALA A 16 6.88 9.59 12.79
N LYS A 17 7.34 8.92 13.86
CA LYS A 17 7.36 9.53 15.18
C LYS A 17 8.64 10.35 15.39
N ASP B 15 2.91 -4.91 13.01
CA ASP B 15 4.20 -4.27 12.78
C ASP B 15 4.80 -4.70 11.45
N SER B 16 5.12 -3.72 10.61
CA SER B 16 5.70 -4.01 9.29
C SER B 16 7.03 -3.27 9.13
N SER B 17 7.86 -3.75 8.21
CA SER B 17 9.16 -3.15 7.95
C SER B 17 9.01 -1.87 7.13
N GLU B 18 10.13 -1.23 6.84
CA GLU B 18 10.14 0.01 6.07
C GLU B 18 10.71 -0.22 4.68
N SER B 19 9.83 -0.40 3.70
CA SER B 19 10.27 -0.63 2.32
C SER B 19 9.10 -0.47 1.35
N CYS B 20 9.32 0.29 0.30
CA CYS B 20 8.28 0.53 -0.71
C CYS B 20 7.96 -0.75 -1.47
N TRP B 21 6.68 -1.11 -1.51
CA TRP B 21 6.24 -2.30 -2.21
C TRP B 21 6.51 -2.22 -3.71
N ASN B 22 6.69 -1.00 -4.20
CA ASN B 22 6.94 -0.77 -5.63
C ASN B 22 8.43 -0.49 -5.90
N CYS B 23 8.91 0.62 -5.34
CA CYS B 23 10.31 1.03 -5.53
C CYS B 23 11.27 -0.08 -5.11
N GLY B 24 11.21 -0.48 -3.85
CA GLY B 24 12.09 -1.52 -3.36
C GLY B 24 13.27 -0.98 -2.59
N ARG B 25 13.12 0.22 -2.04
CA ARG B 25 14.17 0.86 -1.27
C ARG B 25 13.67 1.26 0.12
N LYS B 26 12.67 2.14 0.15
CA LYS B 26 12.10 2.59 1.42
C LYS B 26 10.74 3.25 1.20
N ALA B 27 9.90 3.19 2.22
CA ALA B 27 8.56 3.78 2.15
C ALA B 27 8.17 4.41 3.48
N SER B 28 7.45 5.53 3.41
CA SER B 28 7.02 6.24 4.62
C SER B 28 5.49 6.34 4.69
N GLU B 29 4.81 5.88 3.65
CA GLU B 29 3.35 5.93 3.62
C GLU B 29 2.78 4.51 3.74
N THR B 30 1.53 4.44 4.19
CA THR B 30 0.87 3.15 4.37
C THR B 30 -0.54 3.15 3.78
N CYS B 31 -0.91 2.04 3.14
CA CYS B 31 -2.22 1.92 2.54
C CYS B 31 -3.30 1.87 3.63
N SER B 32 -4.03 2.97 3.78
CA SER B 32 -5.08 3.06 4.80
C SER B 32 -6.25 2.11 4.50
N GLY B 33 -6.25 1.52 3.31
CA GLY B 33 -7.32 0.60 2.96
C GLY B 33 -7.17 -0.76 3.62
N CYS B 34 -5.97 -1.31 3.54
CA CYS B 34 -5.69 -2.62 4.15
C CYS B 34 -4.76 -2.48 5.33
N ASN B 35 -4.13 -1.31 5.48
CA ASN B 35 -3.20 -1.05 6.57
C ASN B 35 -2.03 -2.02 6.53
N THR B 36 -1.73 -2.56 5.36
CA THR B 36 -0.65 -3.51 5.20
C THR B 36 0.37 -3.05 4.16
N ALA B 37 -0.11 -2.43 3.10
CA ALA B 37 0.75 -1.94 2.03
C ALA B 37 1.53 -0.70 2.46
N ARG B 38 2.66 -0.47 1.79
CA ARG B 38 3.51 0.67 2.08
C ARG B 38 4.03 1.29 0.79
N TYR B 39 4.10 2.62 0.75
CA TYR B 39 4.58 3.32 -0.43
C TYR B 39 5.20 4.66 -0.05
N CYS B 40 6.22 5.08 -0.80
CA CYS B 40 6.89 6.33 -0.53
C CYS B 40 6.28 7.48 -1.33
N GLY B 41 5.56 7.15 -2.41
CA GLY B 41 4.95 8.18 -3.21
C GLY B 41 3.66 7.72 -3.88
N SER B 42 2.75 8.66 -4.11
CA SER B 42 1.47 8.36 -4.75
C SER B 42 1.65 7.51 -6.00
N PHE B 43 2.71 7.78 -6.75
CA PHE B 43 2.97 7.02 -7.97
C PHE B 43 3.31 5.57 -7.64
N CYS B 44 3.99 5.37 -6.51
CA CYS B 44 4.36 4.02 -6.09
C CYS B 44 3.14 3.18 -5.77
N GLN B 45 2.18 3.75 -5.04
CA GLN B 45 0.97 3.03 -4.68
C GLN B 45 0.19 2.64 -5.93
N HIS B 46 0.11 3.56 -6.89
CA HIS B 46 -0.60 3.31 -8.14
C HIS B 46 0.14 2.31 -9.01
N LYS B 47 1.47 2.39 -9.01
CA LYS B 47 2.29 1.49 -9.81
C LYS B 47 2.02 0.02 -9.49
N ASP B 48 2.09 -0.31 -8.20
CA ASP B 48 1.84 -1.67 -7.75
C ASP B 48 0.35 -1.92 -7.56
N TRP B 49 -0.45 -0.86 -7.65
CA TRP B 49 -1.90 -0.96 -7.48
C TRP B 49 -2.48 -2.15 -8.22
N GLU B 50 -2.06 -2.35 -9.48
CA GLU B 50 -2.56 -3.45 -10.28
C GLU B 50 -2.39 -4.79 -9.56
N LYS B 51 -1.27 -4.95 -8.86
CA LYS B 51 -0.99 -6.17 -8.13
C LYS B 51 -1.59 -6.12 -6.72
N HIS B 52 -1.31 -5.02 -6.02
CA HIS B 52 -1.78 -4.85 -4.65
C HIS B 52 -3.31 -4.94 -4.53
N HIS B 53 -4.03 -4.31 -5.45
CA HIS B 53 -5.49 -4.33 -5.41
C HIS B 53 -6.05 -5.74 -5.37
N HIS B 54 -5.34 -6.71 -5.93
CA HIS B 54 -5.81 -8.09 -5.90
C HIS B 54 -5.95 -8.57 -4.46
N ILE B 55 -5.16 -7.98 -3.56
CA ILE B 55 -5.19 -8.37 -2.15
C ILE B 55 -5.91 -7.34 -1.28
N CYS B 56 -5.55 -6.07 -1.45
CA CYS B 56 -6.15 -4.98 -0.68
C CYS B 56 -7.65 -5.17 -0.45
N GLY B 57 -8.09 -4.89 0.77
CA GLY B 57 -9.49 -5.04 1.10
C GLY B 57 -9.84 -6.43 1.62
N GLN B 58 -9.05 -7.42 1.23
CA GLN B 58 -9.29 -8.79 1.66
C GLN B 58 -7.98 -9.48 2.04
N THR B 59 -7.61 -9.36 3.31
CA THR B 59 -6.38 -9.98 3.80
C THR B 59 -6.61 -10.65 5.15
N LEU B 60 -6.68 -11.98 5.14
CA LEU B 60 -6.90 -12.74 6.36
C LEU B 60 -5.57 -13.17 6.98
N GLN B 61 -4.87 -14.08 6.32
CA GLN B 61 -3.59 -14.57 6.80
C GLN B 61 -2.47 -13.60 6.45
N ALA B 62 -1.30 -13.83 7.03
CA ALA B 62 -0.14 -12.97 6.78
C ALA B 62 0.89 -13.67 5.91
N GLN B 63 1.93 -12.95 5.52
CA GLN B 63 2.99 -13.51 4.68
C GLN B 63 4.26 -12.66 4.77
N GLN B 64 4.48 -12.06 5.95
CA GLN B 64 5.65 -11.23 6.16
C GLN B 64 6.20 -11.42 7.57
N THR A 5 -6.94 0.36 -17.47
CA THR A 5 -6.74 1.11 -16.20
C THR A 5 -7.42 0.39 -15.03
N ILE A 6 -7.41 1.03 -13.86
CA ILE A 6 -8.01 0.46 -12.67
C ILE A 6 -8.62 1.55 -11.80
N SER A 7 -9.54 1.14 -10.91
CA SER A 7 -10.20 2.08 -10.00
C SER A 7 -9.18 2.89 -9.21
N ASN A 8 -9.68 3.73 -8.32
CA ASN A 8 -8.81 4.57 -7.49
C ASN A 8 -8.70 3.99 -6.07
N PRO A 9 -7.48 3.59 -5.66
CA PRO A 9 -7.25 3.02 -4.33
C PRO A 9 -7.41 4.06 -3.23
N PRO A 10 -7.68 3.61 -1.99
CA PRO A 10 -7.85 4.51 -0.84
C PRO A 10 -6.65 5.40 -0.62
N PRO A 11 -6.76 6.37 0.31
CA PRO A 11 -5.65 7.31 0.60
C PRO A 11 -4.52 6.64 1.36
N LEU A 12 -3.34 7.28 1.33
CA LEU A 12 -2.17 6.75 2.02
C LEU A 12 -2.00 7.41 3.39
N ILE A 13 -1.49 6.65 4.35
CA ILE A 13 -1.27 7.16 5.70
C ILE A 13 0.22 7.18 6.04
N SER A 14 0.72 8.35 6.40
CA SER A 14 2.14 8.49 6.75
C SER A 14 2.36 8.13 8.21
N SER A 15 3.32 7.25 8.46
CA SER A 15 3.64 6.82 9.82
C SER A 15 5.09 7.14 10.16
N ALA A 16 5.29 7.97 11.18
CA ALA A 16 6.62 8.35 11.61
C ALA A 16 6.58 9.09 12.95
N LYS A 17 6.98 8.39 14.00
CA LYS A 17 6.99 8.98 15.35
C LYS A 17 8.41 9.14 15.86
N ASP B 15 3.58 -1.66 12.75
CA ASP B 15 4.43 -1.67 11.56
C ASP B 15 4.88 -3.09 11.22
N SER B 16 5.52 -3.23 10.07
CA SER B 16 6.01 -4.53 9.62
C SER B 16 7.42 -4.43 9.05
N SER B 17 7.58 -3.58 8.04
CA SER B 17 8.89 -3.39 7.41
C SER B 17 8.91 -2.10 6.61
N GLU B 18 9.99 -1.33 6.76
CA GLU B 18 10.14 -0.07 6.05
C GLU B 18 10.72 -0.29 4.65
N SER B 19 9.84 -0.41 3.67
CA SER B 19 10.27 -0.63 2.29
C SER B 19 9.12 -0.45 1.32
N CYS B 20 9.35 0.30 0.25
CA CYS B 20 8.32 0.55 -0.76
C CYS B 20 7.98 -0.72 -1.52
N TRP B 21 6.69 -1.06 -1.54
CA TRP B 21 6.24 -2.26 -2.24
C TRP B 21 6.52 -2.18 -3.74
N ASN B 22 6.67 -0.96 -4.25
CA ASN B 22 6.93 -0.75 -5.67
C ASN B 22 8.41 -0.45 -5.93
N CYS B 23 8.90 0.65 -5.37
CA CYS B 23 10.30 1.05 -5.55
C CYS B 23 11.25 -0.07 -5.17
N GLY B 24 11.22 -0.50 -3.91
CA GLY B 24 12.10 -1.55 -3.45
C GLY B 24 13.28 -1.03 -2.66
N ARG B 25 13.09 0.15 -2.06
CA ARG B 25 14.14 0.77 -1.25
C ARG B 25 13.62 1.16 0.12
N LYS B 26 12.70 2.12 0.15
CA LYS B 26 12.12 2.59 1.40
C LYS B 26 10.75 3.24 1.17
N ALA B 27 9.91 3.18 2.19
CA ALA B 27 8.57 3.76 2.11
C ALA B 27 8.17 4.39 3.45
N SER B 28 7.45 5.51 3.38
CA SER B 28 7.02 6.22 4.59
C SER B 28 5.51 6.31 4.68
N GLU B 29 4.80 5.87 3.65
CA GLU B 29 3.34 5.91 3.65
C GLU B 29 2.76 4.50 3.75
N THR B 30 1.52 4.43 4.20
CA THR B 30 0.86 3.13 4.38
C THR B 30 -0.55 3.15 3.77
N CYS B 31 -0.91 2.04 3.13
CA CYS B 31 -2.22 1.92 2.51
C CYS B 31 -3.30 1.86 3.58
N SER B 32 -4.04 2.95 3.73
CA SER B 32 -5.11 3.04 4.73
C SER B 32 -6.27 2.08 4.42
N GLY B 33 -6.26 1.50 3.23
CA GLY B 33 -7.32 0.57 2.85
C GLY B 33 -7.18 -0.77 3.54
N CYS B 34 -5.98 -1.35 3.46
CA CYS B 34 -5.73 -2.64 4.09
C CYS B 34 -4.78 -2.50 5.28
N ASN B 35 -4.16 -1.33 5.42
CA ASN B 35 -3.23 -1.07 6.51
C ASN B 35 -2.05 -2.03 6.46
N THR B 36 -1.76 -2.56 5.28
CA THR B 36 -0.67 -3.51 5.11
C THR B 36 0.36 -3.03 4.08
N ALA B 37 -0.14 -2.39 3.02
CA ALA B 37 0.73 -1.90 1.95
C ALA B 37 1.50 -0.66 2.38
N ARG B 38 2.64 -0.44 1.75
CA ARG B 38 3.48 0.73 2.04
C ARG B 38 4.02 1.34 0.75
N TYR B 39 4.08 2.67 0.71
CA TYR B 39 4.58 3.37 -0.46
C TYR B 39 5.17 4.73 -0.06
N CYS B 40 6.18 5.17 -0.79
CA CYS B 40 6.82 6.45 -0.49
C CYS B 40 6.16 7.59 -1.29
N GLY B 41 5.43 7.24 -2.35
CA GLY B 41 4.79 8.26 -3.16
C GLY B 41 3.54 7.76 -3.84
N SER B 42 2.60 8.67 -4.11
CA SER B 42 1.34 8.32 -4.77
C SER B 42 1.58 7.55 -6.07
N PHE B 43 2.76 7.70 -6.64
CA PHE B 43 3.10 7.01 -7.88
C PHE B 43 3.39 5.54 -7.59
N CYS B 44 4.10 5.30 -6.50
CA CYS B 44 4.48 3.94 -6.11
C CYS B 44 3.25 3.10 -5.78
N GLN B 45 2.32 3.67 -5.02
CA GLN B 45 1.10 2.95 -4.65
C GLN B 45 0.30 2.58 -5.89
N HIS B 46 0.18 3.52 -6.82
CA HIS B 46 -0.57 3.29 -8.05
C HIS B 46 0.17 2.29 -8.95
N LYS B 47 1.49 2.37 -8.96
CA LYS B 47 2.31 1.47 -9.77
C LYS B 47 2.03 0.01 -9.43
N ASP B 48 2.12 -0.31 -8.14
CA ASP B 48 1.88 -1.67 -7.69
C ASP B 48 0.39 -1.91 -7.46
N TRP B 49 -0.40 -0.84 -7.52
CA TRP B 49 -1.84 -0.94 -7.31
C TRP B 49 -2.46 -2.10 -8.08
N GLU B 50 -2.05 -2.27 -9.34
CA GLU B 50 -2.59 -3.34 -10.17
C GLU B 50 -2.45 -4.70 -9.49
N LYS B 51 -1.31 -4.92 -8.84
CA LYS B 51 -1.07 -6.19 -8.15
C LYS B 51 -1.61 -6.15 -6.72
N HIS B 52 -1.29 -5.07 -6.01
CA HIS B 52 -1.71 -4.91 -4.62
C HIS B 52 -3.23 -4.99 -4.47
N HIS B 53 -3.96 -4.32 -5.36
CA HIS B 53 -5.42 -4.30 -5.30
C HIS B 53 -6.01 -5.70 -5.27
N HIS B 54 -5.33 -6.67 -5.88
CA HIS B 54 -5.82 -8.05 -5.87
C HIS B 54 -5.93 -8.55 -4.43
N ILE B 55 -5.10 -8.01 -3.54
CA ILE B 55 -5.10 -8.42 -2.15
C ILE B 55 -5.86 -7.43 -1.26
N CYS B 56 -5.52 -6.16 -1.38
CA CYS B 56 -6.14 -5.09 -0.59
C CYS B 56 -7.63 -5.34 -0.37
N GLY B 57 -8.16 -4.75 0.70
CA GLY B 57 -9.57 -4.90 1.01
C GLY B 57 -9.86 -6.17 1.80
N GLN B 58 -8.90 -6.57 2.63
CA GLN B 58 -9.06 -7.77 3.44
C GLN B 58 -7.97 -7.85 4.51
N THR B 59 -8.38 -8.07 5.75
CA THR B 59 -7.43 -8.17 6.86
C THR B 59 -6.45 -9.32 6.63
N LEU B 60 -5.31 -9.25 7.31
CA LEU B 60 -4.28 -10.27 7.19
C LEU B 60 -3.47 -10.39 8.48
N GLN B 61 -3.46 -11.58 9.06
CA GLN B 61 -2.72 -11.83 10.29
C GLN B 61 -1.39 -12.50 10.01
N ALA B 62 -0.77 -12.12 8.89
CA ALA B 62 0.52 -12.68 8.50
C ALA B 62 1.17 -11.86 7.40
N GLN B 63 2.49 -11.87 7.36
CA GLN B 63 3.24 -11.12 6.35
C GLN B 63 4.72 -11.50 6.36
N GLN B 64 5.28 -11.59 7.56
CA GLN B 64 6.69 -11.95 7.72
C GLN B 64 6.87 -13.46 7.65
N THR A 5 -8.08 2.16 -17.32
CA THR A 5 -7.25 2.05 -16.09
C THR A 5 -8.03 1.41 -14.95
N ILE A 6 -7.32 1.03 -13.90
CA ILE A 6 -7.94 0.40 -12.74
C ILE A 6 -8.59 1.45 -11.83
N SER A 7 -9.52 1.01 -10.98
CA SER A 7 -10.20 1.90 -10.07
C SER A 7 -9.20 2.67 -9.20
N ASN A 8 -9.69 3.71 -8.52
CA ASN A 8 -8.83 4.53 -7.66
C ASN A 8 -8.73 3.91 -6.27
N PRO A 9 -7.50 3.58 -5.82
CA PRO A 9 -7.28 2.98 -4.50
C PRO A 9 -7.54 3.96 -3.37
N PRO A 10 -7.54 3.48 -2.11
CA PRO A 10 -7.78 4.32 -0.94
C PRO A 10 -6.61 5.28 -0.66
N PRO A 11 -6.80 6.22 0.28
CA PRO A 11 -5.75 7.20 0.63
C PRO A 11 -4.59 6.55 1.38
N LEU A 12 -3.43 7.20 1.32
CA LEU A 12 -2.24 6.69 1.99
C LEU A 12 -2.07 7.35 3.37
N ILE A 13 -1.56 6.59 4.32
CA ILE A 13 -1.35 7.11 5.68
C ILE A 13 0.13 7.15 6.02
N SER A 14 0.63 8.33 6.36
CA SER A 14 2.03 8.51 6.71
C SER A 14 2.26 8.23 8.20
N SER A 15 3.25 7.39 8.49
CA SER A 15 3.57 7.05 9.87
C SER A 15 5.07 7.20 10.13
N ALA A 16 5.42 8.19 10.95
CA ALA A 16 6.82 8.45 11.28
C ALA A 16 6.95 9.13 12.63
N LYS A 17 7.33 8.34 13.64
CA LYS A 17 7.50 8.87 15.00
C LYS A 17 8.96 8.94 15.37
N ASP B 15 14.48 -8.56 6.91
CA ASP B 15 13.97 -7.22 7.18
C ASP B 15 12.77 -6.90 6.29
N SER B 16 11.57 -6.97 6.88
CA SER B 16 10.35 -6.69 6.15
C SER B 16 9.38 -5.86 6.99
N SER B 17 9.36 -4.56 6.74
CA SER B 17 8.48 -3.66 7.48
C SER B 17 8.60 -2.23 6.96
N GLU B 18 9.83 -1.84 6.65
CA GLU B 18 10.09 -0.48 6.15
C GLU B 18 10.70 -0.53 4.75
N SER B 19 9.85 -0.42 3.73
CA SER B 19 10.31 -0.45 2.34
C SER B 19 9.13 -0.31 1.38
N CYS B 20 9.36 0.39 0.29
CA CYS B 20 8.32 0.60 -0.72
C CYS B 20 8.01 -0.69 -1.47
N TRP B 21 6.73 -1.05 -1.50
CA TRP B 21 6.30 -2.27 -2.18
C TRP B 21 6.57 -2.20 -3.68
N ASN B 22 6.64 -0.98 -4.21
CA ASN B 22 6.88 -0.76 -5.63
C ASN B 22 8.36 -0.48 -5.91
N CYS B 23 8.87 0.61 -5.36
CA CYS B 23 10.26 1.00 -5.56
C CYS B 23 11.22 -0.11 -5.15
N GLY B 24 11.16 -0.51 -3.87
CA GLY B 24 12.04 -1.56 -3.40
C GLY B 24 13.21 -1.02 -2.61
N ARG B 25 13.01 0.12 -1.95
CA ARG B 25 14.06 0.73 -1.15
C ARG B 25 13.52 1.20 0.20
N LYS B 26 12.72 2.25 0.18
CA LYS B 26 12.14 2.79 1.42
C LYS B 26 10.76 3.39 1.18
N ALA B 27 9.90 3.28 2.18
CA ALA B 27 8.54 3.81 2.11
C ALA B 27 8.12 4.45 3.43
N SER B 28 7.39 5.56 3.34
CA SER B 28 6.95 6.28 4.54
C SER B 28 5.42 6.36 4.61
N GLU B 29 4.74 5.88 3.57
CA GLU B 29 3.28 5.92 3.55
C GLU B 29 2.72 4.50 3.68
N THR B 30 1.48 4.42 4.15
CA THR B 30 0.83 3.12 4.34
C THR B 30 -0.57 3.10 3.75
N CYS B 31 -0.93 1.98 3.12
CA CYS B 31 -2.25 1.83 2.52
C CYS B 31 -3.32 1.77 3.61
N SER B 32 -4.10 2.84 3.74
CA SER B 32 -5.15 2.92 4.75
C SER B 32 -6.29 1.93 4.47
N GLY B 33 -6.27 1.31 3.29
CA GLY B 33 -7.31 0.36 2.94
C GLY B 33 -7.11 -0.98 3.61
N CYS B 34 -5.88 -1.49 3.56
CA CYS B 34 -5.56 -2.78 4.18
C CYS B 34 -4.64 -2.60 5.38
N ASN B 35 -4.05 -1.41 5.50
CA ASN B 35 -3.13 -1.12 6.59
C ASN B 35 -1.93 -2.06 6.56
N THR B 36 -1.64 -2.60 5.38
CA THR B 36 -0.52 -3.54 5.22
C THR B 36 0.48 -3.06 4.18
N ALA B 37 -0.02 -2.45 3.13
CA ALA B 37 0.83 -1.95 2.04
C ALA B 37 1.58 -0.69 2.46
N ARG B 38 2.72 -0.46 1.81
CA ARG B 38 3.54 0.70 2.09
C ARG B 38 4.06 1.32 0.79
N TYR B 39 4.11 2.65 0.75
CA TYR B 39 4.58 3.36 -0.43
C TYR B 39 5.19 4.71 -0.05
N CYS B 40 6.20 5.14 -0.80
CA CYS B 40 6.86 6.41 -0.54
C CYS B 40 6.22 7.55 -1.33
N GLY B 41 5.48 7.22 -2.40
CA GLY B 41 4.86 8.24 -3.20
C GLY B 41 3.56 7.79 -3.85
N SER B 42 2.64 8.72 -4.05
CA SER B 42 1.35 8.41 -4.65
C SER B 42 1.51 7.59 -5.93
N PHE B 43 2.58 7.86 -6.67
CA PHE B 43 2.82 7.13 -7.92
C PHE B 43 3.22 5.68 -7.62
N CYS B 44 3.93 5.49 -6.51
CA CYS B 44 4.38 4.16 -6.13
C CYS B 44 3.22 3.23 -5.83
N GLN B 45 2.22 3.75 -5.12
CA GLN B 45 1.04 2.96 -4.77
C GLN B 45 0.26 2.57 -6.02
N HIS B 46 0.17 3.47 -6.99
CA HIS B 46 -0.55 3.22 -8.23
C HIS B 46 0.19 2.19 -9.09
N LYS B 47 1.51 2.27 -9.09
CA LYS B 47 2.33 1.36 -9.89
C LYS B 47 2.05 -0.10 -9.53
N ASP B 48 2.12 -0.40 -8.24
CA ASP B 48 1.87 -1.75 -7.76
C ASP B 48 0.38 -1.99 -7.54
N TRP B 49 -0.41 -0.91 -7.60
CA TRP B 49 -1.85 -0.99 -7.40
C TRP B 49 -2.46 -2.17 -8.14
N GLU B 50 -2.07 -2.35 -9.41
CA GLU B 50 -2.59 -3.44 -10.23
C GLU B 50 -2.46 -4.79 -9.51
N LYS B 51 -1.32 -5.00 -8.87
CA LYS B 51 -1.07 -6.24 -8.16
C LYS B 51 -1.59 -6.17 -6.73
N HIS B 52 -1.27 -5.09 -6.04
CA HIS B 52 -1.68 -4.91 -4.65
C HIS B 52 -3.19 -4.98 -4.48
N HIS B 53 -3.94 -4.33 -5.39
CA HIS B 53 -5.39 -4.31 -5.31
C HIS B 53 -5.99 -5.72 -5.26
N HIS B 54 -5.30 -6.70 -5.85
CA HIS B 54 -5.79 -8.07 -5.81
C HIS B 54 -5.90 -8.55 -4.37
N ILE B 55 -5.10 -7.96 -3.48
CA ILE B 55 -5.12 -8.34 -2.07
C ILE B 55 -5.84 -7.32 -1.21
N CYS B 56 -5.52 -6.04 -1.41
CA CYS B 56 -6.12 -4.93 -0.66
C CYS B 56 -7.58 -5.17 -0.34
N GLY B 57 -7.95 -4.84 0.89
CA GLY B 57 -9.33 -4.99 1.32
C GLY B 57 -10.24 -3.96 0.70
N GLN B 58 -9.64 -3.03 -0.05
CA GLN B 58 -10.41 -1.97 -0.71
C GLN B 58 -11.04 -1.03 0.31
N THR B 59 -12.10 -1.49 0.95
CA THR B 59 -12.80 -0.69 1.96
C THR B 59 -12.84 -1.40 3.30
N LEU B 60 -13.59 -2.49 3.37
CA LEU B 60 -13.72 -3.26 4.60
C LEU B 60 -13.52 -4.76 4.33
N GLN B 61 -13.18 -5.50 5.37
CA GLN B 61 -12.98 -6.94 5.26
C GLN B 61 -14.25 -7.64 4.80
N ALA B 62 -14.45 -7.73 3.50
CA ALA B 62 -15.64 -8.37 2.94
C ALA B 62 -15.38 -8.86 1.52
N GLN B 63 -15.78 -10.10 1.25
CA GLN B 63 -15.60 -10.68 -0.07
C GLN B 63 -16.83 -10.46 -0.95
N GLN B 64 -16.61 -10.17 -2.22
CA GLN B 64 -17.70 -9.93 -3.16
C GLN B 64 -18.55 -8.75 -2.71
N THR A 5 -6.31 0.79 -17.11
CA THR A 5 -6.69 1.71 -16.00
C THR A 5 -7.38 0.96 -14.87
N ILE A 6 -6.90 1.17 -13.64
CA ILE A 6 -7.47 0.50 -12.47
C ILE A 6 -8.26 1.49 -11.62
N SER A 7 -9.15 0.97 -10.78
CA SER A 7 -9.96 1.81 -9.91
C SER A 7 -9.09 2.72 -9.06
N ASN A 8 -9.73 3.53 -8.22
CA ASN A 8 -9.02 4.45 -7.34
C ASN A 8 -8.71 3.80 -6.00
N PRO A 9 -7.44 3.46 -5.75
CA PRO A 9 -7.03 2.82 -4.49
C PRO A 9 -7.20 3.74 -3.29
N PRO A 10 -7.12 3.18 -2.06
CA PRO A 10 -7.26 3.96 -0.82
C PRO A 10 -6.09 4.92 -0.62
N PRO A 11 -6.27 5.96 0.20
CA PRO A 11 -5.23 6.94 0.47
C PRO A 11 -4.08 6.37 1.29
N LEU A 12 -2.95 7.05 1.30
CA LEU A 12 -1.78 6.60 2.04
C LEU A 12 -1.66 7.33 3.37
N ILE A 13 -1.15 6.64 4.38
CA ILE A 13 -0.96 7.23 5.71
C ILE A 13 0.51 7.29 6.08
N SER A 14 0.99 8.49 6.39
CA SER A 14 2.40 8.66 6.76
C SER A 14 2.60 8.37 8.24
N SER A 15 3.57 7.50 8.54
CA SER A 15 3.88 7.15 9.91
C SER A 15 5.33 7.45 10.25
N ALA A 16 5.55 8.40 11.14
CA ALA A 16 6.89 8.78 11.55
C ALA A 16 6.89 9.42 12.93
N LYS A 17 7.32 8.67 13.92
CA LYS A 17 7.38 9.16 15.30
C LYS A 17 8.82 9.26 15.79
N ASP B 15 10.86 -10.36 9.62
CA ASP B 15 9.78 -9.45 9.28
C ASP B 15 10.31 -8.08 8.85
N SER B 16 9.49 -7.32 8.15
CA SER B 16 9.88 -6.00 7.68
C SER B 16 8.68 -5.06 7.63
N SER B 17 8.89 -3.86 7.09
CA SER B 17 7.83 -2.87 6.99
C SER B 17 8.33 -1.60 6.31
N GLU B 18 9.56 -1.21 6.64
CA GLU B 18 10.16 0.00 6.08
C GLU B 18 10.73 -0.30 4.69
N SER B 19 9.84 -0.37 3.70
CA SER B 19 10.25 -0.63 2.33
C SER B 19 9.08 -0.47 1.36
N CYS B 20 9.31 0.27 0.29
CA CYS B 20 8.28 0.51 -0.72
C CYS B 20 7.95 -0.76 -1.48
N TRP B 21 6.66 -1.10 -1.51
CA TRP B 21 6.21 -2.30 -2.21
C TRP B 21 6.47 -2.21 -3.71
N ASN B 22 6.60 -0.98 -4.21
CA ASN B 22 6.84 -0.75 -5.63
C ASN B 22 8.31 -0.47 -5.92
N CYS B 23 8.82 0.62 -5.36
CA CYS B 23 10.21 1.02 -5.56
C CYS B 23 11.17 -0.11 -5.17
N GLY B 24 11.14 -0.51 -3.90
CA GLY B 24 12.02 -1.56 -3.45
C GLY B 24 13.21 -1.03 -2.66
N ARG B 25 13.05 0.16 -2.09
CA ARG B 25 14.12 0.77 -1.31
C ARG B 25 13.61 1.16 0.08
N LYS B 26 12.65 2.08 0.11
CA LYS B 26 12.10 2.54 1.38
C LYS B 26 10.74 3.22 1.16
N ALA B 27 9.90 3.17 2.19
CA ALA B 27 8.57 3.76 2.13
C ALA B 27 8.19 4.41 3.46
N SER B 28 7.47 5.53 3.40
CA SER B 28 7.05 6.24 4.60
C SER B 28 5.53 6.34 4.70
N GLU B 29 4.83 5.89 3.67
CA GLU B 29 3.36 5.93 3.66
C GLU B 29 2.79 4.52 3.78
N THR B 30 1.54 4.43 4.23
CA THR B 30 0.88 3.15 4.41
C THR B 30 -0.53 3.16 3.82
N CYS B 31 -0.89 2.04 3.17
CA CYS B 31 -2.22 1.92 2.57
C CYS B 31 -3.29 1.88 3.67
N SER B 32 -4.01 2.98 3.82
CA SER B 32 -5.06 3.07 4.85
C SER B 32 -6.24 2.15 4.56
N GLY B 33 -6.27 1.55 3.37
CA GLY B 33 -7.35 0.65 3.02
C GLY B 33 -7.18 -0.73 3.65
N CYS B 34 -5.98 -1.27 3.56
CA CYS B 34 -5.69 -2.59 4.13
C CYS B 34 -4.76 -2.47 5.32
N ASN B 35 -4.13 -1.31 5.48
CA ASN B 35 -3.21 -1.07 6.58
C ASN B 35 -2.03 -2.03 6.53
N THR B 36 -1.75 -2.57 5.34
CA THR B 36 -0.65 -3.51 5.18
C THR B 36 0.36 -3.05 4.15
N ALA B 37 -0.12 -2.41 3.09
CA ALA B 37 0.74 -1.92 2.02
C ALA B 37 1.51 -0.67 2.44
N ARG B 38 2.65 -0.45 1.80
CA ARG B 38 3.48 0.71 2.08
C ARG B 38 4.01 1.32 0.79
N TYR B 39 4.08 2.65 0.75
CA TYR B 39 4.57 3.35 -0.43
C TYR B 39 5.18 4.70 -0.04
N CYS B 40 6.19 5.13 -0.77
CA CYS B 40 6.85 6.41 -0.50
C CYS B 40 6.21 7.54 -1.30
N GLY B 41 5.48 7.20 -2.37
CA GLY B 41 4.84 8.22 -3.18
C GLY B 41 3.58 7.72 -3.85
N SER B 42 2.63 8.62 -4.09
CA SER B 42 1.37 8.28 -4.74
C SER B 42 1.61 7.46 -6.00
N PHE B 43 2.70 7.74 -6.70
CA PHE B 43 3.04 7.01 -7.92
C PHE B 43 3.33 5.55 -7.61
N CYS B 44 4.04 5.32 -6.51
CA CYS B 44 4.40 3.98 -6.09
C CYS B 44 3.17 3.14 -5.78
N GLN B 45 2.22 3.73 -5.05
CA GLN B 45 1.00 3.02 -4.69
C GLN B 45 0.22 2.63 -5.94
N HIS B 46 0.14 3.54 -6.90
CA HIS B 46 -0.56 3.30 -8.15
C HIS B 46 0.18 2.29 -9.02
N LYS B 47 1.50 2.36 -9.01
CA LYS B 47 2.34 1.47 -9.81
C LYS B 47 2.06 0.00 -9.47
N ASP B 48 2.12 -0.31 -8.19
CA ASP B 48 1.88 -1.69 -7.73
C ASP B 48 0.39 -1.92 -7.54
N TRP B 49 -0.41 -0.87 -7.63
CA TRP B 49 -1.86 -0.97 -7.46
C TRP B 49 -2.44 -2.15 -8.22
N GLU B 50 -2.02 -2.32 -9.48
CA GLU B 50 -2.52 -3.41 -10.31
C GLU B 50 -2.37 -4.76 -9.60
N LYS B 51 -1.25 -4.96 -8.94
CA LYS B 51 -0.98 -6.20 -8.23
C LYS B 51 -1.54 -6.15 -6.81
N HIS B 52 -1.25 -5.06 -6.10
CA HIS B 52 -1.68 -4.89 -4.71
C HIS B 52 -3.21 -4.96 -4.57
N HIS B 53 -3.93 -4.33 -5.50
CA HIS B 53 -5.39 -4.31 -5.43
C HIS B 53 -6.00 -5.70 -5.33
N HIS B 54 -5.33 -6.72 -5.89
CA HIS B 54 -5.85 -8.08 -5.79
C HIS B 54 -5.92 -8.50 -4.33
N ILE B 55 -4.99 -7.98 -3.51
CA ILE B 55 -4.93 -8.31 -2.10
C ILE B 55 -5.74 -7.34 -1.25
N CYS B 56 -5.42 -6.05 -1.39
CA CYS B 56 -6.09 -4.98 -0.64
C CYS B 56 -7.58 -5.28 -0.39
N GLY B 57 -8.10 -4.72 0.69
CA GLY B 57 -9.50 -4.92 1.03
C GLY B 57 -9.79 -6.33 1.49
N GLN B 58 -8.80 -6.97 2.11
CA GLN B 58 -8.96 -8.33 2.60
C GLN B 58 -7.97 -8.61 3.74
N THR B 59 -8.33 -9.56 4.60
CA THR B 59 -7.48 -9.93 5.73
C THR B 59 -6.48 -11.02 5.33
N LEU B 60 -5.21 -10.74 5.51
CA LEU B 60 -4.15 -11.69 5.17
C LEU B 60 -3.51 -12.25 6.43
N GLN B 61 -4.29 -12.36 7.50
CA GLN B 61 -3.79 -12.87 8.76
C GLN B 61 -3.76 -14.41 8.75
N ALA B 62 -2.72 -14.97 9.36
CA ALA B 62 -2.57 -16.42 9.41
C ALA B 62 -1.43 -16.82 10.34
N GLN B 63 -1.78 -17.33 11.51
CA GLN B 63 -0.79 -17.74 12.49
C GLN B 63 0.11 -18.84 11.92
N GLN B 64 1.38 -18.50 11.72
CA GLN B 64 2.35 -19.45 11.18
C GLN B 64 2.94 -20.32 12.29
N THR A 5 -7.28 0.17 -17.27
CA THR A 5 -7.13 1.08 -16.11
C THR A 5 -7.81 0.50 -14.87
N ILE A 6 -7.29 0.85 -13.70
CA ILE A 6 -7.85 0.36 -12.44
C ILE A 6 -8.52 1.49 -11.66
N SER A 7 -9.39 1.12 -10.74
CA SER A 7 -10.11 2.11 -9.94
C SER A 7 -9.14 2.98 -9.15
N ASN A 8 -9.68 3.77 -8.22
CA ASN A 8 -8.85 4.65 -7.40
C ASN A 8 -8.65 4.05 -6.01
N PRO A 9 -7.39 3.68 -5.67
CA PRO A 9 -7.08 3.09 -4.35
C PRO A 9 -7.25 4.10 -3.22
N PRO A 10 -7.56 3.62 -2.00
CA PRO A 10 -7.74 4.49 -0.84
C PRO A 10 -6.54 5.40 -0.60
N PRO A 11 -6.68 6.37 0.33
CA PRO A 11 -5.60 7.32 0.64
C PRO A 11 -4.45 6.67 1.40
N LEU A 12 -3.28 7.30 1.36
CA LEU A 12 -2.10 6.78 2.05
C LEU A 12 -1.94 7.43 3.41
N ILE A 13 -1.44 6.67 4.38
CA ILE A 13 -1.22 7.18 5.73
C ILE A 13 0.26 7.20 6.08
N SER A 14 0.77 8.37 6.44
CA SER A 14 2.17 8.52 6.80
C SER A 14 2.38 8.21 8.28
N SER A 15 3.36 7.36 8.57
CA SER A 15 3.68 7.00 9.95
C SER A 15 5.13 7.29 10.29
N ALA A 16 5.35 8.27 11.16
CA ALA A 16 6.70 8.65 11.56
C ALA A 16 6.69 9.36 12.90
N LYS A 17 6.54 8.59 13.97
CA LYS A 17 6.52 9.15 15.32
C LYS A 17 7.93 9.20 15.91
N ASP B 15 8.84 -10.20 6.54
CA ASP B 15 8.20 -8.92 6.86
C ASP B 15 9.22 -7.79 6.82
N SER B 16 9.53 -7.33 5.61
CA SER B 16 10.49 -6.24 5.43
C SER B 16 10.02 -4.97 6.13
N SER B 17 10.78 -4.53 7.12
CA SER B 17 10.43 -3.32 7.87
C SER B 17 10.83 -2.07 7.11
N GLU B 18 9.86 -1.22 6.82
CA GLU B 18 10.11 0.02 6.09
C GLU B 18 10.68 -0.27 4.71
N SER B 19 9.81 -0.34 3.71
CA SER B 19 10.22 -0.61 2.34
C SER B 19 9.06 -0.45 1.37
N CYS B 20 9.29 0.28 0.28
CA CYS B 20 8.27 0.52 -0.72
C CYS B 20 7.95 -0.76 -1.49
N TRP B 21 6.67 -1.12 -1.52
CA TRP B 21 6.23 -2.32 -2.21
C TRP B 21 6.48 -2.23 -3.73
N ASN B 22 6.64 -1.00 -4.22
CA ASN B 22 6.88 -0.76 -5.64
C ASN B 22 8.36 -0.46 -5.91
N CYS B 23 8.85 0.64 -5.35
CA CYS B 23 10.23 1.05 -5.54
C CYS B 23 11.20 -0.06 -5.16
N GLY B 24 11.19 -0.47 -3.90
CA GLY B 24 12.08 -1.53 -3.45
C GLY B 24 13.25 -0.99 -2.66
N ARG B 25 13.10 0.20 -2.10
CA ARG B 25 14.14 0.82 -1.30
C ARG B 25 13.63 1.20 0.08
N LYS B 26 12.68 2.14 0.12
CA LYS B 26 12.11 2.58 1.39
C LYS B 26 10.75 3.22 1.18
N ALA B 27 9.90 3.16 2.20
CA ALA B 27 8.56 3.73 2.13
C ALA B 27 8.17 4.37 3.46
N SER B 28 7.46 5.49 3.38
CA SER B 28 7.03 6.21 4.59
C SER B 28 5.52 6.32 4.69
N GLU B 29 4.81 5.88 3.63
CA GLU B 29 3.36 5.93 3.63
C GLU B 29 2.77 4.52 3.74
N THR B 30 1.53 4.44 4.21
CA THR B 30 0.86 3.16 4.38
C THR B 30 -0.54 3.16 3.77
N CYS B 31 -0.90 2.06 3.13
CA CYS B 31 -2.21 1.94 2.52
C CYS B 31 -3.30 1.87 3.59
N SER B 32 -4.04 2.95 3.73
CA SER B 32 -5.10 3.03 4.73
C SER B 32 -6.26 2.08 4.42
N GLY B 33 -6.25 1.48 3.23
CA GLY B 33 -7.30 0.55 2.86
C GLY B 33 -7.15 -0.80 3.52
N CYS B 34 -5.94 -1.35 3.44
CA CYS B 34 -5.66 -2.66 4.05
C CYS B 34 -4.72 -2.51 5.26
N ASN B 35 -4.12 -1.33 5.40
CA ASN B 35 -3.20 -1.07 6.51
C ASN B 35 -2.02 -2.02 6.47
N THR B 36 -1.74 -2.57 5.29
CA THR B 36 -0.63 -3.51 5.13
C THR B 36 0.39 -3.05 4.11
N ALA B 37 -0.11 -2.43 3.04
CA ALA B 37 0.76 -1.93 1.97
C ALA B 37 1.52 -0.69 2.39
N ARG B 38 2.66 -0.46 1.75
CA ARG B 38 3.49 0.70 2.05
C ARG B 38 4.03 1.31 0.77
N TYR B 39 4.10 2.65 0.73
CA TYR B 39 4.60 3.35 -0.44
C TYR B 39 5.19 4.70 -0.04
N CYS B 40 6.20 5.15 -0.78
CA CYS B 40 6.84 6.43 -0.49
C CYS B 40 6.21 7.56 -1.28
N GLY B 41 5.48 7.23 -2.35
CA GLY B 41 4.85 8.24 -3.17
C GLY B 41 3.58 7.75 -3.85
N SER B 42 2.65 8.67 -4.09
CA SER B 42 1.38 8.32 -4.74
C SER B 42 1.61 7.50 -6.00
N PHE B 43 2.71 7.77 -6.70
CA PHE B 43 3.04 7.04 -7.92
C PHE B 43 3.35 5.58 -7.60
N CYS B 44 4.07 5.36 -6.51
CA CYS B 44 4.46 4.02 -6.10
C CYS B 44 3.24 3.16 -5.78
N GLN B 45 2.30 3.71 -5.03
CA GLN B 45 1.09 2.97 -4.67
C GLN B 45 0.29 2.60 -5.91
N HIS B 46 0.22 3.52 -6.87
CA HIS B 46 -0.51 3.29 -8.11
C HIS B 46 0.20 2.26 -8.98
N LYS B 47 1.53 2.33 -8.98
CA LYS B 47 2.34 1.42 -9.79
C LYS B 47 2.06 -0.04 -9.42
N ASP B 48 2.13 -0.33 -8.13
CA ASP B 48 1.87 -1.68 -7.64
C ASP B 48 0.37 -1.90 -7.42
N TRP B 49 -0.41 -0.82 -7.49
CA TRP B 49 -1.85 -0.91 -7.29
C TRP B 49 -2.46 -2.07 -8.07
N GLU B 50 -2.04 -2.24 -9.32
CA GLU B 50 -2.56 -3.31 -10.18
C GLU B 50 -2.47 -4.68 -9.50
N LYS B 51 -1.31 -5.00 -8.94
CA LYS B 51 -1.13 -6.29 -8.29
C LYS B 51 -1.57 -6.26 -6.84
N HIS B 52 -1.34 -5.13 -6.17
CA HIS B 52 -1.70 -4.99 -4.76
C HIS B 52 -3.22 -5.00 -4.55
N HIS B 53 -3.95 -4.34 -5.44
CA HIS B 53 -5.40 -4.25 -5.32
C HIS B 53 -6.06 -5.63 -5.23
N HIS B 54 -5.44 -6.65 -5.84
CA HIS B 54 -5.99 -8.00 -5.74
C HIS B 54 -6.04 -8.45 -4.29
N ILE B 55 -5.07 -7.97 -3.51
CA ILE B 55 -4.97 -8.33 -2.09
C ILE B 55 -5.78 -7.37 -1.22
N CYS B 56 -5.47 -6.08 -1.33
CA CYS B 56 -6.14 -5.03 -0.56
C CYS B 56 -7.62 -5.32 -0.33
N GLY B 57 -8.15 -4.76 0.75
CA GLY B 57 -9.55 -4.97 1.08
C GLY B 57 -9.87 -6.40 1.46
N GLN B 58 -8.83 -7.15 1.84
CA GLN B 58 -9.00 -8.54 2.23
C GLN B 58 -9.68 -9.34 1.13
N THR B 59 -9.45 -8.94 -0.12
CA THR B 59 -10.04 -9.62 -1.26
C THR B 59 -9.40 -10.99 -1.47
N LEU B 60 -8.11 -11.08 -1.19
CA LEU B 60 -7.37 -12.33 -1.34
C LEU B 60 -6.35 -12.51 -0.23
N GLN B 61 -6.24 -13.73 0.27
CA GLN B 61 -5.29 -14.03 1.34
C GLN B 61 -4.16 -14.92 0.83
N ALA B 62 -4.47 -15.80 -0.11
CA ALA B 62 -3.48 -16.70 -0.68
C ALA B 62 -2.48 -15.94 -1.54
N GLN B 63 -1.40 -16.63 -1.93
CA GLN B 63 -0.37 -16.02 -2.76
C GLN B 63 -0.08 -16.86 -3.99
N GLN B 64 -1.10 -17.58 -4.47
CA GLN B 64 -0.95 -18.44 -5.63
C GLN B 64 -1.79 -17.91 -6.79
N THR A 5 -7.16 1.37 -17.45
CA THR A 5 -7.00 2.16 -16.20
C THR A 5 -7.76 1.53 -15.04
N ILE A 6 -7.05 1.24 -13.96
CA ILE A 6 -7.66 0.63 -12.79
C ILE A 6 -8.35 1.68 -11.93
N SER A 7 -9.27 1.22 -11.07
CA SER A 7 -10.00 2.12 -10.20
C SER A 7 -9.05 2.89 -9.28
N ASN A 8 -9.57 3.89 -8.59
CA ASN A 8 -8.77 4.70 -7.68
C ASN A 8 -8.63 4.03 -6.32
N PRO A 9 -7.39 3.84 -5.82
CA PRO A 9 -7.15 3.20 -4.53
C PRO A 9 -7.44 4.15 -3.37
N PRO A 10 -7.38 3.65 -2.12
CA PRO A 10 -7.64 4.45 -0.93
C PRO A 10 -6.49 5.41 -0.62
N PRO A 11 -6.70 6.34 0.33
CA PRO A 11 -5.68 7.31 0.72
C PRO A 11 -4.51 6.66 1.46
N LEU A 12 -3.34 7.30 1.40
CA LEU A 12 -2.15 6.79 2.07
C LEU A 12 -1.97 7.45 3.43
N ILE A 13 -1.45 6.68 4.38
CA ILE A 13 -1.22 7.20 5.73
C ILE A 13 0.27 7.22 6.05
N SER A 14 0.79 8.39 6.40
CA SER A 14 2.20 8.52 6.74
C SER A 14 2.46 8.14 8.19
N SER A 15 3.47 7.30 8.40
CA SER A 15 3.81 6.85 9.75
C SER A 15 5.31 7.00 10.00
N ALA A 16 5.67 7.95 10.86
CA ALA A 16 7.08 8.19 11.19
C ALA A 16 7.21 9.07 12.42
N LYS A 17 7.40 8.44 13.58
CA LYS A 17 7.54 9.17 14.83
C LYS A 17 8.90 9.86 14.92
N ASP B 15 4.71 -6.35 13.76
CA ASP B 15 5.80 -6.30 12.80
C ASP B 15 5.65 -5.10 11.86
N SER B 16 6.51 -4.11 12.03
CA SER B 16 6.47 -2.91 11.20
C SER B 16 7.73 -2.79 10.35
N SER B 17 7.63 -3.19 9.08
CA SER B 17 8.76 -3.12 8.17
C SER B 17 8.85 -1.74 7.52
N GLU B 18 9.93 -1.52 6.76
CA GLU B 18 10.12 -0.24 6.09
C GLU B 18 10.70 -0.45 4.69
N SER B 19 9.82 -0.46 3.69
CA SER B 19 10.25 -0.64 2.31
C SER B 19 9.08 -0.49 1.35
N CYS B 20 9.29 0.27 0.28
CA CYS B 20 8.26 0.51 -0.71
C CYS B 20 7.93 -0.77 -1.47
N TRP B 21 6.65 -1.13 -1.50
CA TRP B 21 6.20 -2.33 -2.19
C TRP B 21 6.47 -2.25 -3.69
N ASN B 22 6.62 -1.03 -4.19
CA ASN B 22 6.85 -0.81 -5.62
C ASN B 22 8.34 -0.51 -5.90
N CYS B 23 8.83 0.59 -5.35
CA CYS B 23 10.22 0.99 -5.54
C CYS B 23 11.19 -0.12 -5.14
N GLY B 24 11.15 -0.53 -3.87
CA GLY B 24 12.04 -1.58 -3.41
C GLY B 24 13.23 -1.03 -2.63
N ARG B 25 13.06 0.17 -2.08
CA ARG B 25 14.13 0.81 -1.31
C ARG B 25 13.61 1.22 0.08
N LYS B 26 12.67 2.14 0.11
CA LYS B 26 12.10 2.60 1.37
C LYS B 26 10.72 3.25 1.16
N ALA B 27 9.89 3.18 2.19
CA ALA B 27 8.55 3.77 2.12
C ALA B 27 8.16 4.40 3.45
N SER B 28 7.44 5.52 3.38
CA SER B 28 7.01 6.23 4.58
C SER B 28 5.49 6.34 4.66
N GLU B 29 4.79 5.88 3.62
CA GLU B 29 3.34 5.93 3.58
C GLU B 29 2.75 4.53 3.72
N THR B 30 1.51 4.45 4.19
CA THR B 30 0.85 3.17 4.39
C THR B 30 -0.56 3.18 3.79
N CYS B 31 -0.93 2.07 3.15
CA CYS B 31 -2.25 1.95 2.55
C CYS B 31 -3.32 1.87 3.63
N SER B 32 -4.08 2.96 3.77
CA SER B 32 -5.14 3.03 4.78
C SER B 32 -6.29 2.07 4.48
N GLY B 33 -6.28 1.47 3.28
CA GLY B 33 -7.33 0.54 2.92
C GLY B 33 -7.18 -0.80 3.60
N CYS B 34 -5.97 -1.37 3.52
CA CYS B 34 -5.69 -2.66 4.14
C CYS B 34 -4.76 -2.51 5.33
N ASN B 35 -4.15 -1.33 5.47
CA ASN B 35 -3.23 -1.06 6.56
C ASN B 35 -2.04 -2.01 6.54
N THR B 36 -1.75 -2.55 5.35
CA THR B 36 -0.64 -3.49 5.20
C THR B 36 0.38 -3.02 4.16
N ALA B 37 -0.12 -2.40 3.11
CA ALA B 37 0.75 -1.90 2.03
C ALA B 37 1.52 -0.66 2.46
N ARG B 38 2.65 -0.44 1.80
CA ARG B 38 3.50 0.71 2.09
C ARG B 38 4.02 1.32 0.79
N TYR B 39 4.10 2.65 0.75
CA TYR B 39 4.58 3.35 -0.43
C TYR B 39 5.21 4.69 -0.05
N CYS B 40 6.22 5.11 -0.81
CA CYS B 40 6.89 6.37 -0.53
C CYS B 40 6.27 7.52 -1.32
N GLY B 41 5.54 7.21 -2.39
CA GLY B 41 4.92 8.24 -3.19
C GLY B 41 3.62 7.80 -3.82
N SER B 42 2.70 8.75 -4.01
CA SER B 42 1.40 8.46 -4.61
C SER B 42 1.55 7.66 -5.90
N PHE B 43 2.62 7.91 -6.64
CA PHE B 43 2.87 7.19 -7.89
C PHE B 43 3.24 5.74 -7.61
N CYS B 44 3.96 5.51 -6.53
CA CYS B 44 4.39 4.18 -6.16
C CYS B 44 3.20 3.27 -5.87
N GLN B 45 2.21 3.80 -5.16
CA GLN B 45 1.03 3.03 -4.82
C GLN B 45 0.26 2.63 -6.08
N HIS B 46 0.21 3.52 -7.06
CA HIS B 46 -0.49 3.24 -8.32
C HIS B 46 0.25 2.20 -9.15
N LYS B 47 1.58 2.27 -9.13
CA LYS B 47 2.40 1.33 -9.89
C LYS B 47 2.10 -0.12 -9.52
N ASP B 48 2.15 -0.39 -8.22
CA ASP B 48 1.87 -1.74 -7.72
C ASP B 48 0.37 -1.96 -7.53
N TRP B 49 -0.40 -0.88 -7.61
CA TRP B 49 -1.85 -0.95 -7.43
C TRP B 49 -2.45 -2.14 -8.17
N GLU B 50 -2.06 -2.32 -9.43
CA GLU B 50 -2.57 -3.42 -10.24
C GLU B 50 -2.38 -4.76 -9.53
N LYS B 51 -1.25 -4.91 -8.84
CA LYS B 51 -0.96 -6.15 -8.12
C LYS B 51 -1.53 -6.10 -6.71
N HIS B 52 -1.24 -5.01 -5.99
CA HIS B 52 -1.70 -4.85 -4.61
C HIS B 52 -3.21 -4.92 -4.48
N HIS B 53 -3.94 -4.29 -5.37
CA HIS B 53 -5.40 -4.27 -5.31
C HIS B 53 -5.99 -5.68 -5.25
N HIS B 54 -5.30 -6.66 -5.84
CA HIS B 54 -5.78 -8.04 -5.78
C HIS B 54 -5.87 -8.50 -4.33
N ILE B 55 -4.99 -7.95 -3.49
CA ILE B 55 -4.95 -8.33 -2.07
C ILE B 55 -5.75 -7.36 -1.21
N CYS B 56 -5.45 -6.06 -1.34
CA CYS B 56 -6.12 -5.02 -0.57
C CYS B 56 -7.61 -5.31 -0.35
N GLY B 57 -8.16 -4.75 0.72
CA GLY B 57 -9.56 -4.96 1.05
C GLY B 57 -9.84 -6.36 1.52
N GLN B 58 -8.88 -6.96 2.22
CA GLN B 58 -9.04 -8.31 2.75
C GLN B 58 -9.11 -8.29 4.27
N THR B 59 -9.47 -9.43 4.85
CA THR B 59 -9.58 -9.56 6.30
C THR B 59 -8.97 -10.87 6.79
N LEU B 60 -7.72 -10.81 7.22
CA LEU B 60 -7.02 -11.98 7.71
C LEU B 60 -6.72 -11.87 9.20
N GLN B 61 -7.60 -11.17 9.92
CA GLN B 61 -7.43 -10.98 11.35
C GLN B 61 -8.78 -10.79 12.03
N ALA B 62 -9.43 -11.90 12.37
CA ALA B 62 -10.73 -11.85 13.03
C ALA B 62 -10.65 -12.41 14.45
N GLN B 63 -11.49 -11.89 15.33
CA GLN B 63 -11.51 -12.34 16.72
C GLN B 63 -12.81 -11.93 17.41
N GLN B 64 -13.76 -12.86 17.47
CA GLN B 64 -15.06 -12.59 18.09
C GLN B 64 -15.46 -13.75 18.99
N THR A 5 -7.04 2.95 -15.78
CA THR A 5 -7.68 1.66 -16.17
C THR A 5 -8.22 0.92 -14.95
N ILE A 6 -7.57 1.14 -13.80
CA ILE A 6 -8.00 0.49 -12.56
C ILE A 6 -8.72 1.47 -11.66
N SER A 7 -9.49 0.94 -10.71
CA SER A 7 -10.25 1.78 -9.78
C SER A 7 -9.33 2.73 -9.03
N ASN A 8 -9.90 3.53 -8.14
CA ASN A 8 -9.13 4.48 -7.36
C ASN A 8 -8.83 3.93 -5.97
N PRO A 9 -7.56 3.61 -5.67
CA PRO A 9 -7.17 3.07 -4.37
C PRO A 9 -7.32 4.09 -3.24
N PRO A 10 -7.64 3.62 -2.02
CA PRO A 10 -7.81 4.49 -0.86
C PRO A 10 -6.61 5.40 -0.63
N PRO A 11 -6.74 6.38 0.28
CA PRO A 11 -5.65 7.31 0.59
C PRO A 11 -4.50 6.65 1.34
N LEU A 12 -3.34 7.29 1.30
CA LEU A 12 -2.15 6.75 1.99
C LEU A 12 -1.97 7.41 3.34
N ILE A 13 -1.45 6.64 4.31
CA ILE A 13 -1.23 7.15 5.65
C ILE A 13 0.26 7.18 5.97
N SER A 14 0.77 8.37 6.32
CA SER A 14 2.18 8.53 6.65
C SER A 14 2.43 8.19 8.12
N SER A 15 3.40 7.31 8.36
CA SER A 15 3.74 6.90 9.71
C SER A 15 5.22 7.20 10.01
N ALA A 16 5.46 7.98 11.06
CA ALA A 16 6.81 8.33 11.45
C ALA A 16 6.84 8.87 12.88
N LYS A 17 6.42 8.05 13.83
CA LYS A 17 6.40 8.44 15.24
C LYS A 17 7.43 7.66 16.03
N ASP B 15 13.41 -7.59 3.02
CA ASP B 15 12.01 -7.73 3.40
C ASP B 15 11.77 -7.26 4.83
N SER B 16 11.42 -5.98 4.98
CA SER B 16 11.16 -5.41 6.29
C SER B 16 9.90 -4.56 6.28
N SER B 17 9.55 -4.01 7.44
CA SER B 17 8.36 -3.19 7.56
C SER B 17 8.55 -1.85 6.86
N GLU B 18 9.79 -1.39 6.80
CA GLU B 18 10.11 -0.12 6.15
C GLU B 18 10.71 -0.36 4.76
N SER B 19 9.84 -0.37 3.75
CA SER B 19 10.28 -0.58 2.38
C SER B 19 9.12 -0.42 1.40
N CYS B 20 9.36 0.31 0.32
CA CYS B 20 8.33 0.55 -0.69
C CYS B 20 8.02 -0.72 -1.47
N TRP B 21 6.74 -1.08 -1.51
CA TRP B 21 6.31 -2.29 -2.22
C TRP B 21 6.60 -2.19 -3.72
N ASN B 22 6.72 -0.97 -4.22
CA ASN B 22 6.99 -0.74 -5.65
C ASN B 22 8.46 -0.44 -5.90
N CYS B 23 8.95 0.66 -5.33
CA CYS B 23 10.33 1.07 -5.51
C CYS B 23 11.30 -0.05 -5.10
N GLY B 24 11.24 -0.46 -3.85
CA GLY B 24 12.13 -1.51 -3.37
C GLY B 24 13.31 -0.97 -2.57
N ARG B 25 13.13 0.23 -2.01
CA ARG B 25 14.18 0.86 -1.22
C ARG B 25 13.66 1.25 0.16
N LYS B 26 12.72 2.18 0.19
CA LYS B 26 12.13 2.65 1.45
C LYS B 26 10.77 3.28 1.21
N ALA B 27 9.91 3.20 2.24
CA ALA B 27 8.57 3.77 2.15
C ALA B 27 8.15 4.40 3.47
N SER B 28 7.43 5.51 3.41
CA SER B 28 6.98 6.21 4.60
C SER B 28 5.45 6.31 4.67
N GLU B 29 4.77 5.86 3.61
CA GLU B 29 3.32 5.91 3.57
C GLU B 29 2.75 4.49 3.67
N THR B 30 1.49 4.41 4.10
CA THR B 30 0.83 3.11 4.27
C THR B 30 -0.58 3.12 3.69
N CYS B 31 -0.95 2.04 3.02
CA CYS B 31 -2.27 1.91 2.44
C CYS B 31 -3.33 1.87 3.54
N SER B 32 -4.04 2.98 3.71
CA SER B 32 -5.08 3.09 4.74
C SER B 32 -6.26 2.15 4.46
N GLY B 33 -6.29 1.55 3.28
CA GLY B 33 -7.37 0.65 2.94
C GLY B 33 -7.19 -0.72 3.56
N CYS B 34 -5.98 -1.25 3.52
CA CYS B 34 -5.69 -2.56 4.09
C CYS B 34 -4.74 -2.45 5.28
N ASN B 35 -4.11 -1.29 5.43
CA ASN B 35 -3.16 -1.07 6.52
C ASN B 35 -2.00 -2.06 6.47
N THR B 36 -1.74 -2.59 5.27
CA THR B 36 -0.66 -3.56 5.09
C THR B 36 0.36 -3.08 4.07
N ALA B 37 -0.12 -2.44 3.02
CA ALA B 37 0.75 -1.95 1.95
C ALA B 37 1.51 -0.70 2.38
N ARG B 38 2.66 -0.48 1.74
CA ARG B 38 3.49 0.68 2.03
C ARG B 38 4.03 1.29 0.75
N TYR B 39 4.09 2.63 0.72
CA TYR B 39 4.60 3.33 -0.46
C TYR B 39 5.20 4.67 -0.06
N CYS B 40 6.20 5.12 -0.80
CA CYS B 40 6.86 6.39 -0.52
C CYS B 40 6.24 7.52 -1.32
N GLY B 41 5.53 7.19 -2.39
CA GLY B 41 4.92 8.23 -3.21
C GLY B 41 3.63 7.77 -3.88
N SER B 42 2.72 8.72 -4.11
CA SER B 42 1.43 8.43 -4.74
C SER B 42 1.60 7.64 -6.04
N PHE B 43 2.77 7.74 -6.66
CA PHE B 43 3.02 7.02 -7.90
C PHE B 43 3.36 5.56 -7.62
N CYS B 44 4.07 5.34 -6.52
CA CYS B 44 4.47 3.99 -6.14
C CYS B 44 3.26 3.12 -5.82
N GLN B 45 2.32 3.67 -5.05
CA GLN B 45 1.12 2.94 -4.69
C GLN B 45 0.30 2.57 -5.93
N HIS B 46 0.19 3.52 -6.87
CA HIS B 46 -0.55 3.28 -8.09
C HIS B 46 0.16 2.28 -8.99
N LYS B 47 1.49 2.35 -9.01
CA LYS B 47 2.29 1.45 -9.83
C LYS B 47 2.00 -0.02 -9.50
N ASP B 48 2.09 -0.35 -8.22
CA ASP B 48 1.83 -1.71 -7.76
C ASP B 48 0.34 -1.93 -7.53
N TRP B 49 -0.44 -0.85 -7.57
CA TRP B 49 -1.88 -0.93 -7.34
C TRP B 49 -2.52 -2.08 -8.12
N GLU B 50 -2.13 -2.24 -9.39
CA GLU B 50 -2.68 -3.31 -10.23
C GLU B 50 -2.56 -4.67 -9.55
N LYS B 51 -1.41 -4.92 -8.93
CA LYS B 51 -1.17 -6.18 -8.25
C LYS B 51 -1.69 -6.14 -6.81
N HIS B 52 -1.34 -5.08 -6.10
CA HIS B 52 -1.73 -4.92 -4.70
C HIS B 52 -3.25 -4.98 -4.52
N HIS B 53 -3.99 -4.31 -5.40
CA HIS B 53 -5.45 -4.28 -5.31
C HIS B 53 -6.06 -5.67 -5.26
N HIS B 54 -5.40 -6.66 -5.87
CA HIS B 54 -5.91 -8.04 -5.83
C HIS B 54 -5.98 -8.54 -4.40
N ILE B 55 -5.16 -7.96 -3.52
CA ILE B 55 -5.12 -8.38 -2.11
C ILE B 55 -5.63 -7.29 -1.18
N CYS B 56 -5.91 -6.12 -1.72
CA CYS B 56 -6.40 -5.00 -0.92
C CYS B 56 -7.81 -5.27 -0.41
N GLY B 57 -8.04 -5.02 0.88
CA GLY B 57 -9.35 -5.24 1.46
C GLY B 57 -9.42 -6.53 2.27
N GLN B 58 -8.41 -7.38 2.12
CA GLN B 58 -8.37 -8.64 2.84
C GLN B 58 -9.53 -9.54 2.44
N THR B 59 -9.33 -10.85 2.55
CA THR B 59 -10.36 -11.82 2.19
C THR B 59 -11.58 -11.66 3.08
N LEU B 60 -11.35 -11.35 4.36
CA LEU B 60 -12.44 -11.17 5.32
C LEU B 60 -12.88 -9.71 5.36
N GLN B 61 -14.15 -9.49 5.67
CA GLN B 61 -14.70 -8.15 5.75
C GLN B 61 -14.76 -7.66 7.20
N ALA B 62 -14.31 -6.44 7.43
CA ALA B 62 -14.31 -5.86 8.76
C ALA B 62 -15.34 -4.74 8.88
N GLN B 63 -16.19 -4.82 9.89
CA GLN B 63 -17.22 -3.81 10.11
C GLN B 63 -17.32 -3.45 11.59
N GLN B 64 -17.45 -2.16 11.87
CA GLN B 64 -17.56 -1.69 13.25
C GLN B 64 -18.29 -0.36 13.31
N THR A 5 -7.59 2.77 -16.14
CA THR A 5 -7.98 1.34 -16.29
C THR A 5 -8.52 0.78 -14.98
N ILE A 6 -7.70 0.83 -13.93
CA ILE A 6 -8.09 0.33 -12.63
C ILE A 6 -8.73 1.43 -11.78
N SER A 7 -9.49 1.02 -10.77
CA SER A 7 -10.15 1.96 -9.89
C SER A 7 -9.14 2.77 -9.08
N ASN A 8 -9.63 3.71 -8.29
CA ASN A 8 -8.76 4.54 -7.46
C ASN A 8 -8.60 3.94 -6.06
N PRO A 9 -7.37 3.57 -5.68
CA PRO A 9 -7.09 2.98 -4.37
C PRO A 9 -7.25 3.99 -3.24
N PRO A 10 -7.59 3.50 -2.02
CA PRO A 10 -7.78 4.37 -0.85
C PRO A 10 -6.59 5.30 -0.62
N PRO A 11 -6.74 6.28 0.27
CA PRO A 11 -5.67 7.24 0.58
C PRO A 11 -4.51 6.59 1.34
N LEU A 12 -3.34 7.23 1.29
CA LEU A 12 -2.17 6.73 1.98
C LEU A 12 -2.00 7.40 3.35
N ILE A 13 -1.50 6.63 4.32
CA ILE A 13 -1.29 7.15 5.66
C ILE A 13 0.19 7.17 6.02
N SER A 14 0.70 8.35 6.37
CA SER A 14 2.10 8.49 6.74
C SER A 14 2.31 8.18 8.22
N SER A 15 3.26 7.29 8.50
CA SER A 15 3.56 6.91 9.88
C SER A 15 5.03 7.15 10.19
N ALA A 16 5.29 8.15 11.05
CA ALA A 16 6.65 8.48 11.44
C ALA A 16 6.75 8.71 12.94
N LYS A 17 6.81 7.62 13.70
CA LYS A 17 6.91 7.71 15.15
C LYS A 17 8.18 8.44 15.57
N ASP B 15 4.69 -5.26 13.68
CA ASP B 15 4.17 -4.72 12.43
C ASP B 15 5.00 -3.52 11.97
N SER B 16 6.32 -3.61 12.13
CA SER B 16 7.22 -2.54 11.74
C SER B 16 7.98 -2.90 10.46
N SER B 17 7.66 -2.22 9.38
CA SER B 17 8.30 -2.46 8.09
C SER B 17 8.54 -1.16 7.34
N GLU B 18 9.73 -1.01 6.78
CA GLU B 18 10.08 0.19 6.03
C GLU B 18 10.66 -0.17 4.66
N SER B 19 9.80 -0.27 3.66
CA SER B 19 10.23 -0.60 2.31
C SER B 19 9.07 -0.46 1.32
N CYS B 20 9.29 0.30 0.26
CA CYS B 20 8.27 0.51 -0.76
C CYS B 20 7.96 -0.78 -1.51
N TRP B 21 6.68 -1.15 -1.54
CA TRP B 21 6.26 -2.36 -2.23
C TRP B 21 6.53 -2.27 -3.74
N ASN B 22 6.69 -1.05 -4.24
CA ASN B 22 6.94 -0.82 -5.66
C ASN B 22 8.42 -0.53 -5.92
N CYS B 23 8.91 0.57 -5.36
CA CYS B 23 10.30 0.97 -5.55
C CYS B 23 11.27 -0.13 -5.13
N GLY B 24 11.22 -0.53 -3.86
CA GLY B 24 12.10 -1.58 -3.38
C GLY B 24 13.29 -1.02 -2.61
N ARG B 25 13.12 0.16 -2.04
CA ARG B 25 14.18 0.80 -1.28
C ARG B 25 13.68 1.22 0.11
N LYS B 26 12.67 2.09 0.13
CA LYS B 26 12.10 2.56 1.39
C LYS B 26 10.74 3.22 1.16
N ALA B 27 9.90 3.19 2.19
CA ALA B 27 8.57 3.78 2.11
C ALA B 27 8.18 4.41 3.45
N SER B 28 7.46 5.54 3.38
CA SER B 28 7.03 6.24 4.58
C SER B 28 5.50 6.34 4.65
N GLU B 29 4.81 5.87 3.61
CA GLU B 29 3.36 5.92 3.59
C GLU B 29 2.78 4.50 3.74
N THR B 30 1.53 4.43 4.18
CA THR B 30 0.87 3.15 4.37
C THR B 30 -0.53 3.14 3.76
N CYS B 31 -0.88 2.03 3.13
CA CYS B 31 -2.20 1.90 2.52
C CYS B 31 -3.29 1.83 3.59
N SER B 32 -4.05 2.91 3.71
CA SER B 32 -5.12 2.98 4.70
C SER B 32 -6.26 2.01 4.40
N GLY B 33 -6.24 1.41 3.20
CA GLY B 33 -7.28 0.48 2.83
C GLY B 33 -7.13 -0.86 3.53
N CYS B 34 -5.95 -1.44 3.45
CA CYS B 34 -5.68 -2.72 4.09
C CYS B 34 -4.74 -2.55 5.29
N ASN B 35 -4.14 -1.37 5.42
CA ASN B 35 -3.23 -1.09 6.52
C ASN B 35 -2.04 -2.04 6.50
N THR B 36 -1.73 -2.57 5.32
CA THR B 36 -0.63 -3.51 5.16
C THR B 36 0.40 -3.03 4.14
N ALA B 37 -0.10 -2.40 3.08
CA ALA B 37 0.77 -1.91 2.01
C ALA B 37 1.55 -0.68 2.44
N ARG B 38 2.67 -0.45 1.79
CA ARG B 38 3.53 0.70 2.08
C ARG B 38 4.05 1.32 0.79
N TYR B 39 4.13 2.65 0.76
CA TYR B 39 4.61 3.35 -0.42
C TYR B 39 5.26 4.67 -0.03
N CYS B 40 6.27 5.09 -0.79
CA CYS B 40 6.95 6.34 -0.52
C CYS B 40 6.33 7.49 -1.32
N GLY B 41 5.58 7.16 -2.37
CA GLY B 41 4.96 8.20 -3.18
C GLY B 41 3.66 7.72 -3.82
N SER B 42 2.73 8.66 -4.01
CA SER B 42 1.44 8.34 -4.63
C SER B 42 1.62 7.49 -5.88
N PHE B 43 2.64 7.80 -6.67
CA PHE B 43 2.91 7.06 -7.90
C PHE B 43 3.26 5.60 -7.59
N CYS B 44 3.96 5.38 -6.49
CA CYS B 44 4.37 4.04 -6.09
C CYS B 44 3.15 3.19 -5.79
N GLN B 45 2.19 3.77 -5.07
CA GLN B 45 0.98 3.05 -4.71
C GLN B 45 0.21 2.63 -5.95
N HIS B 46 0.09 3.55 -6.90
CA HIS B 46 -0.61 3.29 -8.15
C HIS B 46 0.14 2.28 -9.02
N LYS B 47 1.46 2.37 -9.01
CA LYS B 47 2.30 1.47 -9.81
C LYS B 47 2.02 0.01 -9.45
N ASP B 48 2.10 -0.30 -8.16
CA ASP B 48 1.86 -1.66 -7.70
C ASP B 48 0.37 -1.90 -7.48
N TRP B 49 -0.43 -0.84 -7.55
CA TRP B 49 -1.87 -0.93 -7.36
C TRP B 49 -2.48 -2.11 -8.12
N GLU B 50 -2.07 -2.28 -9.37
CA GLU B 50 -2.59 -3.37 -10.21
C GLU B 50 -2.45 -4.72 -9.50
N LYS B 51 -1.31 -4.94 -8.86
CA LYS B 51 -1.06 -6.19 -8.16
C LYS B 51 -1.60 -6.13 -6.73
N HIS B 52 -1.28 -5.05 -6.03
CA HIS B 52 -1.70 -4.88 -4.64
C HIS B 52 -3.22 -4.95 -4.48
N HIS B 53 -3.96 -4.30 -5.38
CA HIS B 53 -5.41 -4.27 -5.31
C HIS B 53 -6.02 -5.67 -5.24
N HIS B 54 -5.35 -6.66 -5.82
CA HIS B 54 -5.84 -8.03 -5.77
C HIS B 54 -5.93 -8.49 -4.31
N ILE B 55 -5.03 -7.95 -3.47
CA ILE B 55 -4.99 -8.30 -2.06
C ILE B 55 -5.80 -7.34 -1.20
N CYS B 56 -5.50 -6.05 -1.33
CA CYS B 56 -6.18 -5.00 -0.58
C CYS B 56 -7.67 -5.28 -0.37
N GLY B 57 -8.23 -4.70 0.67
CA GLY B 57 -9.64 -4.89 0.96
C GLY B 57 -9.97 -6.32 1.31
N GLN B 58 -9.03 -7.01 1.96
CA GLN B 58 -9.24 -8.39 2.36
C GLN B 58 -8.71 -8.65 3.76
N THR B 59 -8.88 -9.88 4.25
CA THR B 59 -8.42 -10.25 5.57
C THR B 59 -7.58 -11.51 5.53
N LEU B 60 -6.26 -11.36 5.62
CA LEU B 60 -5.34 -12.49 5.58
C LEU B 60 -4.29 -12.37 6.68
N GLN B 61 -3.33 -13.28 6.66
CA GLN B 61 -2.25 -13.28 7.66
C GLN B 61 -0.96 -12.75 7.07
N ALA B 62 -0.10 -12.22 7.93
CA ALA B 62 1.18 -11.67 7.49
C ALA B 62 2.32 -12.16 8.37
N GLN B 63 3.17 -13.02 7.81
CA GLN B 63 4.30 -13.56 8.55
C GLN B 63 5.51 -13.78 7.63
N GLN B 64 6.61 -14.22 8.22
CA GLN B 64 7.82 -14.47 7.45
C GLN B 64 7.63 -15.63 6.48
N THR A 5 -6.88 1.81 -17.17
CA THR A 5 -6.31 2.11 -15.83
C THR A 5 -7.19 1.58 -14.71
N ILE A 6 -6.57 1.05 -13.66
CA ILE A 6 -7.30 0.51 -12.53
C ILE A 6 -8.07 1.60 -11.80
N SER A 7 -9.06 1.20 -11.01
CA SER A 7 -9.88 2.15 -10.26
C SER A 7 -9.00 3.04 -9.36
N ASN A 8 -9.64 3.78 -8.47
CA ASN A 8 -8.93 4.67 -7.56
C ASN A 8 -8.72 4.02 -6.19
N PRO A 9 -7.49 3.60 -5.88
CA PRO A 9 -7.18 2.95 -4.60
C PRO A 9 -7.36 3.90 -3.41
N PRO A 10 -7.25 3.37 -2.18
CA PRO A 10 -7.40 4.17 -0.96
C PRO A 10 -6.20 5.09 -0.74
N PRO A 11 -6.36 6.11 0.13
CA PRO A 11 -5.27 7.04 0.42
C PRO A 11 -4.15 6.41 1.23
N LEU A 12 -3.01 7.07 1.26
CA LEU A 12 -1.85 6.58 2.00
C LEU A 12 -1.71 7.29 3.34
N ILE A 13 -1.20 6.58 4.33
CA ILE A 13 -1.02 7.14 5.67
C ILE A 13 0.46 7.19 6.03
N SER A 14 0.95 8.38 6.36
CA SER A 14 2.35 8.56 6.72
C SER A 14 2.59 8.17 8.18
N SER A 15 3.58 7.32 8.39
CA SER A 15 3.91 6.86 9.74
C SER A 15 5.38 7.14 10.06
N ALA A 16 5.61 8.00 11.06
CA ALA A 16 6.96 8.35 11.47
C ALA A 16 6.95 9.25 12.69
N LYS A 17 6.73 8.65 13.86
CA LYS A 17 6.70 9.41 15.11
C LYS A 17 8.09 9.57 15.69
N ASP B 15 8.04 -6.46 13.48
CA ASP B 15 6.82 -6.01 12.81
C ASP B 15 7.06 -4.71 12.05
N SER B 16 8.28 -4.52 11.58
CA SER B 16 8.65 -3.31 10.84
C SER B 16 9.82 -3.57 9.90
N SER B 17 10.10 -2.61 9.03
CA SER B 17 11.21 -2.73 8.09
C SER B 17 11.32 -1.48 7.23
N GLU B 18 10.18 -0.90 6.87
CA GLU B 18 10.16 0.30 6.05
C GLU B 18 10.74 0.03 4.66
N SER B 19 9.87 -0.31 3.72
CA SER B 19 10.29 -0.60 2.35
C SER B 19 9.14 -0.46 1.37
N CYS B 20 9.36 0.31 0.32
CA CYS B 20 8.33 0.55 -0.69
C CYS B 20 8.03 -0.73 -1.47
N TRP B 21 6.75 -1.10 -1.53
CA TRP B 21 6.33 -2.31 -2.23
C TRP B 21 6.63 -2.22 -3.73
N ASN B 22 6.75 -0.99 -4.23
CA ASN B 22 7.01 -0.76 -5.65
C ASN B 22 8.50 -0.46 -5.90
N CYS B 23 8.98 0.64 -5.33
CA CYS B 23 10.37 1.04 -5.50
C CYS B 23 11.33 -0.08 -5.07
N GLY B 24 11.27 -0.48 -3.81
CA GLY B 24 12.14 -1.53 -3.34
C GLY B 24 13.32 -0.99 -2.54
N ARG B 25 13.16 0.18 -1.97
CA ARG B 25 14.21 0.81 -1.18
C ARG B 25 13.69 1.22 0.20
N LYS B 26 12.72 2.12 0.23
CA LYS B 26 12.14 2.59 1.48
C LYS B 26 10.77 3.24 1.25
N ALA B 27 9.93 3.20 2.26
CA ALA B 27 8.59 3.78 2.18
C ALA B 27 8.18 4.41 3.51
N SER B 28 7.47 5.52 3.45
CA SER B 28 7.02 6.22 4.65
C SER B 28 5.49 6.31 4.71
N GLU B 29 4.81 5.85 3.66
CA GLU B 29 3.35 5.88 3.62
C GLU B 29 2.79 4.48 3.72
N THR B 30 1.53 4.37 4.13
CA THR B 30 0.88 3.08 4.30
C THR B 30 -0.54 3.09 3.72
N CYS B 31 -0.91 2.00 3.06
CA CYS B 31 -2.23 1.88 2.46
C CYS B 31 -3.29 1.84 3.56
N SER B 32 -3.97 2.97 3.75
CA SER B 32 -5.01 3.09 4.78
C SER B 32 -6.21 2.17 4.50
N GLY B 33 -6.24 1.58 3.30
CA GLY B 33 -7.35 0.70 2.97
C GLY B 33 -7.20 -0.68 3.58
N CYS B 34 -6.00 -1.24 3.51
CA CYS B 34 -5.73 -2.56 4.07
C CYS B 34 -4.77 -2.46 5.27
N ASN B 35 -4.14 -1.31 5.43
CA ASN B 35 -3.20 -1.10 6.53
C ASN B 35 -2.04 -2.08 6.47
N THR B 36 -1.78 -2.60 5.28
CA THR B 36 -0.70 -3.58 5.10
C THR B 36 0.33 -3.11 4.08
N ALA B 37 -0.14 -2.46 3.03
CA ALA B 37 0.74 -1.97 1.97
C ALA B 37 1.51 -0.73 2.41
N ARG B 38 2.65 -0.50 1.76
CA ARG B 38 3.49 0.65 2.05
C ARG B 38 4.02 1.27 0.77
N TYR B 39 4.09 2.60 0.74
CA TYR B 39 4.58 3.30 -0.44
C TYR B 39 5.20 4.64 -0.05
N CYS B 40 6.22 5.06 -0.79
CA CYS B 40 6.89 6.32 -0.51
C CYS B 40 6.28 7.47 -1.31
N GLY B 41 5.57 7.14 -2.38
CA GLY B 41 4.95 8.17 -3.20
C GLY B 41 3.67 7.70 -3.88
N SER B 42 2.75 8.65 -4.10
CA SER B 42 1.48 8.33 -4.74
C SER B 42 1.67 7.47 -5.99
N PHE B 43 2.70 7.77 -6.76
CA PHE B 43 2.98 7.01 -7.98
C PHE B 43 3.31 5.56 -7.64
N CYS B 44 3.98 5.37 -6.50
CA CYS B 44 4.37 4.02 -6.06
C CYS B 44 3.14 3.17 -5.76
N GLN B 45 2.20 3.75 -5.01
CA GLN B 45 0.98 3.03 -4.65
C GLN B 45 0.20 2.64 -5.91
N HIS B 46 0.12 3.56 -6.85
CA HIS B 46 -0.60 3.32 -8.10
C HIS B 46 0.13 2.31 -8.98
N LYS B 47 1.46 2.38 -8.98
CA LYS B 47 2.28 1.49 -9.80
C LYS B 47 1.98 0.03 -9.48
N ASP B 48 2.06 -0.32 -8.19
CA ASP B 48 1.81 -1.68 -7.76
C ASP B 48 0.31 -1.92 -7.56
N TRP B 49 -0.48 -0.85 -7.62
CA TRP B 49 -1.92 -0.94 -7.43
C TRP B 49 -2.53 -2.11 -8.20
N GLU B 50 -2.12 -2.29 -9.46
CA GLU B 50 -2.65 -3.37 -10.29
C GLU B 50 -2.51 -4.71 -9.60
N LYS B 51 -1.38 -4.94 -8.95
CA LYS B 51 -1.14 -6.20 -8.25
C LYS B 51 -1.67 -6.14 -6.82
N HIS B 52 -1.36 -5.07 -6.12
CA HIS B 52 -1.78 -4.90 -4.73
C HIS B 52 -3.30 -4.97 -4.56
N HIS B 53 -4.03 -4.34 -5.47
CA HIS B 53 -5.49 -4.33 -5.40
C HIS B 53 -6.09 -5.73 -5.32
N HIS B 54 -5.41 -6.73 -5.90
CA HIS B 54 -5.90 -8.10 -5.83
C HIS B 54 -5.99 -8.57 -4.39
N ILE B 55 -5.19 -7.97 -3.52
CA ILE B 55 -5.15 -8.37 -2.11
C ILE B 55 -5.67 -7.27 -1.19
N CYS B 56 -5.94 -6.10 -1.74
CA CYS B 56 -6.44 -4.97 -0.96
C CYS B 56 -7.85 -5.23 -0.46
N GLY B 57 -8.09 -4.97 0.82
CA GLY B 57 -9.40 -5.18 1.40
C GLY B 57 -9.53 -6.53 2.09
N GLN B 58 -8.39 -7.07 2.53
CA GLN B 58 -8.38 -8.36 3.21
C GLN B 58 -7.01 -8.63 3.83
N THR B 59 -6.99 -8.81 5.15
CA THR B 59 -5.75 -9.07 5.86
C THR B 59 -5.20 -10.45 5.50
N LEU B 60 -6.05 -11.47 5.60
CA LEU B 60 -5.65 -12.83 5.29
C LEU B 60 -6.57 -13.45 4.24
N GLN B 61 -6.01 -14.26 3.36
CA GLN B 61 -6.78 -14.91 2.30
C GLN B 61 -6.56 -16.41 2.32
N ALA B 62 -7.63 -17.16 2.49
CA ALA B 62 -7.56 -18.62 2.52
C ALA B 62 -8.68 -19.25 1.70
N GLN B 63 -9.07 -18.56 0.62
CA GLN B 63 -10.12 -19.05 -0.26
C GLN B 63 -9.72 -18.91 -1.72
N GLN B 64 -8.94 -19.86 -2.21
CA GLN B 64 -8.49 -19.84 -3.60
C GLN B 64 -8.51 -21.24 -4.21
N THR A 5 -6.12 1.77 -16.24
CA THR A 5 -7.39 1.02 -16.48
C THR A 5 -7.86 0.33 -15.20
N ILE A 6 -7.53 0.92 -14.06
CA ILE A 6 -7.92 0.35 -12.77
C ILE A 6 -8.68 1.38 -11.93
N SER A 7 -9.43 0.88 -10.95
CA SER A 7 -10.20 1.75 -10.07
C SER A 7 -9.29 2.62 -9.21
N ASN A 8 -9.87 3.60 -8.54
CA ASN A 8 -9.12 4.50 -7.69
C ASN A 8 -8.86 3.87 -6.32
N PRO A 9 -7.59 3.78 -5.89
CA PRO A 9 -7.23 3.20 -4.60
C PRO A 9 -7.52 4.13 -3.43
N PRO A 10 -7.40 3.63 -2.19
CA PRO A 10 -7.65 4.44 -0.99
C PRO A 10 -6.49 5.39 -0.69
N PRO A 11 -6.69 6.31 0.27
CA PRO A 11 -5.65 7.29 0.65
C PRO A 11 -4.49 6.64 1.39
N LEU A 12 -3.33 7.28 1.34
CA LEU A 12 -2.15 6.77 2.02
C LEU A 12 -1.97 7.41 3.38
N ILE A 13 -1.48 6.65 4.34
CA ILE A 13 -1.26 7.16 5.70
C ILE A 13 0.22 7.19 6.04
N SER A 14 0.72 8.37 6.39
CA SER A 14 2.13 8.54 6.74
C SER A 14 2.36 8.25 8.22
N SER A 15 3.32 7.38 8.51
CA SER A 15 3.64 7.03 9.89
C SER A 15 5.09 7.39 10.22
N ALA A 16 5.25 8.35 11.13
CA ALA A 16 6.58 8.78 11.55
C ALA A 16 6.57 9.30 12.98
N LYS A 17 6.97 8.45 13.92
CA LYS A 17 7.00 8.81 15.33
C LYS A 17 8.31 9.50 15.68
N ASP B 15 0.99 -6.70 8.03
CA ASP B 15 2.43 -6.62 7.81
C ASP B 15 2.85 -5.20 7.47
N SER B 16 3.68 -4.61 8.33
CA SER B 16 4.16 -3.24 8.12
C SER B 16 5.68 -3.18 8.21
N SER B 17 6.34 -3.19 7.07
CA SER B 17 7.80 -3.14 7.02
C SER B 17 8.28 -1.79 6.50
N GLU B 18 9.58 -1.55 6.60
CA GLU B 18 10.16 -0.30 6.13
C GLU B 18 10.76 -0.45 4.73
N SER B 19 9.89 -0.47 3.73
CA SER B 19 10.33 -0.61 2.35
C SER B 19 9.15 -0.45 1.39
N CYS B 20 9.37 0.31 0.31
CA CYS B 20 8.34 0.55 -0.68
C CYS B 20 8.01 -0.74 -1.45
N TRP B 21 6.72 -1.09 -1.48
CA TRP B 21 6.28 -2.29 -2.19
C TRP B 21 6.57 -2.20 -3.68
N ASN B 22 6.63 -0.98 -4.20
CA ASN B 22 6.89 -0.75 -5.62
C ASN B 22 8.37 -0.47 -5.89
N CYS B 23 8.88 0.63 -5.32
CA CYS B 23 10.27 1.01 -5.50
C CYS B 23 11.22 -0.11 -5.11
N GLY B 24 11.17 -0.53 -3.85
CA GLY B 24 12.04 -1.60 -3.39
C GLY B 24 13.21 -1.08 -2.58
N ARG B 25 13.04 0.10 -1.98
CA ARG B 25 14.09 0.70 -1.17
C ARG B 25 13.55 1.13 0.20
N LYS B 26 12.72 2.16 0.20
CA LYS B 26 12.13 2.67 1.45
C LYS B 26 10.76 3.30 1.20
N ALA B 27 9.91 3.21 2.21
CA ALA B 27 8.56 3.77 2.13
C ALA B 27 8.16 4.40 3.46
N SER B 28 7.43 5.51 3.40
CA SER B 28 6.98 6.21 4.59
C SER B 28 5.46 6.31 4.66
N GLU B 29 4.77 5.85 3.61
CA GLU B 29 3.32 5.90 3.58
C GLU B 29 2.74 4.49 3.70
N THR B 30 1.49 4.42 4.14
CA THR B 30 0.82 3.13 4.33
C THR B 30 -0.59 3.14 3.74
N CYS B 31 -0.97 2.05 3.09
CA CYS B 31 -2.28 1.93 2.50
C CYS B 31 -3.36 1.86 3.58
N SER B 32 -4.11 2.95 3.73
CA SER B 32 -5.16 3.03 4.74
C SER B 32 -6.33 2.08 4.43
N GLY B 33 -6.32 1.49 3.24
CA GLY B 33 -7.40 0.58 2.87
C GLY B 33 -7.22 -0.79 3.49
N CYS B 34 -6.01 -1.32 3.43
CA CYS B 34 -5.71 -2.64 3.98
C CYS B 34 -4.78 -2.53 5.19
N ASN B 35 -4.17 -1.35 5.36
CA ASN B 35 -3.27 -1.11 6.48
C ASN B 35 -2.08 -2.07 6.44
N THR B 36 -1.79 -2.59 5.24
CA THR B 36 -0.68 -3.53 5.07
C THR B 36 0.34 -3.04 4.05
N ALA B 37 -0.16 -2.39 3.01
CA ALA B 37 0.70 -1.87 1.95
C ALA B 37 1.48 -0.63 2.38
N ARG B 38 2.63 -0.42 1.75
CA ARG B 38 3.46 0.73 2.06
C ARG B 38 4.02 1.34 0.77
N TYR B 39 4.10 2.67 0.73
CA TYR B 39 4.62 3.37 -0.44
C TYR B 39 5.23 4.70 -0.05
N CYS B 40 6.24 5.13 -0.80
CA CYS B 40 6.91 6.40 -0.51
C CYS B 40 6.28 7.54 -1.31
N GLY B 41 5.55 7.22 -2.37
CA GLY B 41 4.92 8.25 -3.16
C GLY B 41 3.63 7.80 -3.82
N SER B 42 2.71 8.73 -4.03
CA SER B 42 1.42 8.42 -4.64
C SER B 42 1.60 7.59 -5.91
N PHE B 43 2.62 7.91 -6.69
CA PHE B 43 2.89 7.18 -7.93
C PHE B 43 3.28 5.74 -7.63
N CYS B 44 4.00 5.53 -6.53
CA CYS B 44 4.44 4.20 -6.14
C CYS B 44 3.27 3.28 -5.86
N GLN B 45 2.26 3.80 -5.16
CA GLN B 45 1.08 3.01 -4.82
C GLN B 45 0.32 2.61 -6.08
N HIS B 46 0.26 3.52 -7.07
CA HIS B 46 -0.45 3.25 -8.31
C HIS B 46 0.28 2.22 -9.17
N LYS B 47 1.60 2.27 -9.15
CA LYS B 47 2.41 1.34 -9.94
C LYS B 47 2.10 -0.11 -9.58
N ASP B 48 2.16 -0.41 -8.29
CA ASP B 48 1.89 -1.76 -7.81
C ASP B 48 0.39 -1.97 -7.60
N TRP B 49 -0.38 -0.89 -7.66
CA TRP B 49 -1.83 -0.95 -7.46
C TRP B 49 -2.46 -2.13 -8.21
N GLU B 50 -2.07 -2.32 -9.47
CA GLU B 50 -2.62 -3.39 -10.28
C GLU B 50 -2.49 -4.74 -9.57
N LYS B 51 -1.35 -4.97 -8.93
CA LYS B 51 -1.12 -6.21 -8.23
C LYS B 51 -1.63 -6.14 -6.79
N HIS B 52 -1.28 -5.05 -6.10
CA HIS B 52 -1.68 -4.87 -4.70
C HIS B 52 -3.20 -4.88 -4.51
N HIS B 53 -3.94 -4.24 -5.43
CA HIS B 53 -5.39 -4.17 -5.31
C HIS B 53 -6.02 -5.54 -5.16
N HIS B 54 -5.40 -6.59 -5.71
CA HIS B 54 -5.95 -7.93 -5.59
C HIS B 54 -6.04 -8.33 -4.11
N ILE B 55 -5.14 -7.80 -3.29
CA ILE B 55 -5.09 -8.13 -1.87
C ILE B 55 -5.59 -7.00 -0.98
N CYS B 56 -5.92 -5.86 -1.57
CA CYS B 56 -6.39 -4.72 -0.78
C CYS B 56 -7.74 -5.03 -0.13
N GLY B 57 -7.70 -5.34 1.15
CA GLY B 57 -8.92 -5.66 1.88
C GLY B 57 -9.36 -7.09 1.62
N GLN B 58 -8.59 -7.82 0.82
CA GLN B 58 -8.91 -9.20 0.49
C GLN B 58 -10.31 -9.32 -0.09
N THR B 59 -10.74 -8.27 -0.79
CA THR B 59 -12.07 -8.25 -1.39
C THR B 59 -12.03 -8.82 -2.81
N LEU B 60 -13.18 -9.30 -3.29
CA LEU B 60 -13.28 -9.87 -4.62
C LEU B 60 -14.20 -9.04 -5.51
N GLN B 61 -15.29 -8.55 -4.91
CA GLN B 61 -16.25 -7.73 -5.64
C GLN B 61 -16.89 -8.54 -6.78
N ALA B 62 -17.85 -7.92 -7.46
CA ALA B 62 -18.54 -8.59 -8.57
C ALA B 62 -19.27 -9.83 -8.09
N GLN B 63 -20.59 -9.73 -7.96
CA GLN B 63 -21.40 -10.86 -7.52
C GLN B 63 -22.55 -11.11 -8.49
N GLN B 64 -22.28 -10.94 -9.78
CA GLN B 64 -23.29 -11.16 -10.81
C GLN B 64 -22.67 -11.02 -12.20
N THR A 5 -8.78 0.47 -17.42
CA THR A 5 -8.04 1.06 -16.27
C THR A 5 -8.48 0.44 -14.94
N ILE A 6 -7.79 0.81 -13.87
CA ILE A 6 -8.10 0.27 -12.55
C ILE A 6 -8.85 1.30 -11.70
N SER A 7 -9.54 0.83 -10.68
CA SER A 7 -10.30 1.71 -9.79
C SER A 7 -9.37 2.65 -9.05
N ASN A 8 -9.94 3.44 -8.14
CA ASN A 8 -9.16 4.40 -7.36
C ASN A 8 -8.85 3.84 -5.97
N PRO A 9 -7.57 3.55 -5.68
CA PRO A 9 -7.15 3.01 -4.38
C PRO A 9 -7.34 4.01 -3.25
N PRO A 10 -7.64 3.53 -2.03
CA PRO A 10 -7.82 4.39 -0.86
C PRO A 10 -6.64 5.32 -0.63
N PRO A 11 -6.79 6.30 0.30
CA PRO A 11 -5.73 7.26 0.61
C PRO A 11 -4.56 6.61 1.35
N LEU A 12 -3.40 7.26 1.30
CA LEU A 12 -2.21 6.76 1.97
C LEU A 12 -2.04 7.42 3.34
N ILE A 13 -1.53 6.66 4.29
CA ILE A 13 -1.30 7.17 5.64
C ILE A 13 0.19 7.19 5.98
N SER A 14 0.69 8.36 6.33
CA SER A 14 2.10 8.51 6.67
C SER A 14 2.33 8.22 8.15
N SER A 15 3.31 7.36 8.43
CA SER A 15 3.63 6.98 9.80
C SER A 15 5.07 7.32 10.13
N ALA A 16 5.28 8.09 11.19
CA ALA A 16 6.62 8.49 11.61
C ALA A 16 6.62 9.00 13.05
N LYS A 17 6.58 8.07 14.00
CA LYS A 17 6.58 8.42 15.41
C LYS A 17 7.96 8.24 16.02
N ASP B 15 15.25 -6.41 10.56
CA ASP B 15 15.67 -5.38 9.62
C ASP B 15 14.50 -4.89 8.77
N SER B 16 13.57 -5.80 8.48
CA SER B 16 12.40 -5.45 7.68
C SER B 16 11.42 -4.61 8.49
N SER B 17 11.54 -3.29 8.37
CA SER B 17 10.67 -2.37 9.09
C SER B 17 9.93 -1.45 8.12
N GLU B 18 10.65 -0.95 7.13
CA GLU B 18 10.07 -0.06 6.14
C GLU B 18 10.67 -0.31 4.75
N SER B 19 9.80 -0.30 3.73
CA SER B 19 10.24 -0.52 2.37
C SER B 19 9.08 -0.39 1.39
N CYS B 20 9.32 0.31 0.29
CA CYS B 20 8.29 0.52 -0.73
C CYS B 20 7.98 -0.77 -1.47
N TRP B 21 6.70 -1.14 -1.50
CA TRP B 21 6.27 -2.36 -2.18
C TRP B 21 6.54 -2.28 -3.68
N ASN B 22 6.60 -1.06 -4.21
CA ASN B 22 6.83 -0.83 -5.63
C ASN B 22 8.30 -0.54 -5.91
N CYS B 23 8.81 0.55 -5.35
CA CYS B 23 10.20 0.94 -5.55
C CYS B 23 11.16 -0.18 -5.16
N GLY B 24 11.13 -0.58 -3.89
CA GLY B 24 12.01 -1.65 -3.43
C GLY B 24 13.18 -1.12 -2.62
N ARG B 25 13.00 0.06 -2.03
CA ARG B 25 14.05 0.68 -1.23
C ARG B 25 13.50 1.10 0.14
N LYS B 26 12.73 2.18 0.15
CA LYS B 26 12.15 2.68 1.40
C LYS B 26 10.78 3.30 1.16
N ALA B 27 9.92 3.20 2.18
CA ALA B 27 8.56 3.75 2.11
C ALA B 27 8.17 4.40 3.43
N SER B 28 7.44 5.51 3.35
CA SER B 28 7.01 6.23 4.54
C SER B 28 5.48 6.32 4.62
N GLU B 29 4.79 5.86 3.58
CA GLU B 29 3.34 5.91 3.55
C GLU B 29 2.76 4.50 3.69
N THR B 30 1.51 4.42 4.15
CA THR B 30 0.84 3.14 4.34
C THR B 30 -0.56 3.15 3.74
N CYS B 31 -0.92 2.04 3.10
CA CYS B 31 -2.23 1.90 2.49
C CYS B 31 -3.31 1.82 3.57
N SER B 32 -4.08 2.90 3.70
CA SER B 32 -5.14 2.97 4.71
C SER B 32 -6.28 2.00 4.40
N GLY B 33 -6.26 1.40 3.20
CA GLY B 33 -7.31 0.46 2.84
C GLY B 33 -7.14 -0.88 3.52
N CYS B 34 -5.94 -1.44 3.45
CA CYS B 34 -5.65 -2.73 4.07
C CYS B 34 -4.72 -2.56 5.28
N ASN B 35 -4.13 -1.37 5.41
CA ASN B 35 -3.22 -1.09 6.51
C ASN B 35 -2.01 -2.03 6.48
N THR B 36 -1.72 -2.58 5.31
CA THR B 36 -0.61 -3.51 5.15
C THR B 36 0.41 -3.02 4.12
N ALA B 37 -0.09 -2.40 3.06
CA ALA B 37 0.76 -1.90 1.98
C ALA B 37 1.53 -0.66 2.42
N ARG B 38 2.67 -0.44 1.78
CA ARG B 38 3.52 0.71 2.07
C ARG B 38 4.06 1.33 0.78
N TYR B 39 4.13 2.65 0.75
CA TYR B 39 4.64 3.35 -0.44
C TYR B 39 5.26 4.69 -0.05
N CYS B 40 6.26 5.12 -0.81
CA CYS B 40 6.93 6.38 -0.53
C CYS B 40 6.31 7.53 -1.32
N GLY B 41 5.57 7.21 -2.38
CA GLY B 41 4.95 8.25 -3.19
C GLY B 41 3.65 7.79 -3.82
N SER B 42 2.74 8.74 -4.01
CA SER B 42 1.43 8.45 -4.61
C SER B 42 1.57 7.60 -5.87
N PHE B 43 2.59 7.90 -6.68
CA PHE B 43 2.83 7.16 -7.90
C PHE B 43 3.23 5.72 -7.60
N CYS B 44 3.95 5.53 -6.49
CA CYS B 44 4.40 4.20 -6.10
C CYS B 44 3.23 3.27 -5.79
N GLN B 45 2.23 3.80 -5.09
CA GLN B 45 1.06 3.00 -4.73
C GLN B 45 0.27 2.61 -5.98
N HIS B 46 0.19 3.52 -6.94
CA HIS B 46 -0.53 3.27 -8.18
C HIS B 46 0.19 2.25 -9.05
N LYS B 47 1.52 2.31 -9.05
CA LYS B 47 2.34 1.40 -9.85
C LYS B 47 2.04 -0.05 -9.48
N ASP B 48 2.12 -0.35 -8.19
CA ASP B 48 1.87 -1.70 -7.70
C ASP B 48 0.37 -1.92 -7.48
N TRP B 49 -0.41 -0.85 -7.55
CA TRP B 49 -1.85 -0.93 -7.35
C TRP B 49 -2.47 -2.11 -8.11
N GLU B 50 -2.07 -2.28 -9.37
CA GLU B 50 -2.60 -3.35 -10.21
C GLU B 50 -2.47 -4.71 -9.52
N LYS B 51 -1.32 -4.96 -8.90
CA LYS B 51 -1.08 -6.22 -8.21
C LYS B 51 -1.59 -6.17 -6.77
N HIS B 52 -1.29 -5.08 -6.08
CA HIS B 52 -1.69 -4.92 -4.69
C HIS B 52 -3.21 -4.96 -4.51
N HIS B 53 -3.95 -4.31 -5.40
CA HIS B 53 -5.40 -4.26 -5.30
C HIS B 53 -6.02 -5.65 -5.23
N HIS B 54 -5.37 -6.66 -5.83
CA HIS B 54 -5.89 -8.03 -5.76
C HIS B 54 -5.96 -8.47 -4.30
N ILE B 55 -5.04 -7.95 -3.48
CA ILE B 55 -4.98 -8.30 -2.06
C ILE B 55 -5.79 -7.35 -1.21
N CYS B 56 -5.50 -6.04 -1.34
CA CYS B 56 -6.18 -5.00 -0.58
C CYS B 56 -7.66 -5.29 -0.37
N GLY B 57 -8.22 -4.70 0.67
CA GLY B 57 -9.63 -4.89 0.99
C GLY B 57 -9.93 -6.31 1.45
N GLN B 58 -8.99 -6.91 2.17
CA GLN B 58 -9.16 -8.26 2.68
C GLN B 58 -9.80 -8.25 4.06
N THR B 59 -10.63 -9.25 4.33
CA THR B 59 -11.31 -9.37 5.60
C THR B 59 -10.52 -10.23 6.58
N LEU B 60 -9.54 -9.61 7.24
CA LEU B 60 -8.71 -10.32 8.20
C LEU B 60 -9.11 -9.98 9.62
N GLN B 61 -9.57 -10.99 10.37
CA GLN B 61 -9.99 -10.80 11.75
C GLN B 61 -11.14 -9.79 11.83
N ALA B 62 -12.34 -10.25 11.51
CA ALA B 62 -13.52 -9.40 11.55
C ALA B 62 -14.68 -10.09 12.26
N GLN B 63 -14.96 -11.34 11.86
CA GLN B 63 -16.04 -12.11 12.45
C GLN B 63 -15.51 -13.03 13.54
N GLN B 64 -16.40 -13.86 14.08
CA GLN B 64 -16.02 -14.79 15.14
C GLN B 64 -16.08 -16.23 14.63
N THR A 5 -7.52 1.48 -17.40
CA THR A 5 -6.87 1.79 -16.10
C THR A 5 -7.52 1.02 -14.95
N ILE A 6 -6.97 1.18 -13.75
CA ILE A 6 -7.49 0.51 -12.57
C ILE A 6 -8.31 1.47 -11.72
N SER A 7 -9.15 0.91 -10.85
CA SER A 7 -9.99 1.72 -9.98
C SER A 7 -9.16 2.69 -9.16
N ASN A 8 -9.81 3.40 -8.24
CA ASN A 8 -9.12 4.38 -7.40
C ASN A 8 -8.81 3.78 -6.02
N PRO A 9 -7.54 3.45 -5.75
CA PRO A 9 -7.14 2.88 -4.46
C PRO A 9 -7.25 3.88 -3.31
N PRO A 10 -7.54 3.39 -2.09
CA PRO A 10 -7.66 4.25 -0.91
C PRO A 10 -6.46 5.16 -0.74
N PRO A 11 -6.56 6.16 0.15
CA PRO A 11 -5.48 7.11 0.41
C PRO A 11 -4.34 6.49 1.22
N LEU A 12 -3.19 7.16 1.23
CA LEU A 12 -2.03 6.68 1.96
C LEU A 12 -1.89 7.38 3.30
N ILE A 13 -1.38 6.65 4.29
CA ILE A 13 -1.18 7.20 5.63
C ILE A 13 0.30 7.23 5.98
N SER A 14 0.80 8.42 6.32
CA SER A 14 2.21 8.58 6.67
C SER A 14 2.44 8.26 8.14
N SER A 15 3.45 7.43 8.41
CA SER A 15 3.77 7.04 9.77
C SER A 15 5.27 7.20 10.04
N ALA A 16 5.61 8.12 10.94
CA ALA A 16 7.00 8.38 11.29
C ALA A 16 7.13 8.79 12.74
N LYS A 17 7.82 7.97 13.54
CA LYS A 17 8.01 8.25 14.95
C LYS A 17 9.50 8.25 15.30
N ASP B 15 14.96 -8.31 12.36
CA ASP B 15 13.97 -7.24 12.36
C ASP B 15 14.20 -6.29 11.17
N SER B 16 13.55 -6.61 10.05
CA SER B 16 13.68 -5.78 8.86
C SER B 16 12.31 -5.30 8.37
N SER B 17 12.15 -3.98 8.32
CA SER B 17 10.89 -3.40 7.87
C SER B 17 11.13 -2.10 7.10
N GLU B 18 10.06 -1.39 6.80
CA GLU B 18 10.15 -0.13 6.06
C GLU B 18 10.73 -0.36 4.67
N SER B 19 9.86 -0.38 3.66
CA SER B 19 10.29 -0.59 2.29
C SER B 19 9.12 -0.45 1.33
N CYS B 20 9.32 0.33 0.27
CA CYS B 20 8.27 0.55 -0.73
C CYS B 20 7.95 -0.74 -1.48
N TRP B 21 6.67 -1.09 -1.50
CA TRP B 21 6.23 -2.31 -2.19
C TRP B 21 6.48 -2.22 -3.69
N ASN B 22 6.61 -0.99 -4.20
CA ASN B 22 6.85 -0.76 -5.62
C ASN B 22 8.34 -0.50 -5.90
N CYS B 23 8.86 0.58 -5.34
CA CYS B 23 10.26 0.95 -5.54
C CYS B 23 11.20 -0.19 -5.12
N GLY B 24 11.14 -0.58 -3.85
CA GLY B 24 12.00 -1.66 -3.39
C GLY B 24 13.17 -1.15 -2.57
N ARG B 25 13.01 0.02 -1.97
CA ARG B 25 14.06 0.62 -1.15
C ARG B 25 13.52 1.06 0.21
N LYS B 26 12.72 2.12 0.20
CA LYS B 26 12.14 2.64 1.45
C LYS B 26 10.78 3.27 1.21
N ALA B 27 9.92 3.21 2.22
CA ALA B 27 8.59 3.79 2.14
C ALA B 27 8.19 4.44 3.46
N SER B 28 7.48 5.56 3.38
CA SER B 28 7.04 6.28 4.58
C SER B 28 5.52 6.37 4.67
N GLU B 29 4.83 5.91 3.64
CA GLU B 29 3.37 5.94 3.61
C GLU B 29 2.80 4.53 3.75
N THR B 30 1.55 4.44 4.18
CA THR B 30 0.90 3.16 4.37
C THR B 30 -0.51 3.15 3.76
N CYS B 31 -0.86 2.04 3.12
CA CYS B 31 -2.18 1.91 2.51
C CYS B 31 -3.26 1.85 3.59
N SER B 32 -4.01 2.94 3.72
CA SER B 32 -5.07 3.02 4.72
C SER B 32 -6.23 2.06 4.42
N GLY B 33 -6.21 1.46 3.24
CA GLY B 33 -7.28 0.54 2.87
C GLY B 33 -7.12 -0.80 3.55
N CYS B 34 -5.93 -1.38 3.47
CA CYS B 34 -5.67 -2.68 4.10
C CYS B 34 -4.74 -2.52 5.31
N ASN B 35 -4.13 -1.34 5.45
CA ASN B 35 -3.22 -1.06 6.54
C ASN B 35 -2.04 -2.01 6.52
N THR B 36 -1.73 -2.56 5.35
CA THR B 36 -0.62 -3.50 5.21
C THR B 36 0.40 -3.02 4.17
N ALA B 37 -0.10 -2.40 3.11
CA ALA B 37 0.76 -1.91 2.04
C ALA B 37 1.53 -0.66 2.46
N ARG B 38 2.66 -0.43 1.80
CA ARG B 38 3.50 0.72 2.09
C ARG B 38 4.02 1.33 0.79
N TYR B 39 4.09 2.66 0.75
CA TYR B 39 4.57 3.36 -0.44
C TYR B 39 5.19 4.70 -0.06
N CYS B 40 6.20 5.12 -0.81
CA CYS B 40 6.86 6.39 -0.54
C CYS B 40 6.25 7.52 -1.35
N GLY B 41 5.51 7.20 -2.41
CA GLY B 41 4.89 8.22 -3.22
C GLY B 41 3.61 7.76 -3.89
N SER B 42 2.70 8.72 -4.12
CA SER B 42 1.42 8.42 -4.75
C SER B 42 1.59 7.57 -6.01
N PHE B 43 2.66 7.81 -6.75
CA PHE B 43 2.92 7.06 -7.97
C PHE B 43 3.26 5.61 -7.64
N CYS B 44 3.94 5.41 -6.51
CA CYS B 44 4.32 4.06 -6.09
C CYS B 44 3.09 3.21 -5.77
N GLN B 45 2.14 3.78 -5.04
CA GLN B 45 0.93 3.06 -4.68
C GLN B 45 0.15 2.66 -5.94
N HIS B 46 0.06 3.58 -6.89
CA HIS B 46 -0.65 3.32 -8.14
C HIS B 46 0.11 2.32 -9.01
N LYS B 47 1.43 2.42 -9.00
CA LYS B 47 2.27 1.52 -9.80
C LYS B 47 2.01 0.06 -9.46
N ASP B 48 2.09 -0.26 -8.17
CA ASP B 48 1.86 -1.63 -7.72
C ASP B 48 0.36 -1.89 -7.51
N TRP B 49 -0.44 -0.83 -7.61
CA TRP B 49 -1.88 -0.95 -7.43
C TRP B 49 -2.46 -2.14 -8.20
N GLU B 50 -2.02 -2.33 -9.44
CA GLU B 50 -2.51 -3.42 -10.27
C GLU B 50 -2.37 -4.76 -9.55
N LYS B 51 -1.23 -4.95 -8.89
CA LYS B 51 -0.97 -6.19 -8.17
C LYS B 51 -1.52 -6.14 -6.75
N HIS B 52 -1.24 -5.04 -6.06
CA HIS B 52 -1.70 -4.87 -4.68
C HIS B 52 -3.21 -4.94 -4.53
N HIS B 53 -3.94 -4.33 -5.46
CA HIS B 53 -5.40 -4.32 -5.41
C HIS B 53 -6.00 -5.72 -5.31
N HIS B 54 -5.32 -6.73 -5.86
CA HIS B 54 -5.83 -8.10 -5.76
C HIS B 54 -5.91 -8.52 -4.29
N ILE B 55 -4.99 -7.98 -3.48
CA ILE B 55 -4.94 -8.32 -2.06
C ILE B 55 -5.75 -7.35 -1.21
N CYS B 56 -5.45 -6.06 -1.35
CA CYS B 56 -6.13 -5.01 -0.59
C CYS B 56 -7.62 -5.29 -0.39
N GLY B 57 -8.17 -4.73 0.68
CA GLY B 57 -9.57 -4.92 0.99
C GLY B 57 -9.88 -6.34 1.44
N GLN B 58 -8.84 -7.13 1.70
CA GLN B 58 -9.03 -8.51 2.14
C GLN B 58 -9.92 -9.28 1.18
N THR B 59 -9.32 -9.76 0.10
CA THR B 59 -10.06 -10.53 -0.90
C THR B 59 -11.18 -9.70 -1.50
N LEU B 60 -12.05 -10.35 -2.28
CA LEU B 60 -13.17 -9.67 -2.92
C LEU B 60 -14.22 -9.28 -1.89
N GLN B 61 -14.11 -8.06 -1.36
CA GLN B 61 -15.05 -7.58 -0.35
C GLN B 61 -16.31 -7.05 -1.02
N ALA B 62 -17.38 -6.94 -0.23
CA ALA B 62 -18.65 -6.45 -0.74
C ALA B 62 -18.68 -4.92 -0.77
N GLN B 63 -19.82 -4.35 -1.14
CA GLN B 63 -19.97 -2.91 -1.21
C GLN B 63 -21.39 -2.48 -0.85
N GLN B 64 -21.60 -2.21 0.44
CA GLN B 64 -22.91 -1.80 0.92
C GLN B 64 -23.96 -2.88 0.67
#